data_1U0U
#
_entry.id   1U0U
#
_cell.length_a   57.221
_cell.length_b   361.291
_cell.length_c   57.317
_cell.angle_alpha   90.00
_cell.angle_beta   98.39
_cell.angle_gamma   90.00
#
_symmetry.space_group_name_H-M   'P 1 21 1'
#
loop_
_entity.id
_entity.type
_entity.pdbx_description
1 polymer 'Dihydropinosylvin synthase'
2 water water
#
_entity_poly.entity_id   1
_entity_poly.type   'polypeptide(L)'
_entity_poly.pdbx_seq_one_letter_code
;GSHGMGGVDFEGFRKLQRADGFASILAIGTANPPNAVDQSTYPDFYFRITGNEHNTELKDKFKRICERSAIKQRYMYLTE
EILKKNPDVCAFVEVPSLDARQAMLAMEVPRLAKEAAEKAIQEWGQSKSGITHLIFCSTTTPDLPGADFEVAKLLGLHPS
VKRVGVFQHGCFAGGTVLRMAKDLAENNRGARVLVICSETTAVTFRGPSETHLDSLVGQALFGDGASALIVGADPIPQVE
KACFEIVWTAQTVVPNSEGAIGGKVREVGLTFQLKGAVPDLISANIENCMVEAFSQFKISDWNKLFWVVHPGGRAILDRV
EAKLNLDPTKLIPTRHVMSEYGNMSSACVHFILDQTRKASLQNGCSTTGEGLEMGVLFGFGPGLTIETVVLKSVPIQ
;
_entity_poly.pdbx_strand_id   A,B,C,D,E,F
#
# COMPACT_ATOMS: atom_id res chain seq x y z
N ASP A 9 21.91 -39.23 62.30
CA ASP A 9 23.00 -38.25 62.59
C ASP A 9 23.43 -37.67 61.25
N PHE A 10 23.93 -38.55 60.38
CA PHE A 10 24.38 -38.11 59.07
C PHE A 10 23.29 -37.54 58.17
N GLU A 11 22.04 -37.99 58.32
CA GLU A 11 20.96 -37.45 57.48
C GLU A 11 20.74 -35.99 57.84
N GLY A 12 21.39 -35.54 58.92
CA GLY A 12 21.27 -34.17 59.36
C GLY A 12 22.52 -33.38 58.98
N PHE A 13 23.66 -34.06 59.03
CA PHE A 13 24.93 -33.45 58.67
C PHE A 13 24.87 -33.04 57.21
N ARG A 14 24.24 -33.88 56.40
CA ARG A 14 24.09 -33.64 54.97
C ARG A 14 23.20 -32.42 54.71
N LYS A 15 22.04 -32.39 55.36
CA LYS A 15 21.10 -31.29 55.15
C LYS A 15 21.67 -29.95 55.57
N LEU A 16 22.55 -29.95 56.57
CA LEU A 16 23.14 -28.70 57.06
C LEU A 16 24.38 -28.28 56.29
N GLN A 17 25.05 -29.26 55.71
CA GLN A 17 26.27 -29.03 54.97
C GLN A 17 26.02 -28.35 53.62
N ARG A 18 24.80 -28.54 53.09
CA ARG A 18 24.43 -27.97 51.80
C ARG A 18 23.54 -26.72 51.86
N ALA A 19 23.62 -25.92 50.81
CA ALA A 19 22.87 -24.66 50.67
C ALA A 19 21.43 -24.91 50.20
N ASP A 20 20.56 -23.94 50.48
CA ASP A 20 19.15 -24.04 50.13
C ASP A 20 18.74 -23.55 48.73
N GLY A 21 19.09 -22.31 48.42
CA GLY A 21 18.68 -21.74 47.15
C GLY A 21 19.43 -22.10 45.89
N PHE A 22 19.33 -21.21 44.91
CA PHE A 22 19.97 -21.38 43.62
C PHE A 22 21.32 -20.70 43.58
N ALA A 23 22.30 -21.38 42.97
CA ALA A 23 23.64 -20.83 42.80
C ALA A 23 23.41 -19.50 42.07
N SER A 24 24.03 -18.43 42.55
CA SER A 24 23.80 -17.15 41.92
C SER A 24 25.04 -16.34 41.73
N ILE A 25 25.04 -15.53 40.67
CA ILE A 25 26.14 -14.66 40.36
C ILE A 25 25.90 -13.45 41.27
N LEU A 26 26.85 -13.16 42.15
CA LEU A 26 26.68 -12.05 43.08
C LEU A 26 27.56 -10.85 42.71
N ALA A 27 28.41 -11.04 41.70
CA ALA A 27 29.29 -9.97 41.26
C ALA A 27 30.11 -10.33 40.02
N ILE A 28 30.40 -9.33 39.20
CA ILE A 28 31.17 -9.54 38.00
C ILE A 28 32.21 -8.44 37.83
N GLY A 29 33.46 -8.87 37.69
CA GLY A 29 34.57 -7.95 37.49
C GLY A 29 35.25 -8.30 36.18
N THR A 30 35.86 -7.30 35.56
CA THR A 30 36.55 -7.49 34.28
C THR A 30 37.88 -6.75 34.25
N ALA A 31 38.87 -7.34 33.58
CA ALA A 31 40.19 -6.71 33.48
C ALA A 31 40.82 -6.94 32.11
N ASN A 32 41.62 -5.98 31.66
CA ASN A 32 42.28 -6.09 30.37
C ASN A 32 43.65 -5.44 30.34
N PRO A 33 44.60 -5.97 29.53
CA PRO A 33 45.95 -5.42 29.41
C PRO A 33 45.90 -4.02 28.82
N PRO A 34 46.82 -3.14 29.24
CA PRO A 34 46.93 -1.75 28.80
C PRO A 34 46.80 -1.60 27.30
N ASN A 35 47.72 -2.23 26.59
CA ASN A 35 47.76 -2.18 25.14
C ASN A 35 46.43 -2.45 24.44
N ALA A 36 45.84 -1.39 23.90
CA ALA A 36 44.59 -1.51 23.16
C ALA A 36 45.00 -1.53 21.71
N VAL A 37 44.72 -2.62 21.01
CA VAL A 37 45.10 -2.73 19.60
C VAL A 37 43.87 -2.58 18.69
N ASP A 38 43.99 -1.75 17.65
CA ASP A 38 42.89 -1.56 16.73
C ASP A 38 43.03 -2.52 15.56
N GLN A 39 41.97 -3.28 15.31
CA GLN A 39 41.95 -4.27 14.24
C GLN A 39 42.27 -3.63 12.88
N SER A 40 42.04 -2.32 12.76
CA SER A 40 42.30 -1.64 11.49
C SER A 40 43.77 -1.59 11.11
N THR A 41 44.62 -1.29 12.08
CA THR A 41 46.05 -1.20 11.81
C THR A 41 46.80 -2.45 12.19
N TYR A 42 46.09 -3.52 12.53
CA TYR A 42 46.79 -4.73 12.92
C TYR A 42 47.46 -5.41 11.74
N PRO A 43 46.85 -5.34 10.56
CA PRO A 43 47.49 -5.99 9.42
C PRO A 43 48.88 -5.42 9.12
N ASP A 44 48.99 -4.09 9.01
CA ASP A 44 50.30 -3.53 8.74
C ASP A 44 51.24 -3.87 9.88
N PHE A 45 50.81 -3.56 11.11
CA PHE A 45 51.60 -3.81 12.31
C PHE A 45 52.00 -5.27 12.51
N TYR A 46 51.03 -6.18 12.39
CA TYR A 46 51.27 -7.60 12.55
C TYR A 46 52.33 -8.11 11.59
N PHE A 47 52.25 -7.69 10.33
CA PHE A 47 53.23 -8.10 9.34
C PHE A 47 54.56 -7.39 9.47
N ARG A 48 54.53 -6.21 10.07
CA ARG A 48 55.75 -5.43 10.25
C ARG A 48 56.57 -6.05 11.37
N ILE A 49 55.96 -6.10 12.55
CA ILE A 49 56.60 -6.63 13.72
C ILE A 49 57.12 -8.06 13.49
N THR A 50 56.59 -8.76 12.47
CA THR A 50 57.04 -10.12 12.19
C THR A 50 58.00 -10.26 11.02
N GLY A 51 58.37 -9.12 10.41
CA GLY A 51 59.29 -9.15 9.30
C GLY A 51 58.68 -9.81 8.07
N ASN A 52 57.38 -9.66 7.91
CA ASN A 52 56.69 -10.24 6.78
C ASN A 52 55.98 -9.14 5.97
N GLU A 53 56.60 -7.97 5.85
CA GLU A 53 55.98 -6.90 5.05
C GLU A 53 56.03 -7.19 3.57
N HIS A 54 57.11 -7.85 3.15
CA HIS A 54 57.30 -8.17 1.74
C HIS A 54 56.25 -9.08 1.10
N ASN A 55 55.72 -10.04 1.84
CA ASN A 55 54.72 -10.96 1.30
C ASN A 55 53.32 -10.36 1.27
N THR A 56 53.19 -9.32 0.45
CA THR A 56 51.96 -8.56 0.25
C THR A 56 50.69 -9.41 0.06
N GLU A 57 50.85 -10.63 -0.46
CA GLU A 57 49.71 -11.51 -0.68
C GLU A 57 49.07 -11.99 0.63
N LEU A 58 49.87 -12.64 1.46
CA LEU A 58 49.38 -13.15 2.74
C LEU A 58 48.85 -11.99 3.59
N LYS A 59 49.59 -10.87 3.56
CA LYS A 59 49.23 -9.67 4.30
C LYS A 59 47.84 -9.19 3.86
N ASP A 60 47.65 -9.02 2.55
CA ASP A 60 46.35 -8.58 2.04
C ASP A 60 45.31 -9.63 2.39
N LYS A 61 45.75 -10.88 2.47
CA LYS A 61 44.87 -11.99 2.82
C LYS A 61 44.47 -11.89 4.29
N PHE A 62 45.40 -11.40 5.10
CA PHE A 62 45.14 -11.26 6.52
C PHE A 62 44.31 -10.02 6.78
N LYS A 63 44.49 -8.99 5.94
CA LYS A 63 43.72 -7.76 6.10
C LYS A 63 42.28 -8.12 5.82
N ARG A 64 42.09 -8.97 4.83
CA ARG A 64 40.77 -9.41 4.43
C ARG A 64 40.10 -10.24 5.54
N ILE A 65 40.89 -11.01 6.28
CA ILE A 65 40.32 -11.82 7.35
C ILE A 65 39.93 -10.89 8.50
N CYS A 66 40.79 -9.93 8.80
CA CYS A 66 40.53 -8.99 9.88
C CYS A 66 39.28 -8.14 9.58
N GLU A 67 39.09 -7.79 8.32
CA GLU A 67 37.95 -6.97 7.93
C GLU A 67 36.60 -7.69 8.01
N ARG A 68 36.63 -9.02 8.08
CA ARG A 68 35.40 -9.82 8.19
C ARG A 68 35.19 -10.26 9.66
N SER A 69 36.26 -10.25 10.43
CA SER A 69 36.22 -10.67 11.82
C SER A 69 35.13 -10.00 12.67
N ALA A 70 34.75 -8.78 12.32
CA ALA A 70 33.75 -8.04 13.08
C ALA A 70 34.33 -7.68 14.44
N ILE A 71 35.66 -7.66 14.53
CA ILE A 71 36.33 -7.30 15.78
C ILE A 71 36.95 -5.94 15.54
N LYS A 72 36.56 -4.94 16.33
CA LYS A 72 37.11 -3.60 16.12
C LYS A 72 38.36 -3.31 16.93
N GLN A 73 38.55 -4.04 18.03
CA GLN A 73 39.72 -3.83 18.87
C GLN A 73 39.84 -4.95 19.86
N ARG A 74 41.07 -5.17 20.30
CA ARG A 74 41.39 -6.21 21.26
C ARG A 74 42.48 -5.64 22.15
N TYR A 75 42.61 -6.24 23.34
CA TYR A 75 43.61 -5.85 24.31
C TYR A 75 44.69 -6.92 24.36
N MET A 76 45.89 -6.54 24.00
CA MET A 76 46.98 -7.48 23.95
C MET A 76 48.08 -7.23 24.95
N TYR A 77 48.54 -8.30 25.59
CA TYR A 77 49.62 -8.20 26.56
C TYR A 77 50.90 -7.90 25.77
N LEU A 78 51.07 -8.62 24.68
CA LEU A 78 52.23 -8.45 23.80
C LEU A 78 52.17 -7.08 23.15
N THR A 79 53.12 -6.25 23.49
CA THR A 79 53.23 -4.91 22.94
C THR A 79 54.33 -4.99 21.89
N GLU A 80 54.60 -3.87 21.22
CA GLU A 80 55.64 -3.88 20.23
C GLU A 80 57.00 -3.98 20.91
N GLU A 81 57.13 -3.29 22.05
CA GLU A 81 58.38 -3.32 22.78
C GLU A 81 58.68 -4.73 23.27
N ILE A 82 57.64 -5.46 23.65
CA ILE A 82 57.83 -6.82 24.13
C ILE A 82 58.19 -7.79 23.00
N LEU A 83 57.51 -7.66 21.86
CA LEU A 83 57.79 -8.52 20.71
C LEU A 83 59.19 -8.23 20.15
N LYS A 84 59.61 -6.97 20.23
CA LYS A 84 60.93 -6.58 19.74
C LYS A 84 62.07 -7.18 20.56
N LYS A 85 61.84 -7.43 21.85
CA LYS A 85 62.86 -8.02 22.71
C LYS A 85 62.74 -9.54 22.66
N ASN A 86 61.75 -10.04 21.93
CA ASN A 86 61.50 -11.47 21.82
C ASN A 86 61.22 -11.90 20.40
N PRO A 87 62.26 -11.93 19.55
CA PRO A 87 62.16 -12.32 18.14
C PRO A 87 61.59 -13.73 17.89
N ASP A 88 61.89 -14.65 18.79
CA ASP A 88 61.43 -16.03 18.64
C ASP A 88 59.92 -16.18 18.72
N VAL A 89 59.27 -15.28 19.46
CA VAL A 89 57.82 -15.33 19.58
C VAL A 89 57.21 -14.86 18.26
N CYS A 90 58.01 -14.18 17.46
CA CYS A 90 57.56 -13.68 16.17
C CYS A 90 57.64 -14.70 15.06
N ALA A 91 58.54 -15.66 15.17
CA ALA A 91 58.66 -16.67 14.15
C ALA A 91 57.35 -17.45 14.12
N PHE A 92 57.22 -18.38 13.19
CA PHE A 92 56.00 -19.16 13.09
C PHE A 92 56.22 -20.45 13.84
N VAL A 93 57.19 -21.23 13.39
CA VAL A 93 57.52 -22.49 14.04
C VAL A 93 58.93 -22.96 13.68
N GLU A 94 59.74 -22.06 13.15
CA GLU A 94 61.12 -22.38 12.76
C GLU A 94 62.06 -22.40 13.96
N VAL A 95 61.67 -21.73 15.03
CA VAL A 95 62.48 -21.69 16.24
C VAL A 95 61.59 -21.87 17.46
N PRO A 96 62.09 -22.57 18.49
CA PRO A 96 61.27 -22.77 19.70
C PRO A 96 60.99 -21.46 20.47
N SER A 97 59.85 -21.41 21.16
CA SER A 97 59.49 -20.21 21.92
C SER A 97 58.65 -20.50 23.17
N LEU A 98 58.53 -21.77 23.54
CA LEU A 98 57.75 -22.18 24.71
C LEU A 98 58.21 -21.52 26.02
N ASP A 99 59.50 -21.64 26.33
CA ASP A 99 60.05 -21.06 27.55
C ASP A 99 59.75 -19.58 27.70
N ALA A 100 60.08 -18.78 26.69
CA ALA A 100 59.82 -17.36 26.74
C ALA A 100 58.35 -17.09 27.03
N ARG A 101 57.45 -17.90 26.44
CA ARG A 101 56.02 -17.73 26.62
C ARG A 101 55.55 -18.13 28.00
N GLN A 102 56.13 -19.20 28.54
CA GLN A 102 55.77 -19.67 29.86
C GLN A 102 56.08 -18.54 30.85
N ALA A 103 57.22 -17.87 30.66
CA ALA A 103 57.64 -16.77 31.54
C ALA A 103 56.62 -15.64 31.50
N MET A 104 56.23 -15.28 30.28
CA MET A 104 55.25 -14.23 30.05
C MET A 104 53.97 -14.64 30.78
N LEU A 105 53.56 -15.89 30.59
CA LEU A 105 52.35 -16.43 31.20
C LEU A 105 52.36 -16.46 32.73
N ALA A 106 53.44 -16.96 33.32
CA ALA A 106 53.54 -17.07 34.77
C ALA A 106 53.24 -15.75 35.49
N MET A 107 53.56 -14.63 34.84
CA MET A 107 53.34 -13.33 35.44
C MET A 107 52.09 -12.59 34.99
N GLU A 108 51.84 -12.57 33.69
CA GLU A 108 50.69 -11.84 33.15
C GLU A 108 49.29 -12.38 33.48
N VAL A 109 49.11 -13.69 33.31
CA VAL A 109 47.81 -14.31 33.57
C VAL A 109 47.30 -14.11 34.99
N PRO A 110 48.14 -14.37 36.00
CA PRO A 110 47.69 -14.17 37.38
C PRO A 110 47.53 -12.69 37.71
N ARG A 111 48.32 -11.85 37.06
CA ARG A 111 48.26 -10.41 37.28
C ARG A 111 46.89 -9.94 36.84
N LEU A 112 46.54 -10.26 35.59
CA LEU A 112 45.26 -9.88 35.03
C LEU A 112 44.08 -10.46 35.82
N ALA A 113 44.20 -11.71 36.22
CA ALA A 113 43.15 -12.38 36.98
C ALA A 113 42.94 -11.66 38.31
N LYS A 114 44.04 -11.17 38.88
CA LYS A 114 44.01 -10.47 40.16
C LYS A 114 43.29 -9.14 40.09
N GLU A 115 43.49 -8.44 38.97
CA GLU A 115 42.84 -7.16 38.78
C GLU A 115 41.34 -7.31 38.59
N ALA A 116 40.95 -8.34 37.86
CA ALA A 116 39.55 -8.61 37.56
C ALA A 116 38.76 -8.90 38.81
N ALA A 117 39.39 -9.68 39.67
CA ALA A 117 38.75 -10.13 40.88
C ALA A 117 38.69 -9.09 41.98
N GLU A 118 39.69 -8.21 42.04
CA GLU A 118 39.68 -7.15 43.04
C GLU A 118 38.45 -6.31 42.71
N LYS A 119 38.21 -6.11 41.41
CA LYS A 119 37.04 -5.37 40.98
C LYS A 119 35.84 -6.19 41.45
N ALA A 120 35.81 -7.47 41.08
CA ALA A 120 34.71 -8.32 41.48
C ALA A 120 34.51 -8.32 43.00
N ILE A 121 35.59 -8.47 43.75
CA ILE A 121 35.47 -8.52 45.20
C ILE A 121 34.80 -7.26 45.72
N GLN A 122 35.30 -6.12 45.26
CA GLN A 122 34.77 -4.82 45.67
C GLN A 122 33.26 -4.67 45.51
N GLU A 123 32.75 -5.02 44.33
CA GLU A 123 31.31 -4.92 44.05
C GLU A 123 30.52 -5.73 45.07
N TRP A 124 30.95 -6.97 45.23
CA TRP A 124 30.35 -7.90 46.16
C TRP A 124 30.39 -7.28 47.55
N GLY A 125 31.38 -6.42 47.75
CA GLY A 125 31.54 -5.72 49.01
C GLY A 125 31.66 -6.54 50.28
N GLN A 126 32.10 -7.78 50.16
CA GLN A 126 32.27 -8.65 51.32
C GLN A 126 33.74 -8.98 51.51
N SER A 127 34.08 -9.44 52.70
CA SER A 127 35.46 -9.80 53.02
C SER A 127 36.01 -10.85 52.06
N LYS A 128 37.33 -10.85 51.90
CA LYS A 128 38.00 -11.83 51.05
C LYS A 128 37.93 -13.15 51.82
N SER A 129 38.14 -13.07 53.13
CA SER A 129 38.11 -14.24 54.00
C SER A 129 36.85 -15.09 53.76
N GLY A 130 35.76 -14.43 53.40
CA GLY A 130 34.52 -15.12 53.16
C GLY A 130 34.56 -16.03 51.93
N ILE A 131 35.63 -15.90 51.15
CA ILE A 131 35.81 -16.71 49.96
C ILE A 131 36.32 -18.08 50.37
N THR A 132 35.45 -19.08 50.21
CA THR A 132 35.74 -20.47 50.58
C THR A 132 36.13 -21.35 49.40
N HIS A 133 35.95 -20.85 48.18
CA HIS A 133 36.25 -21.60 46.97
C HIS A 133 36.84 -20.72 45.90
N LEU A 134 37.65 -21.32 45.03
CA LEU A 134 38.25 -20.61 43.89
C LEU A 134 38.30 -21.55 42.68
N ILE A 135 37.75 -21.08 41.57
CA ILE A 135 37.74 -21.82 40.32
C ILE A 135 38.51 -20.96 39.34
N PHE A 136 39.69 -21.41 38.94
CA PHE A 136 40.50 -20.64 38.01
C PHE A 136 40.63 -21.36 36.69
N CYS A 137 40.48 -20.60 35.61
CA CYS A 137 40.53 -21.10 34.26
C CYS A 137 41.50 -20.33 33.38
N SER A 138 42.25 -21.05 32.55
CA SER A 138 43.18 -20.44 31.60
C SER A 138 43.48 -21.51 30.57
N THR A 139 43.62 -21.09 29.31
CA THR A 139 43.93 -22.00 28.21
C THR A 139 45.05 -22.95 28.67
N THR A 140 46.05 -22.39 29.33
CA THR A 140 47.11 -23.22 29.83
C THR A 140 47.63 -22.64 31.13
N THR A 141 48.58 -23.34 31.72
CA THR A 141 49.24 -22.88 32.95
C THR A 141 50.66 -23.42 32.79
N PRO A 142 51.65 -22.57 33.06
CA PRO A 142 53.07 -22.95 32.92
C PRO A 142 53.75 -23.89 33.92
N ASP A 143 53.30 -23.90 35.17
CA ASP A 143 53.95 -24.73 36.17
C ASP A 143 52.97 -25.44 37.09
N LEU A 144 53.52 -26.07 38.11
CA LEU A 144 52.76 -26.74 39.15
C LEU A 144 53.34 -26.15 40.42
N PRO A 145 52.50 -25.52 41.26
CA PRO A 145 51.06 -25.31 41.15
C PRO A 145 50.63 -24.40 39.99
N GLY A 146 49.36 -24.50 39.61
CA GLY A 146 48.87 -23.69 38.53
C GLY A 146 48.51 -22.31 39.00
N ALA A 147 47.99 -21.52 38.06
CA ALA A 147 47.58 -20.16 38.31
C ALA A 147 46.52 -20.01 39.41
N ASP A 148 45.87 -21.10 39.81
CA ASP A 148 44.86 -21.01 40.86
C ASP A 148 45.57 -20.66 42.18
N PHE A 149 46.64 -21.39 42.46
CA PHE A 149 47.44 -21.14 43.65
C PHE A 149 47.95 -19.71 43.63
N GLU A 150 48.64 -19.35 42.54
CA GLU A 150 49.21 -18.03 42.40
C GLU A 150 48.21 -16.90 42.57
N VAL A 151 47.02 -17.08 42.01
CA VAL A 151 45.99 -16.06 42.08
C VAL A 151 45.52 -15.93 43.52
N ALA A 152 45.48 -17.06 44.22
CA ALA A 152 45.07 -17.04 45.62
C ALA A 152 46.14 -16.28 46.38
N LYS A 153 47.39 -16.61 46.08
CA LYS A 153 48.51 -15.95 46.73
C LYS A 153 48.51 -14.43 46.48
N LEU A 154 48.32 -13.98 45.25
CA LEU A 154 48.31 -12.53 44.99
C LEU A 154 47.11 -11.87 45.65
N LEU A 155 46.01 -12.61 45.69
CA LEU A 155 44.76 -12.15 46.27
C LEU A 155 44.73 -12.08 47.77
N GLY A 156 45.68 -12.76 48.39
CA GLY A 156 45.70 -12.80 49.83
C GLY A 156 44.46 -13.57 50.26
N LEU A 157 44.15 -14.66 49.55
CA LEU A 157 42.99 -15.46 49.88
C LEU A 157 43.38 -16.27 51.09
N HIS A 158 42.38 -16.86 51.74
CA HIS A 158 42.63 -17.67 52.93
C HIS A 158 43.38 -18.94 52.54
N PRO A 159 44.39 -19.33 53.34
CA PRO A 159 45.14 -20.55 53.00
C PRO A 159 44.27 -21.77 52.76
N SER A 160 43.04 -21.75 53.26
CA SER A 160 42.14 -22.89 53.11
C SER A 160 41.08 -22.77 52.03
N VAL A 161 41.24 -21.82 51.12
CA VAL A 161 40.27 -21.68 50.05
C VAL A 161 40.36 -22.98 49.27
N LYS A 162 39.21 -23.55 48.92
CA LYS A 162 39.20 -24.78 48.17
C LYS A 162 39.33 -24.35 46.71
N ARG A 163 40.52 -24.60 46.15
CA ARG A 163 40.84 -24.18 44.79
C ARG A 163 40.83 -25.31 43.77
N VAL A 164 40.53 -24.95 42.54
CA VAL A 164 40.51 -25.90 41.43
C VAL A 164 40.94 -25.17 40.18
N GLY A 165 41.85 -25.78 39.46
CA GLY A 165 42.31 -25.15 38.24
C GLY A 165 41.76 -25.89 37.05
N VAL A 166 41.23 -25.14 36.08
CA VAL A 166 40.71 -25.76 34.88
C VAL A 166 41.57 -25.29 33.72
N PHE A 167 42.49 -26.15 33.29
CA PHE A 167 43.41 -25.79 32.22
C PHE A 167 43.28 -26.64 30.95
N GLN A 168 43.58 -26.04 29.81
CA GLN A 168 43.51 -26.70 28.51
C GLN A 168 42.15 -27.34 28.20
N HIS A 169 41.08 -26.64 28.54
CA HIS A 169 39.74 -27.11 28.24
C HIS A 169 39.38 -26.42 26.93
N GLY A 170 39.54 -25.10 26.90
CA GLY A 170 39.26 -24.39 25.67
C GLY A 170 38.30 -23.23 25.77
N CYS A 171 37.92 -22.71 24.61
CA CYS A 171 37.00 -21.60 24.51
C CYS A 171 35.65 -21.86 25.19
N PHE A 172 35.33 -23.12 25.46
CA PHE A 172 34.04 -23.47 26.08
C PHE A 172 34.07 -23.44 27.61
N ALA A 173 35.27 -23.32 28.17
CA ALA A 173 35.49 -23.28 29.61
C ALA A 173 34.70 -22.22 30.37
N GLY A 174 34.39 -21.11 29.71
CA GLY A 174 33.65 -20.05 30.37
C GLY A 174 32.40 -20.56 31.02
N GLY A 175 31.85 -21.62 30.44
CA GLY A 175 30.65 -22.23 30.96
C GLY A 175 30.90 -23.42 31.88
N THR A 176 31.96 -24.19 31.63
CA THR A 176 32.22 -25.34 32.49
C THR A 176 32.51 -24.80 33.90
N VAL A 177 33.10 -23.62 33.98
CA VAL A 177 33.39 -23.04 35.27
C VAL A 177 32.09 -22.68 36.00
N LEU A 178 31.07 -22.24 35.26
CA LEU A 178 29.79 -21.89 35.90
C LEU A 178 29.08 -23.17 36.30
N ARG A 179 29.33 -24.22 35.52
CA ARG A 179 28.77 -25.53 35.76
C ARG A 179 29.42 -26.05 37.05
N MET A 180 30.73 -25.78 37.19
CA MET A 180 31.46 -26.22 38.38
C MET A 180 31.07 -25.38 39.61
N ALA A 181 30.95 -24.08 39.40
CA ALA A 181 30.59 -23.15 40.47
C ALA A 181 29.21 -23.44 41.03
N LYS A 182 28.26 -23.80 40.16
CA LYS A 182 26.91 -24.11 40.62
C LYS A 182 26.90 -25.27 41.62
N ASP A 183 27.57 -26.37 41.26
CA ASP A 183 27.60 -27.53 42.15
C ASP A 183 28.33 -27.21 43.45
N LEU A 184 29.36 -26.39 43.38
CA LEU A 184 30.10 -26.04 44.58
C LEU A 184 29.27 -25.18 45.52
N ALA A 185 28.71 -24.09 44.99
CA ALA A 185 27.92 -23.18 45.80
C ALA A 185 26.63 -23.79 46.34
N GLU A 186 26.05 -24.73 45.61
CA GLU A 186 24.80 -25.32 46.06
C GLU A 186 24.93 -26.49 47.02
N ASN A 187 26.09 -27.14 47.03
CA ASN A 187 26.31 -28.29 47.89
C ASN A 187 27.08 -27.93 49.16
N ASN A 188 27.41 -26.64 49.28
CA ASN A 188 28.14 -26.16 50.44
C ASN A 188 27.43 -24.92 50.93
N ARG A 189 26.62 -25.07 51.97
CA ARG A 189 25.88 -23.96 52.52
C ARG A 189 26.90 -22.92 52.99
N GLY A 190 26.70 -21.67 52.58
CA GLY A 190 27.59 -20.60 53.00
C GLY A 190 28.79 -20.36 52.09
N ALA A 191 28.94 -21.25 51.12
CA ALA A 191 30.05 -21.17 50.17
C ALA A 191 29.96 -20.02 49.19
N ARG A 192 31.10 -19.38 49.00
CA ARG A 192 31.23 -18.28 48.06
C ARG A 192 32.43 -18.64 47.19
N VAL A 193 32.14 -18.92 45.92
CA VAL A 193 33.16 -19.28 44.95
C VAL A 193 33.63 -18.09 44.15
N LEU A 194 34.94 -17.93 44.05
CA LEU A 194 35.52 -16.86 43.25
C LEU A 194 35.86 -17.56 41.94
N VAL A 195 35.19 -17.13 40.88
CA VAL A 195 35.39 -17.70 39.56
C VAL A 195 36.22 -16.76 38.70
N ILE A 196 37.38 -17.23 38.27
CA ILE A 196 38.28 -16.42 37.46
C ILE A 196 38.74 -17.10 36.17
N CYS A 197 38.66 -16.36 35.08
CA CYS A 197 39.07 -16.80 33.74
C CYS A 197 40.01 -15.75 33.20
N SER A 198 41.30 -16.08 33.13
CA SER A 198 42.30 -15.15 32.61
C SER A 198 42.96 -15.79 31.39
N GLU A 199 43.06 -15.03 30.31
CA GLU A 199 43.63 -15.53 29.06
C GLU A 199 44.50 -14.48 28.39
N THR A 200 45.55 -14.91 27.72
CA THR A 200 46.44 -14.00 26.99
C THR A 200 46.96 -14.71 25.74
N THR A 201 47.19 -13.94 24.68
CA THR A 201 47.68 -14.48 23.41
C THR A 201 49.19 -14.74 23.41
N ALA A 202 49.88 -14.32 24.47
CA ALA A 202 51.32 -14.51 24.58
C ALA A 202 51.74 -15.96 24.31
N VAL A 203 50.90 -16.90 24.71
CA VAL A 203 51.23 -18.30 24.51
C VAL A 203 50.85 -18.82 23.10
N THR A 204 50.13 -18.00 22.34
CA THR A 204 49.68 -18.41 21.01
C THR A 204 50.13 -17.54 19.83
N PHE A 205 50.52 -16.30 20.11
CA PHE A 205 50.96 -15.38 19.07
C PHE A 205 52.20 -15.87 18.33
N ARG A 206 52.08 -16.04 17.02
CA ARG A 206 53.21 -16.44 16.21
C ARG A 206 53.13 -15.75 14.85
N GLY A 207 54.21 -15.82 14.09
CA GLY A 207 54.24 -15.21 12.77
C GLY A 207 53.25 -15.84 11.81
N PRO A 208 53.01 -15.21 10.66
CA PRO A 208 52.07 -15.74 9.68
C PRO A 208 52.67 -16.85 8.83
N SER A 209 51.82 -17.64 8.22
CA SER A 209 52.26 -18.74 7.37
C SER A 209 51.22 -18.96 6.28
N GLU A 210 51.67 -19.19 5.05
CA GLU A 210 50.74 -19.43 3.97
C GLU A 210 50.25 -20.87 3.91
N THR A 211 50.94 -21.76 4.61
CA THR A 211 50.54 -23.15 4.59
C THR A 211 49.70 -23.49 5.82
N HIS A 212 49.36 -22.48 6.61
CA HIS A 212 48.58 -22.69 7.83
C HIS A 212 47.56 -21.57 8.05
N LEU A 213 46.70 -21.36 7.06
CA LEU A 213 45.69 -20.32 7.12
C LEU A 213 44.75 -20.39 8.31
N ASP A 214 44.52 -21.61 8.82
CA ASP A 214 43.64 -21.74 9.97
C ASP A 214 44.28 -21.03 11.17
N SER A 215 45.61 -20.95 11.13
CA SER A 215 46.37 -20.28 12.18
C SER A 215 46.35 -18.77 11.99
N LEU A 216 46.18 -18.34 10.74
CA LEU A 216 46.13 -16.91 10.41
C LEU A 216 44.95 -16.36 11.16
N VAL A 217 43.78 -16.88 10.82
CA VAL A 217 42.54 -16.47 11.46
C VAL A 217 42.77 -16.19 12.94
N GLY A 218 43.25 -17.19 13.66
CA GLY A 218 43.52 -17.06 15.09
C GLY A 218 44.34 -15.84 15.48
N GLN A 219 45.27 -15.43 14.63
CA GLN A 219 46.08 -14.26 14.95
C GLN A 219 45.23 -12.97 14.88
N ALA A 220 44.09 -13.05 14.21
CA ALA A 220 43.22 -11.88 14.08
C ALA A 220 42.04 -11.92 15.03
N LEU A 221 41.71 -13.10 15.52
CA LEU A 221 40.55 -13.25 16.40
C LEU A 221 40.83 -13.11 17.89
N PHE A 222 41.78 -13.89 18.39
CA PHE A 222 42.09 -13.89 19.80
C PHE A 222 42.70 -12.63 20.42
N GLY A 223 42.17 -12.30 21.60
CA GLY A 223 42.62 -11.15 22.37
C GLY A 223 42.78 -11.52 23.84
N ASP A 224 43.22 -10.57 24.65
CA ASP A 224 43.44 -10.83 26.08
C ASP A 224 42.45 -10.18 27.03
N GLY A 225 42.20 -10.87 28.13
CA GLY A 225 41.27 -10.35 29.13
C GLY A 225 41.08 -11.32 30.27
N ALA A 226 40.56 -10.79 31.37
CA ALA A 226 40.28 -11.56 32.57
C ALA A 226 38.91 -11.19 33.10
N SER A 227 38.16 -12.20 33.53
CA SER A 227 36.83 -11.97 34.07
C SER A 227 36.81 -12.62 35.42
N ALA A 228 36.01 -12.07 36.33
CA ALA A 228 35.92 -12.65 37.66
C ALA A 228 34.50 -12.56 38.19
N LEU A 229 34.06 -13.65 38.80
CA LEU A 229 32.73 -13.75 39.36
C LEU A 229 32.75 -14.22 40.80
N ILE A 230 31.73 -13.81 41.55
CA ILE A 230 31.55 -14.22 42.93
C ILE A 230 30.24 -15.00 42.80
N VAL A 231 30.30 -16.31 43.05
CA VAL A 231 29.12 -17.15 42.99
C VAL A 231 28.82 -17.68 44.39
N GLY A 232 27.54 -17.74 44.73
CA GLY A 232 27.14 -18.21 46.03
C GLY A 232 25.64 -18.40 46.09
N ALA A 233 25.21 -19.34 46.93
CA ALA A 233 23.79 -19.63 47.12
C ALA A 233 23.27 -18.84 48.33
N ASP A 234 21.96 -18.64 48.40
CA ASP A 234 21.32 -17.90 49.48
C ASP A 234 22.03 -16.58 49.72
N PRO A 235 21.83 -15.59 48.83
CA PRO A 235 22.51 -14.31 49.05
C PRO A 235 21.89 -13.54 50.23
N ILE A 236 22.74 -12.97 51.07
CA ILE A 236 22.31 -12.20 52.24
C ILE A 236 21.56 -10.96 51.77
N PRO A 237 20.30 -10.81 52.21
CA PRO A 237 19.48 -9.67 51.82
C PRO A 237 20.12 -8.32 52.03
N GLN A 238 19.90 -7.43 51.07
CA GLN A 238 20.41 -6.07 51.09
C GLN A 238 21.88 -5.95 51.47
N VAL A 239 22.58 -7.08 51.44
CA VAL A 239 24.00 -7.11 51.74
C VAL A 239 24.69 -7.57 50.45
N GLU A 240 24.12 -8.60 49.83
CA GLU A 240 24.63 -9.14 48.58
C GLU A 240 23.57 -8.98 47.51
N LYS A 241 23.96 -8.51 46.34
CA LYS A 241 23.02 -8.30 45.25
C LYS A 241 23.30 -9.31 44.12
N ALA A 242 22.33 -10.17 43.85
CA ALA A 242 22.47 -11.16 42.80
C ALA A 242 21.95 -10.55 41.51
N CYS A 243 22.45 -11.05 40.38
CA CYS A 243 22.03 -10.55 39.08
C CYS A 243 21.59 -11.71 38.17
N PHE A 244 22.26 -12.85 38.33
CA PHE A 244 21.96 -14.05 37.55
C PHE A 244 22.02 -15.31 38.42
N GLU A 245 21.16 -16.28 38.15
CA GLU A 245 21.16 -17.53 38.91
C GLU A 245 21.39 -18.66 37.91
N ILE A 246 22.10 -19.69 38.34
CA ILE A 246 22.40 -20.84 37.50
C ILE A 246 21.40 -21.95 37.82
N VAL A 247 20.41 -22.12 36.96
CA VAL A 247 19.36 -23.13 37.16
C VAL A 247 19.69 -24.57 36.77
N TRP A 248 20.12 -24.74 35.52
CA TRP A 248 20.42 -26.06 34.97
C TRP A 248 21.60 -25.93 34.03
N THR A 249 22.45 -26.96 34.01
CA THR A 249 23.66 -26.96 33.19
C THR A 249 23.82 -28.22 32.33
N ALA A 250 24.71 -28.14 31.34
CA ALA A 250 24.98 -29.26 30.44
C ALA A 250 26.14 -28.98 29.48
N GLN A 251 26.80 -30.06 29.06
CA GLN A 251 27.94 -30.04 28.13
C GLN A 251 27.77 -31.23 27.19
N THR A 252 28.14 -31.06 25.93
CA THR A 252 27.99 -32.15 24.98
C THR A 252 29.02 -32.13 23.86
N VAL A 253 29.23 -33.30 23.24
CA VAL A 253 30.17 -33.41 22.14
C VAL A 253 29.37 -33.61 20.86
N VAL A 254 29.44 -32.64 19.94
CA VAL A 254 28.71 -32.76 18.70
C VAL A 254 29.28 -33.89 17.89
N PRO A 255 28.41 -34.78 17.39
CA PRO A 255 28.84 -35.92 16.60
C PRO A 255 29.82 -35.61 15.47
N ASN A 256 30.68 -36.58 15.19
CA ASN A 256 31.69 -36.48 14.15
C ASN A 256 32.22 -35.07 13.96
N SER A 257 32.90 -34.54 14.99
CA SER A 257 33.43 -33.18 14.93
C SER A 257 34.84 -33.03 15.50
N GLU A 258 35.60 -34.12 15.46
CA GLU A 258 36.96 -34.12 15.98
C GLU A 258 37.92 -33.33 15.10
N GLY A 259 38.84 -32.61 15.75
CA GLY A 259 39.83 -31.84 15.03
C GLY A 259 39.33 -30.49 14.57
N ALA A 260 38.03 -30.26 14.67
CA ALA A 260 37.52 -28.97 14.25
C ALA A 260 38.16 -27.89 15.11
N ILE A 261 38.28 -28.13 16.41
CA ILE A 261 38.93 -27.16 17.28
C ILE A 261 39.93 -27.91 18.15
N GLY A 262 41.16 -27.39 18.20
CA GLY A 262 42.16 -28.06 19.01
C GLY A 262 43.44 -27.26 19.10
N GLY A 263 44.31 -27.69 20.01
CA GLY A 263 45.57 -27.01 20.20
C GLY A 263 46.59 -27.97 20.78
N LYS A 264 47.85 -27.74 20.46
CA LYS A 264 48.93 -28.58 20.95
C LYS A 264 49.99 -27.76 21.66
N VAL A 265 50.35 -28.16 22.86
CA VAL A 265 51.37 -27.45 23.60
C VAL A 265 52.71 -28.05 23.22
N ARG A 266 53.46 -27.31 22.41
CA ARG A 266 54.73 -27.78 21.92
C ARG A 266 55.90 -26.85 22.21
N GLU A 267 57.10 -27.26 21.80
CA GLU A 267 58.27 -26.45 22.03
C GLU A 267 58.14 -25.09 21.35
N VAL A 268 57.17 -24.95 20.46
CA VAL A 268 56.98 -23.64 19.81
C VAL A 268 55.82 -22.90 20.46
N GLY A 269 55.30 -23.49 21.52
CA GLY A 269 54.18 -22.89 22.23
C GLY A 269 52.89 -23.59 21.90
N LEU A 270 51.77 -22.90 22.10
CA LEU A 270 50.48 -23.49 21.83
C LEU A 270 50.09 -23.23 20.39
N THR A 271 50.11 -24.28 19.59
CA THR A 271 49.71 -24.16 18.19
C THR A 271 48.21 -24.25 18.21
N PHE A 272 47.57 -23.91 17.09
CA PHE A 272 46.12 -23.91 17.04
C PHE A 272 45.54 -24.33 15.69
N GLN A 273 44.70 -25.35 15.70
CA GLN A 273 44.07 -25.85 14.49
C GLN A 273 42.59 -25.46 14.56
N LEU A 274 42.02 -25.07 13.43
CA LEU A 274 40.63 -24.64 13.38
C LEU A 274 39.98 -24.92 12.03
N LYS A 275 39.41 -26.10 11.88
CA LYS A 275 38.77 -26.48 10.63
C LYS A 275 37.64 -25.51 10.30
N GLY A 276 37.47 -25.22 9.01
CA GLY A 276 36.44 -24.30 8.59
C GLY A 276 35.00 -24.76 8.86
N ALA A 277 34.81 -26.05 9.08
CA ALA A 277 33.48 -26.60 9.33
C ALA A 277 32.87 -26.29 10.70
N VAL A 278 33.59 -25.52 11.51
CA VAL A 278 33.10 -25.17 12.85
C VAL A 278 31.75 -24.47 12.95
N PRO A 279 31.51 -23.44 12.12
CA PRO A 279 30.20 -22.79 12.23
C PRO A 279 29.03 -23.74 12.01
N ASP A 280 29.17 -24.63 11.05
CA ASP A 280 28.10 -25.58 10.74
C ASP A 280 27.87 -26.63 11.82
N LEU A 281 28.95 -27.12 12.42
CA LEU A 281 28.84 -28.14 13.47
C LEU A 281 28.08 -27.62 14.69
N ILE A 282 28.43 -26.41 15.12
CA ILE A 282 27.78 -25.78 16.26
C ILE A 282 26.33 -25.47 15.96
N SER A 283 26.07 -24.92 14.77
CA SER A 283 24.71 -24.56 14.35
C SER A 283 23.70 -25.71 14.21
N ALA A 284 24.11 -26.76 13.50
CA ALA A 284 23.24 -27.91 13.27
C ALA A 284 23.08 -28.79 14.50
N ASN A 285 23.39 -28.25 15.67
CA ASN A 285 23.26 -29.02 16.89
C ASN A 285 22.87 -28.18 18.10
N ILE A 286 23.01 -26.87 18.01
CA ILE A 286 22.67 -25.99 19.11
C ILE A 286 21.16 -26.02 19.39
N GLU A 287 20.36 -26.22 18.35
CA GLU A 287 18.90 -26.29 18.49
C GLU A 287 18.56 -27.44 19.42
N ASN A 288 19.25 -28.55 19.23
CA ASN A 288 19.07 -29.77 20.01
C ASN A 288 19.36 -29.54 21.49
N CYS A 289 20.31 -28.65 21.76
CA CYS A 289 20.68 -28.35 23.13
C CYS A 289 19.63 -27.49 23.83
N MET A 290 18.95 -26.65 23.06
CA MET A 290 17.91 -25.77 23.58
C MET A 290 16.64 -26.54 23.97
N VAL A 291 16.31 -27.58 23.22
CA VAL A 291 15.11 -28.37 23.53
C VAL A 291 15.41 -29.33 24.67
N GLU A 292 16.68 -29.44 25.04
CA GLU A 292 17.09 -30.32 26.13
C GLU A 292 17.16 -29.55 27.44
N ALA A 293 17.45 -28.26 27.33
CA ALA A 293 17.57 -27.40 28.49
C ALA A 293 16.34 -26.53 28.74
N PHE A 294 15.35 -26.58 27.85
CA PHE A 294 14.19 -25.72 28.05
C PHE A 294 12.78 -26.33 28.04
N SER A 295 12.61 -27.50 27.43
CA SER A 295 11.28 -28.11 27.42
C SER A 295 10.83 -28.32 28.87
N GLN A 296 11.79 -28.61 29.75
CA GLN A 296 11.49 -28.83 31.16
C GLN A 296 10.95 -27.57 31.81
N PHE A 297 11.11 -26.44 31.12
CA PHE A 297 10.63 -25.16 31.60
C PHE A 297 9.51 -24.71 30.67
N LYS A 298 8.81 -25.70 30.11
CA LYS A 298 7.70 -25.44 29.21
C LYS A 298 8.01 -24.29 28.25
N ILE A 299 9.22 -24.26 27.72
CA ILE A 299 9.62 -23.20 26.78
C ILE A 299 10.09 -23.75 25.46
N SER A 300 9.52 -23.22 24.37
CA SER A 300 9.86 -23.64 23.02
C SER A 300 10.29 -22.48 22.14
N ASP A 301 9.92 -21.25 22.53
CA ASP A 301 10.30 -20.08 21.74
C ASP A 301 11.58 -19.44 22.26
N TRP A 302 12.67 -19.78 21.58
CA TRP A 302 14.00 -19.30 21.93
C TRP A 302 14.05 -17.79 22.12
N ASN A 303 13.29 -17.05 21.32
CA ASN A 303 13.28 -15.59 21.42
C ASN A 303 12.65 -15.06 22.69
N LYS A 304 12.15 -15.94 23.55
CA LYS A 304 11.56 -15.49 24.80
C LYS A 304 12.64 -15.44 25.89
N LEU A 305 13.86 -15.83 25.51
CA LEU A 305 15.00 -15.85 26.41
C LEU A 305 16.10 -14.88 25.99
N PHE A 306 16.86 -14.39 26.94
CA PHE A 306 17.99 -13.50 26.59
C PHE A 306 19.18 -14.41 26.27
N TRP A 307 20.14 -13.91 25.52
CA TRP A 307 21.28 -14.73 25.10
C TRP A 307 22.70 -14.34 25.46
N VAL A 308 23.49 -15.35 25.79
CA VAL A 308 24.91 -15.21 26.11
C VAL A 308 25.62 -16.35 25.42
N VAL A 309 26.10 -16.12 24.21
CA VAL A 309 26.81 -17.14 23.43
C VAL A 309 28.27 -16.77 23.26
N HIS A 310 29.15 -17.77 23.31
CA HIS A 310 30.57 -17.50 23.15
C HIS A 310 30.82 -16.90 21.75
N PRO A 311 31.54 -15.77 21.71
CA PRO A 311 31.85 -15.10 20.45
C PRO A 311 33.02 -15.72 19.69
N GLY A 312 32.92 -17.01 19.39
CA GLY A 312 33.99 -17.69 18.69
C GLY A 312 34.40 -16.98 17.42
N GLY A 313 33.42 -16.48 16.67
CA GLY A 313 33.67 -15.77 15.44
C GLY A 313 32.36 -15.38 14.79
N ARG A 314 32.34 -14.24 14.10
CA ARG A 314 31.14 -13.74 13.43
C ARG A 314 30.29 -14.85 12.81
N ALA A 315 30.93 -15.67 11.97
CA ALA A 315 30.25 -16.76 11.28
C ALA A 315 29.46 -17.67 12.21
N ILE A 316 30.08 -18.13 13.30
CA ILE A 316 29.37 -18.99 14.25
C ILE A 316 28.09 -18.31 14.75
N LEU A 317 28.20 -17.02 15.05
CA LEU A 317 27.05 -16.26 15.54
C LEU A 317 26.04 -16.05 14.41
N ASP A 318 26.54 -15.83 13.18
CA ASP A 318 25.65 -15.61 12.06
C ASP A 318 24.88 -16.87 11.71
N ARG A 319 25.54 -18.02 11.84
CA ARG A 319 24.87 -19.27 11.53
C ARG A 319 23.89 -19.64 12.64
N VAL A 320 24.34 -19.59 13.89
CA VAL A 320 23.49 -19.91 15.04
C VAL A 320 22.18 -19.12 15.01
N GLU A 321 22.29 -17.81 14.80
CA GLU A 321 21.15 -16.92 14.77
C GLU A 321 20.19 -17.29 13.64
N ALA A 322 20.72 -17.46 12.44
CA ALA A 322 19.88 -17.80 11.30
C ALA A 322 19.20 -19.14 11.56
N LYS A 323 19.95 -20.09 12.11
CA LYS A 323 19.42 -21.42 12.38
C LYS A 323 18.23 -21.38 13.35
N LEU A 324 18.45 -20.88 14.56
CA LEU A 324 17.40 -20.79 15.58
C LEU A 324 16.44 -19.64 15.29
N ASN A 325 16.78 -18.81 14.32
CA ASN A 325 15.92 -17.69 13.96
C ASN A 325 15.71 -16.80 15.18
N LEU A 326 16.80 -16.23 15.69
CA LEU A 326 16.73 -15.35 16.84
C LEU A 326 16.57 -13.91 16.36
N ASP A 327 15.93 -13.08 17.19
CA ASP A 327 15.74 -11.68 16.85
C ASP A 327 17.08 -10.95 16.91
N PRO A 328 17.37 -10.11 15.90
CA PRO A 328 18.62 -9.37 15.86
C PRO A 328 19.01 -8.74 17.20
N THR A 329 18.11 -8.79 18.17
CA THR A 329 18.39 -8.21 19.47
C THR A 329 19.07 -9.18 20.43
N LYS A 330 18.85 -10.47 20.23
CA LYS A 330 19.45 -11.47 21.10
C LYS A 330 20.97 -11.31 21.23
N LEU A 331 21.67 -11.19 20.11
CA LEU A 331 23.13 -11.06 20.14
C LEU A 331 23.68 -9.64 20.15
N ILE A 332 22.93 -8.70 20.69
CA ILE A 332 23.44 -7.33 20.76
C ILE A 332 24.55 -7.34 21.79
N PRO A 333 24.32 -7.97 22.95
CA PRO A 333 25.35 -8.03 23.99
C PRO A 333 26.56 -8.87 23.56
N THR A 334 26.33 -9.98 22.89
CA THR A 334 27.42 -10.85 22.45
C THR A 334 28.33 -10.18 21.41
N ARG A 335 27.73 -9.73 20.31
CA ARG A 335 28.44 -9.06 19.22
C ARG A 335 29.10 -7.76 19.68
N HIS A 336 28.51 -7.11 20.67
CA HIS A 336 29.09 -5.85 21.18
C HIS A 336 30.42 -6.08 21.89
N VAL A 337 30.49 -7.14 22.69
CA VAL A 337 31.72 -7.49 23.42
C VAL A 337 32.76 -8.03 22.42
N MET A 338 32.34 -8.91 21.52
CA MET A 338 33.28 -9.45 20.56
C MET A 338 33.88 -8.28 19.80
N SER A 339 33.07 -7.25 19.56
CA SER A 339 33.56 -6.08 18.83
C SER A 339 34.57 -5.22 19.58
N GLU A 340 34.41 -5.12 20.89
CA GLU A 340 35.33 -4.31 21.69
C GLU A 340 36.52 -5.07 22.29
N TYR A 341 36.43 -6.41 22.32
CA TYR A 341 37.49 -7.24 22.91
C TYR A 341 37.99 -8.37 22.02
N GLY A 342 37.12 -8.97 21.23
CA GLY A 342 37.52 -10.08 20.37
C GLY A 342 37.31 -11.40 21.12
N ASN A 343 37.95 -12.48 20.68
CA ASN A 343 37.79 -13.75 21.37
C ASN A 343 38.77 -13.85 22.54
N MET A 344 38.29 -13.54 23.75
CA MET A 344 39.12 -13.64 24.95
C MET A 344 38.91 -15.03 25.56
N SER A 345 38.60 -15.98 24.67
CA SER A 345 38.36 -17.36 25.02
C SER A 345 37.35 -17.51 26.15
N SER A 346 37.73 -18.22 27.21
CA SER A 346 36.81 -18.48 28.33
C SER A 346 36.19 -17.27 29.03
N ALA A 347 36.92 -16.17 29.08
CA ALA A 347 36.41 -14.98 29.76
C ALA A 347 35.37 -14.14 28.97
N CYS A 348 35.15 -14.44 27.69
CA CYS A 348 34.19 -13.70 26.89
C CYS A 348 32.75 -13.69 27.43
N VAL A 349 32.19 -14.88 27.61
CA VAL A 349 30.82 -15.03 28.11
C VAL A 349 30.58 -14.31 29.44
N HIS A 350 31.64 -14.09 30.21
CA HIS A 350 31.49 -13.39 31.48
C HIS A 350 31.48 -11.90 31.16
N PHE A 351 32.27 -11.51 30.16
CA PHE A 351 32.29 -10.12 29.74
C PHE A 351 30.87 -9.82 29.23
N ILE A 352 30.28 -10.80 28.55
CA ILE A 352 28.92 -10.65 28.01
C ILE A 352 27.85 -10.58 29.10
N LEU A 353 28.02 -11.38 30.14
CA LEU A 353 27.08 -11.39 31.27
C LEU A 353 27.07 -9.99 31.84
N ASP A 354 28.26 -9.45 32.05
CA ASP A 354 28.41 -8.13 32.61
C ASP A 354 27.78 -7.06 31.69
N GLN A 355 28.21 -7.04 30.42
CA GLN A 355 27.67 -6.07 29.47
C GLN A 355 26.15 -6.18 29.35
N THR A 356 25.66 -7.42 29.47
CA THR A 356 24.24 -7.68 29.39
C THR A 356 23.47 -7.07 30.57
N ARG A 357 24.05 -7.15 31.77
CA ARG A 357 23.38 -6.58 32.94
C ARG A 357 23.48 -5.06 32.93
N LYS A 358 24.59 -4.54 32.41
CA LYS A 358 24.81 -3.10 32.31
C LYS A 358 23.82 -2.47 31.33
N ALA A 359 23.63 -3.14 30.20
CA ALA A 359 22.71 -2.68 29.16
C ALA A 359 21.29 -2.65 29.71
N SER A 360 20.92 -3.69 30.45
CA SER A 360 19.57 -3.78 31.02
C SER A 360 19.36 -2.61 31.96
N LEU A 361 20.42 -2.22 32.63
CA LEU A 361 20.35 -1.12 33.58
C LEU A 361 20.17 0.23 32.89
N GLN A 362 21.09 0.55 31.98
CA GLN A 362 21.03 1.82 31.24
C GLN A 362 19.71 2.03 30.52
N ASN A 363 19.17 0.96 29.94
CA ASN A 363 17.93 1.07 29.20
C ASN A 363 16.67 1.11 30.06
N GLY A 364 16.77 0.64 31.29
CA GLY A 364 15.62 0.63 32.18
C GLY A 364 14.72 -0.59 32.09
N CYS A 365 15.32 -1.75 31.87
CA CYS A 365 14.57 -3.01 31.74
C CYS A 365 14.08 -3.53 33.09
N SER A 366 13.08 -4.40 33.06
CA SER A 366 12.49 -4.99 34.25
C SER A 366 13.39 -5.96 34.99
N THR A 367 14.33 -6.58 34.27
CA THR A 367 15.24 -7.52 34.90
C THR A 367 16.68 -7.33 34.41
N THR A 368 17.61 -8.08 35.00
CA THR A 368 19.01 -7.99 34.60
C THR A 368 19.23 -8.65 33.24
N GLY A 369 18.18 -9.31 32.75
CA GLY A 369 18.27 -9.98 31.46
C GLY A 369 17.53 -9.18 30.40
N GLU A 370 17.83 -7.89 30.35
CA GLU A 370 17.21 -6.98 29.39
C GLU A 370 15.68 -7.10 29.37
N GLY A 371 15.11 -7.44 30.53
CA GLY A 371 13.67 -7.55 30.65
C GLY A 371 13.08 -8.95 30.71
N LEU A 372 13.81 -9.94 30.20
CA LEU A 372 13.33 -11.30 30.21
C LEU A 372 13.60 -11.99 31.55
N GLU A 373 12.95 -13.12 31.79
CA GLU A 373 13.09 -13.87 33.03
C GLU A 373 14.18 -14.94 32.96
N MET A 374 14.15 -15.79 31.94
CA MET A 374 15.16 -16.83 31.77
C MET A 374 16.09 -16.57 30.57
N GLY A 375 17.32 -17.07 30.67
CA GLY A 375 18.31 -16.90 29.60
C GLY A 375 19.19 -18.13 29.38
N VAL A 376 19.92 -18.15 28.26
CA VAL A 376 20.80 -19.28 27.94
C VAL A 376 22.21 -18.79 27.68
N LEU A 377 23.18 -19.62 28.04
CA LEU A 377 24.57 -19.29 27.84
C LEU A 377 25.23 -20.47 27.14
N PHE A 378 26.07 -20.16 26.17
CA PHE A 378 26.77 -21.17 25.39
C PHE A 378 28.28 -20.97 25.35
N GLY A 379 28.99 -22.09 25.27
CA GLY A 379 30.44 -22.02 25.18
C GLY A 379 30.81 -23.06 24.16
N PHE A 380 31.69 -22.73 23.23
CA PHE A 380 32.09 -23.71 22.21
C PHE A 380 33.61 -23.87 22.26
N GLY A 381 34.10 -25.11 22.22
CA GLY A 381 35.54 -25.32 22.23
C GLY A 381 35.93 -26.71 21.72
N PRO A 382 37.21 -27.10 21.81
CA PRO A 382 37.84 -28.35 21.41
C PRO A 382 36.90 -29.50 21.72
N GLY A 383 36.55 -30.38 20.78
CA GLY A 383 35.69 -31.47 21.24
C GLY A 383 35.19 -32.24 20.03
N LEU A 384 34.29 -31.57 19.32
CA LEU A 384 33.91 -30.23 19.70
C LEU A 384 32.82 -30.28 20.78
N THR A 385 33.00 -29.59 21.89
CA THR A 385 32.00 -29.62 22.96
C THR A 385 31.24 -28.31 23.04
N ILE A 386 30.04 -28.38 23.60
CA ILE A 386 29.18 -27.22 23.75
C ILE A 386 28.72 -27.20 25.19
N GLU A 387 28.92 -26.08 25.86
CA GLU A 387 28.46 -25.97 27.22
C GLU A 387 27.20 -25.13 27.16
N THR A 388 26.12 -25.67 27.72
CA THR A 388 24.85 -24.97 27.76
C THR A 388 24.53 -24.65 29.22
N VAL A 389 24.19 -23.40 29.48
CA VAL A 389 23.84 -22.97 30.83
C VAL A 389 22.54 -22.16 30.83
N VAL A 390 21.49 -22.70 31.44
CA VAL A 390 20.23 -21.98 31.53
C VAL A 390 20.33 -21.06 32.75
N LEU A 391 20.24 -19.76 32.49
CA LEU A 391 20.34 -18.74 33.52
C LEU A 391 19.01 -18.09 33.89
N LYS A 392 18.89 -17.76 35.17
CA LYS A 392 17.69 -17.10 35.67
C LYS A 392 18.07 -15.67 35.98
N SER A 393 17.31 -14.73 35.43
CA SER A 393 17.55 -13.31 35.65
C SER A 393 16.92 -12.87 36.99
N VAL A 394 17.20 -11.63 37.40
CA VAL A 394 16.62 -11.11 38.65
C VAL A 394 15.98 -9.76 38.35
N PRO A 395 14.86 -9.45 39.01
CA PRO A 395 14.22 -8.16 38.75
C PRO A 395 15.05 -6.96 39.18
N ILE A 396 14.78 -5.82 38.57
CA ILE A 396 15.48 -4.58 38.91
C ILE A 396 14.50 -3.62 39.57
N GLN A 397 14.17 -3.92 40.83
CA GLN A 397 13.24 -3.12 41.64
C GLN A 397 12.75 -3.91 42.86
N ASP B 9 7.87 -23.80 42.05
CA ASP B 9 8.32 -24.74 41.00
C ASP B 9 9.81 -24.54 40.74
N PHE B 10 10.27 -23.35 41.02
CA PHE B 10 11.66 -23.08 40.84
C PHE B 10 12.36 -23.48 42.11
N GLU B 11 11.81 -23.12 43.25
CA GLU B 11 12.44 -23.56 44.47
C GLU B 11 12.20 -25.07 44.50
N GLY B 12 11.27 -25.52 43.68
CA GLY B 12 10.97 -26.94 43.65
C GLY B 12 11.89 -27.65 42.67
N PHE B 13 12.44 -26.92 41.72
CA PHE B 13 13.33 -27.49 40.72
C PHE B 13 14.64 -27.92 41.35
N ARG B 14 14.98 -27.29 42.46
CA ARG B 14 16.20 -27.56 43.18
C ARG B 14 16.16 -28.90 43.93
N LYS B 15 15.27 -29.03 44.90
CA LYS B 15 15.19 -30.26 45.68
C LYS B 15 15.12 -31.50 44.81
N LEU B 16 14.28 -31.49 43.79
CA LEU B 16 14.19 -32.66 42.94
C LEU B 16 15.52 -32.87 42.21
N GLN B 17 16.18 -31.79 41.83
CA GLN B 17 17.45 -31.88 41.11
C GLN B 17 18.60 -32.52 41.91
N ARG B 18 18.75 -32.14 43.18
CA ARG B 18 19.84 -32.69 44.00
C ARG B 18 19.61 -34.12 44.46
N ALA B 19 20.66 -34.73 44.98
CA ALA B 19 20.60 -36.12 45.44
C ALA B 19 20.33 -36.13 46.94
N ASP B 20 20.16 -37.32 47.51
CA ASP B 20 19.87 -37.42 48.94
C ASP B 20 21.06 -37.64 49.85
N GLY B 21 21.45 -38.90 50.02
CA GLY B 21 22.57 -39.22 50.90
C GLY B 21 23.93 -38.69 50.47
N PHE B 22 24.97 -39.29 51.05
CA PHE B 22 26.36 -38.93 50.77
C PHE B 22 26.90 -39.57 49.49
N ALA B 23 27.72 -38.81 48.76
CA ALA B 23 28.33 -39.33 47.55
C ALA B 23 29.15 -40.52 48.04
N SER B 24 28.98 -41.67 47.37
CA SER B 24 29.67 -42.87 47.80
C SER B 24 30.50 -43.51 46.70
N ILE B 25 31.55 -44.24 47.09
CA ILE B 25 32.39 -44.93 46.11
C ILE B 25 31.67 -46.27 45.84
N LEU B 26 31.21 -46.45 44.61
CA LEU B 26 30.49 -47.65 44.22
C LEU B 26 31.35 -48.67 43.47
N ALA B 27 32.61 -48.32 43.23
CA ALA B 27 33.57 -49.17 42.51
C ALA B 27 34.93 -48.50 42.45
N ILE B 28 35.96 -49.32 42.26
CA ILE B 28 37.34 -48.86 42.18
C ILE B 28 38.08 -49.72 41.16
N GLY B 29 38.60 -49.09 40.11
CA GLY B 29 39.35 -49.81 39.09
C GLY B 29 40.80 -49.37 39.00
N THR B 30 41.70 -50.32 38.74
CA THR B 30 43.12 -50.01 38.67
C THR B 30 43.84 -50.64 37.47
N ALA B 31 44.90 -49.97 37.01
CA ALA B 31 45.73 -50.43 35.88
C ALA B 31 47.10 -49.77 35.89
N ASN B 32 48.09 -50.47 35.33
CA ASN B 32 49.46 -49.98 35.24
C ASN B 32 50.03 -50.45 33.94
N PRO B 33 51.16 -49.86 33.51
CA PRO B 33 51.80 -50.27 32.26
C PRO B 33 52.41 -51.65 32.51
N PRO B 34 52.66 -52.42 31.44
CA PRO B 34 53.24 -53.75 31.59
C PRO B 34 54.64 -53.84 32.21
N ASN B 35 55.52 -52.89 31.91
CA ASN B 35 56.88 -52.97 32.44
C ASN B 35 57.10 -52.75 33.94
N ALA B 36 57.21 -53.84 34.68
CA ALA B 36 57.45 -53.79 36.11
C ALA B 36 58.96 -53.56 36.30
N VAL B 37 59.31 -52.51 37.03
CA VAL B 37 60.70 -52.20 37.27
C VAL B 37 61.09 -52.54 38.70
N ASP B 38 62.09 -53.40 38.84
CA ASP B 38 62.59 -53.80 40.14
C ASP B 38 63.55 -52.70 40.61
N GLN B 39 63.22 -52.09 41.74
CA GLN B 39 64.02 -50.99 42.28
C GLN B 39 65.46 -51.39 42.60
N SER B 40 65.67 -52.65 42.97
CA SER B 40 67.02 -53.10 43.30
C SER B 40 67.90 -53.08 42.07
N THR B 41 67.29 -53.08 40.90
CA THR B 41 68.05 -53.08 39.67
C THR B 41 68.05 -51.75 38.93
N TYR B 42 67.10 -50.88 39.27
CA TYR B 42 67.01 -49.59 38.58
C TYR B 42 68.28 -48.75 38.52
N PRO B 43 69.03 -48.65 39.64
CA PRO B 43 70.25 -47.83 39.58
C PRO B 43 71.21 -48.16 38.43
N ASP B 44 71.43 -49.45 38.19
CA ASP B 44 72.33 -49.87 37.12
C ASP B 44 71.72 -49.59 35.76
N PHE B 45 70.43 -49.88 35.65
CA PHE B 45 69.70 -49.66 34.40
C PHE B 45 69.58 -48.16 34.09
N TYR B 46 69.17 -47.39 35.08
CA TYR B 46 69.00 -45.94 34.92
C TYR B 46 70.27 -45.24 34.44
N PHE B 47 71.38 -45.52 35.11
CA PHE B 47 72.65 -44.91 34.75
C PHE B 47 73.27 -45.49 33.48
N ARG B 48 72.74 -46.62 33.02
CA ARG B 48 73.27 -47.22 31.80
C ARG B 48 72.49 -46.75 30.58
N ILE B 49 71.18 -46.58 30.74
CA ILE B 49 70.36 -46.15 29.63
C ILE B 49 70.58 -44.66 29.35
N THR B 50 70.94 -43.90 30.40
CA THR B 50 71.19 -42.47 30.23
C THR B 50 72.65 -42.20 29.91
N GLY B 51 73.46 -43.26 29.83
CA GLY B 51 74.87 -43.12 29.51
C GLY B 51 75.65 -42.32 30.54
N ASN B 52 75.49 -42.68 31.81
CA ASN B 52 76.17 -42.00 32.92
C ASN B 52 76.95 -42.95 33.82
N GLU B 53 77.36 -44.08 33.27
CA GLU B 53 78.13 -45.08 34.03
C GLU B 53 79.48 -44.53 34.43
N HIS B 54 79.95 -43.53 33.68
CA HIS B 54 81.25 -42.91 33.92
C HIS B 54 81.26 -42.02 35.16
N ASN B 55 80.09 -41.77 35.73
CA ASN B 55 80.02 -40.90 36.90
C ASN B 55 79.69 -41.63 38.20
N THR B 56 80.56 -42.57 38.57
CA THR B 56 80.40 -43.37 39.78
C THR B 56 79.96 -42.60 41.03
N GLU B 57 80.27 -41.30 41.09
CA GLU B 57 79.88 -40.49 42.24
C GLU B 57 78.36 -40.45 42.40
N LEU B 58 77.68 -39.96 41.37
CA LEU B 58 76.23 -39.84 41.34
C LEU B 58 75.51 -41.15 41.61
N LYS B 59 75.84 -42.16 40.81
CA LYS B 59 75.23 -43.46 40.94
C LYS B 59 75.05 -43.86 42.40
N ASP B 60 76.09 -43.69 43.22
CA ASP B 60 76.00 -44.05 44.63
C ASP B 60 74.98 -43.21 45.39
N LYS B 61 74.83 -41.94 45.00
CA LYS B 61 73.87 -41.08 45.65
C LYS B 61 72.46 -41.58 45.32
N PHE B 62 72.27 -41.99 44.07
CA PHE B 62 70.99 -42.49 43.58
C PHE B 62 70.68 -43.86 44.19
N LYS B 63 71.68 -44.74 44.21
CA LYS B 63 71.52 -46.07 44.78
C LYS B 63 71.04 -45.94 46.22
N ARG B 64 71.76 -45.14 47.00
CA ARG B 64 71.39 -44.91 48.39
C ARG B 64 69.92 -44.50 48.42
N ILE B 65 69.55 -43.59 47.54
CA ILE B 65 68.18 -43.11 47.45
C ILE B 65 67.13 -44.18 47.15
N CYS B 66 67.41 -45.02 46.15
CA CYS B 66 66.48 -46.09 45.78
C CYS B 66 66.41 -47.10 46.91
N GLU B 67 67.58 -47.42 47.47
CA GLU B 67 67.68 -48.38 48.57
C GLU B 67 66.96 -47.95 49.85
N ARG B 68 66.65 -46.67 49.95
CA ARG B 68 65.97 -46.15 51.12
C ARG B 68 64.63 -45.56 50.75
N SER B 69 64.18 -45.81 49.53
CA SER B 69 62.90 -45.27 49.08
C SER B 69 61.70 -46.07 49.58
N ALA B 70 61.95 -47.28 50.07
CA ALA B 70 60.89 -48.18 50.57
C ALA B 70 60.01 -48.65 49.41
N ILE B 71 60.55 -48.53 48.20
CA ILE B 71 59.88 -48.93 46.97
C ILE B 71 60.65 -50.09 46.37
N LYS B 72 59.98 -51.21 46.18
CA LYS B 72 60.65 -52.38 45.64
C LYS B 72 60.29 -52.53 44.17
N GLN B 73 59.23 -51.85 43.77
CA GLN B 73 58.79 -51.94 42.39
C GLN B 73 58.00 -50.75 41.87
N ARG B 74 58.05 -50.57 40.55
CA ARG B 74 57.33 -49.50 39.87
C ARG B 74 57.02 -49.89 38.42
N TYR B 75 55.82 -49.57 37.97
CA TYR B 75 55.45 -49.86 36.60
C TYR B 75 55.79 -48.61 35.78
N MET B 76 56.51 -48.79 34.69
CA MET B 76 56.92 -47.68 33.83
C MET B 76 56.63 -47.92 32.35
N TYR B 77 55.94 -46.96 31.76
CA TYR B 77 55.64 -47.04 30.34
C TYR B 77 56.97 -47.04 29.62
N LEU B 78 57.89 -46.22 30.12
CA LEU B 78 59.23 -46.11 29.54
C LEU B 78 60.01 -47.38 29.78
N THR B 79 60.34 -48.05 28.68
CA THR B 79 61.11 -49.27 28.72
C THR B 79 62.42 -48.99 28.01
N GLU B 80 63.35 -49.94 28.07
CA GLU B 80 64.63 -49.77 27.41
C GLU B 80 64.45 -49.57 25.91
N GLU B 81 63.41 -50.18 25.35
CA GLU B 81 63.14 -50.04 23.93
C GLU B 81 62.87 -48.58 23.58
N ILE B 82 61.90 -47.99 24.28
CA ILE B 82 61.51 -46.61 24.06
C ILE B 82 62.66 -45.65 24.36
N LEU B 83 63.42 -45.94 25.41
CA LEU B 83 64.51 -45.06 25.76
C LEU B 83 65.67 -45.04 24.77
N LYS B 84 66.00 -46.19 24.19
CA LYS B 84 67.11 -46.26 23.22
C LYS B 84 66.73 -45.51 21.95
N LYS B 85 65.43 -45.41 21.69
CA LYS B 85 64.90 -44.71 20.52
C LYS B 85 64.62 -43.23 20.81
N ASN B 86 64.72 -42.82 22.07
CA ASN B 86 64.48 -41.42 22.43
C ASN B 86 65.60 -40.80 23.28
N PRO B 87 66.84 -40.84 22.78
CA PRO B 87 68.02 -40.29 23.46
C PRO B 87 67.83 -38.90 24.05
N ASP B 88 66.85 -38.17 23.51
CA ASP B 88 66.58 -36.81 24.00
C ASP B 88 65.92 -36.90 25.36
N VAL B 89 65.26 -38.02 25.62
CA VAL B 89 64.58 -38.23 26.89
C VAL B 89 65.58 -38.67 27.94
N CYS B 90 66.71 -39.20 27.49
CA CYS B 90 67.74 -39.68 28.39
C CYS B 90 68.66 -38.60 28.91
N ALA B 91 68.70 -37.49 28.18
CA ALA B 91 69.53 -36.36 28.55
C ALA B 91 68.93 -35.67 29.77
N PHE B 92 69.72 -34.81 30.40
CA PHE B 92 69.24 -34.07 31.54
C PHE B 92 68.42 -32.92 30.99
N VAL B 93 69.10 -31.92 30.42
CA VAL B 93 68.39 -30.80 29.82
C VAL B 93 69.20 -30.14 28.70
N GLU B 94 70.27 -30.79 28.25
CA GLU B 94 71.10 -30.20 27.20
C GLU B 94 70.41 -30.10 25.83
N VAL B 95 69.31 -30.83 25.67
CA VAL B 95 68.54 -30.79 24.43
C VAL B 95 67.05 -30.82 24.80
N PRO B 96 66.21 -30.17 23.98
CA PRO B 96 64.78 -30.18 24.26
C PRO B 96 64.20 -31.58 24.05
N SER B 97 63.01 -31.83 24.60
CA SER B 97 62.39 -33.15 24.44
C SER B 97 60.90 -33.16 24.75
N LEU B 98 60.29 -31.99 24.84
CA LEU B 98 58.87 -31.86 25.17
C LEU B 98 57.95 -32.58 24.18
N ASP B 99 58.11 -32.27 22.89
CA ASP B 99 57.31 -32.85 21.82
C ASP B 99 57.30 -34.38 21.76
N ALA B 100 58.43 -34.99 22.10
CA ALA B 100 58.52 -36.46 22.09
C ALA B 100 57.75 -37.01 23.30
N ARG B 101 57.85 -36.31 24.43
CA ARG B 101 57.14 -36.70 25.64
C ARG B 101 55.66 -36.53 25.36
N GLN B 102 55.29 -35.36 24.83
CA GLN B 102 53.90 -35.05 24.52
C GLN B 102 53.24 -36.18 23.73
N ALA B 103 53.92 -36.71 22.71
CA ALA B 103 53.40 -37.80 21.89
C ALA B 103 53.17 -39.06 22.74
N MET B 104 54.14 -39.38 23.58
CA MET B 104 54.02 -40.54 24.46
C MET B 104 52.77 -40.39 25.32
N LEU B 105 52.58 -39.17 25.82
CA LEU B 105 51.47 -38.84 26.71
C LEU B 105 50.09 -38.93 26.09
N ALA B 106 49.94 -38.39 24.88
CA ALA B 106 48.64 -38.41 24.21
C ALA B 106 48.18 -39.86 23.99
N MET B 107 49.12 -40.79 23.92
CA MET B 107 48.77 -42.19 23.69
C MET B 107 48.62 -43.03 24.96
N GLU B 108 49.61 -42.93 25.84
CA GLU B 108 49.65 -43.69 27.07
C GLU B 108 48.65 -43.30 28.14
N VAL B 109 48.62 -42.02 28.52
CA VAL B 109 47.71 -41.55 29.57
C VAL B 109 46.27 -42.00 29.39
N PRO B 110 45.70 -41.80 28.18
CA PRO B 110 44.30 -42.21 27.95
C PRO B 110 44.15 -43.74 27.98
N ARG B 111 45.15 -44.43 27.46
CA ARG B 111 45.16 -45.89 27.40
C ARG B 111 45.12 -46.50 28.79
N LEU B 112 45.90 -45.94 29.72
CA LEU B 112 45.90 -46.46 31.07
C LEU B 112 44.57 -46.15 31.75
N ALA B 113 44.04 -44.95 31.48
CA ALA B 113 42.76 -44.52 32.05
C ALA B 113 41.63 -45.48 31.62
N LYS B 114 41.47 -45.69 30.32
CA LYS B 114 40.42 -46.58 29.86
C LYS B 114 40.52 -47.93 30.55
N GLU B 115 41.71 -48.50 30.60
CA GLU B 115 41.89 -49.81 31.23
C GLU B 115 41.37 -49.81 32.67
N ALA B 116 41.48 -48.67 33.35
CA ALA B 116 41.02 -48.58 34.73
C ALA B 116 39.49 -48.42 34.81
N ALA B 117 38.93 -47.68 33.86
CA ALA B 117 37.48 -47.49 33.84
C ALA B 117 36.79 -48.81 33.58
N GLU B 118 37.29 -49.52 32.56
CA GLU B 118 36.74 -50.80 32.15
C GLU B 118 36.62 -51.79 33.31
N LYS B 119 37.51 -51.69 34.28
CA LYS B 119 37.45 -52.57 35.45
C LYS B 119 36.47 -52.01 36.47
N ALA B 120 36.51 -50.70 36.65
CA ALA B 120 35.62 -50.02 37.58
C ALA B 120 34.18 -50.16 37.10
N ILE B 121 34.00 -49.94 35.81
CA ILE B 121 32.68 -50.05 35.17
C ILE B 121 32.13 -51.44 35.40
N GLN B 122 32.92 -52.44 35.09
CA GLN B 122 32.47 -53.81 35.25
C GLN B 122 32.06 -54.09 36.69
N GLU B 123 32.90 -53.71 37.65
CA GLU B 123 32.58 -53.95 39.06
C GLU B 123 31.29 -53.26 39.41
N TRP B 124 31.15 -52.03 38.94
CA TRP B 124 29.97 -51.25 39.20
C TRP B 124 28.75 -52.05 38.75
N GLY B 125 28.87 -52.72 37.61
CA GLY B 125 27.78 -53.55 37.11
C GLY B 125 26.69 -52.92 36.25
N GLN B 126 26.64 -51.59 36.18
CA GLN B 126 25.63 -50.93 35.36
C GLN B 126 26.22 -50.51 34.02
N SER B 127 25.34 -50.14 33.11
CA SER B 127 25.71 -49.69 31.77
C SER B 127 26.50 -48.40 31.83
N LYS B 128 27.56 -48.35 31.02
CA LYS B 128 28.41 -47.18 30.96
C LYS B 128 27.57 -45.98 30.58
N SER B 129 26.44 -46.25 29.93
CA SER B 129 25.53 -45.19 29.47
C SER B 129 24.97 -44.39 30.63
N GLY B 130 25.07 -44.97 31.83
CA GLY B 130 24.55 -44.33 33.04
C GLY B 130 25.50 -43.35 33.70
N ILE B 131 26.75 -43.34 33.25
CA ILE B 131 27.76 -42.41 33.80
C ILE B 131 27.38 -41.02 33.33
N THR B 132 27.18 -40.09 34.26
CA THR B 132 26.79 -38.74 33.92
C THR B 132 27.94 -37.74 33.92
N HIS B 133 28.92 -37.99 34.76
CA HIS B 133 30.05 -37.09 34.85
C HIS B 133 31.37 -37.83 34.75
N LEU B 134 32.39 -37.11 34.32
CA LEU B 134 33.72 -37.66 34.15
C LEU B 134 34.74 -36.63 34.65
N ILE B 135 35.51 -37.04 35.66
CA ILE B 135 36.55 -36.21 36.24
C ILE B 135 37.86 -36.89 35.92
N PHE B 136 38.69 -36.21 35.12
CA PHE B 136 39.98 -36.77 34.70
C PHE B 136 41.16 -35.99 35.26
N CYS B 137 42.07 -36.73 35.88
CA CYS B 137 43.25 -36.13 36.48
C CYS B 137 44.56 -36.73 35.97
N SER B 138 45.51 -35.85 35.65
CA SER B 138 46.84 -36.25 35.19
C SER B 138 47.77 -35.07 35.45
N THR B 139 49.02 -35.36 35.78
CA THR B 139 50.00 -34.31 36.06
C THR B 139 49.92 -33.28 34.96
N THR B 140 49.76 -33.75 33.75
CA THR B 140 49.65 -32.86 32.61
C THR B 140 48.83 -33.50 31.50
N THR B 141 48.50 -32.69 30.51
CA THR B 141 47.80 -33.16 29.34
C THR B 141 48.46 -32.37 28.22
N PRO B 142 48.88 -33.07 27.14
CA PRO B 142 49.54 -32.51 25.97
C PRO B 142 48.80 -31.55 25.03
N ASP B 143 47.49 -31.72 24.87
CA ASP B 143 46.77 -30.87 23.93
C ASP B 143 45.45 -30.26 24.39
N LEU B 144 44.62 -29.95 23.39
CA LEU B 144 43.28 -29.41 23.53
C LEU B 144 42.51 -30.18 22.45
N PRO B 145 41.50 -30.98 22.83
CA PRO B 145 40.96 -31.24 24.17
C PRO B 145 41.90 -32.01 25.10
N GLY B 146 41.66 -31.85 26.39
CA GLY B 146 42.47 -32.56 27.37
C GLY B 146 42.24 -34.06 27.29
N ALA B 147 42.92 -34.78 28.18
CA ALA B 147 42.83 -36.23 28.22
C ALA B 147 41.43 -36.71 28.62
N ASP B 148 40.66 -35.85 29.28
CA ASP B 148 39.32 -36.23 29.68
C ASP B 148 38.45 -36.51 28.45
N PHE B 149 38.62 -35.70 27.41
CA PHE B 149 37.86 -35.89 26.19
C PHE B 149 38.30 -37.20 25.53
N GLU B 150 39.62 -37.43 25.48
CA GLU B 150 40.16 -38.61 24.85
C GLU B 150 39.70 -39.91 25.51
N VAL B 151 39.71 -39.94 26.84
CA VAL B 151 39.29 -41.14 27.56
C VAL B 151 37.80 -41.41 27.41
N ALA B 152 36.99 -40.35 27.40
CA ALA B 152 35.55 -40.50 27.24
C ALA B 152 35.32 -41.14 25.89
N LYS B 153 36.02 -40.64 24.89
CA LYS B 153 35.93 -41.19 23.54
C LYS B 153 36.21 -42.68 23.54
N LEU B 154 37.43 -43.05 23.93
CA LEU B 154 37.84 -44.45 23.95
C LEU B 154 36.88 -45.37 24.72
N LEU B 155 36.41 -44.91 25.88
CA LEU B 155 35.48 -45.71 26.70
C LEU B 155 34.10 -45.87 26.07
N GLY B 156 33.73 -44.92 25.22
CA GLY B 156 32.43 -44.99 24.59
C GLY B 156 31.35 -44.36 25.46
N LEU B 157 31.73 -43.37 26.26
CA LEU B 157 30.76 -42.70 27.13
C LEU B 157 29.80 -41.88 26.29
N HIS B 158 28.58 -41.73 26.80
CA HIS B 158 27.56 -40.97 26.11
C HIS B 158 28.10 -39.57 25.80
N PRO B 159 27.73 -39.01 24.63
CA PRO B 159 28.23 -37.67 24.31
C PRO B 159 27.83 -36.54 25.25
N SER B 160 26.82 -36.74 26.11
CA SER B 160 26.41 -35.68 27.02
C SER B 160 26.99 -35.81 28.43
N VAL B 161 28.07 -36.57 28.55
CA VAL B 161 28.73 -36.72 29.83
C VAL B 161 29.49 -35.42 30.05
N LYS B 162 29.27 -34.85 31.23
CA LYS B 162 29.90 -33.61 31.61
C LYS B 162 31.32 -33.83 32.15
N ARG B 163 32.30 -33.40 31.36
CA ARG B 163 33.72 -33.56 31.67
C ARG B 163 34.45 -32.39 32.36
N VAL B 164 35.35 -32.75 33.26
CA VAL B 164 36.17 -31.78 33.96
C VAL B 164 37.59 -32.36 34.05
N GLY B 165 38.52 -31.67 33.42
CA GLY B 165 39.90 -32.11 33.42
C GLY B 165 40.69 -31.45 34.53
N VAL B 166 41.39 -32.24 35.33
CA VAL B 166 42.19 -31.73 36.43
C VAL B 166 43.67 -31.94 36.12
N PHE B 167 44.28 -30.96 35.46
CA PHE B 167 45.68 -31.03 35.07
C PHE B 167 46.61 -30.07 35.82
N GLN B 168 47.86 -30.49 35.96
CA GLN B 168 48.90 -29.70 36.59
C GLN B 168 48.60 -29.15 37.98
N HIS B 169 47.99 -29.96 38.82
CA HIS B 169 47.72 -29.55 40.20
C HIS B 169 48.86 -30.10 41.01
N GLY B 170 49.09 -31.41 40.87
CA GLY B 170 50.18 -32.03 41.61
C GLY B 170 49.84 -33.37 42.25
N CYS B 171 50.73 -33.85 43.10
CA CYS B 171 50.54 -35.13 43.77
C CYS B 171 49.33 -35.17 44.71
N PHE B 172 48.76 -34.02 45.03
CA PHE B 172 47.61 -33.95 45.93
C PHE B 172 46.27 -34.09 45.19
N ALA B 173 46.30 -34.04 43.87
CA ALA B 173 45.08 -34.13 43.06
C ALA B 173 44.22 -35.36 43.37
N GLY B 174 44.83 -36.36 43.99
CA GLY B 174 44.09 -37.57 44.34
C GLY B 174 42.97 -37.21 45.30
N GLY B 175 43.21 -36.20 46.13
CA GLY B 175 42.19 -35.79 47.07
C GLY B 175 41.22 -34.79 46.44
N THR B 176 41.74 -33.82 45.71
CA THR B 176 40.86 -32.83 45.11
C THR B 176 39.83 -33.50 44.20
N VAL B 177 40.22 -34.62 43.61
CA VAL B 177 39.33 -35.36 42.73
C VAL B 177 38.12 -35.88 43.50
N LEU B 178 38.35 -36.30 44.74
CA LEU B 178 37.26 -36.80 45.58
C LEU B 178 36.40 -35.62 46.02
N ARG B 179 37.04 -34.49 46.33
CA ARG B 179 36.33 -33.28 46.73
C ARG B 179 35.37 -32.83 45.61
N MET B 180 35.82 -32.96 44.37
CA MET B 180 35.01 -32.58 43.22
C MET B 180 33.93 -33.65 42.98
N ALA B 181 34.31 -34.91 43.10
CA ALA B 181 33.36 -36.00 42.90
C ALA B 181 32.19 -35.82 43.85
N LYS B 182 32.50 -35.53 45.12
CA LYS B 182 31.49 -35.35 46.14
C LYS B 182 30.44 -34.33 45.80
N ASP B 183 30.84 -33.16 45.32
CA ASP B 183 29.88 -32.13 45.01
C ASP B 183 29.08 -32.40 43.74
N LEU B 184 29.70 -33.09 42.79
CA LEU B 184 29.03 -33.46 41.54
C LEU B 184 27.92 -34.47 41.81
N ALA B 185 28.22 -35.48 42.62
CA ALA B 185 27.25 -36.52 42.94
C ALA B 185 26.06 -36.06 43.78
N GLU B 186 26.35 -35.34 44.85
CA GLU B 186 25.31 -34.89 45.76
C GLU B 186 24.45 -33.73 45.31
N ASN B 187 24.84 -33.00 44.28
CA ASN B 187 24.02 -31.88 43.82
C ASN B 187 23.24 -32.24 42.55
N ASN B 188 23.42 -33.46 42.07
CA ASN B 188 22.74 -33.92 40.86
C ASN B 188 22.15 -35.30 41.13
N ARG B 189 20.85 -35.34 41.43
CA ARG B 189 20.15 -36.60 41.71
C ARG B 189 20.32 -37.65 40.61
N GLY B 190 20.65 -38.88 41.00
CA GLY B 190 20.82 -39.95 40.03
C GLY B 190 22.08 -39.85 39.20
N ALA B 191 23.04 -39.06 39.67
CA ALA B 191 24.29 -38.89 38.94
C ALA B 191 25.36 -39.89 39.36
N ARG B 192 26.16 -40.30 38.38
CA ARG B 192 27.24 -41.25 38.61
C ARG B 192 28.50 -40.65 38.00
N VAL B 193 29.46 -40.31 38.86
CA VAL B 193 30.68 -39.69 38.42
C VAL B 193 31.81 -40.69 38.22
N LEU B 194 32.41 -40.64 37.04
CA LEU B 194 33.55 -41.49 36.70
C LEU B 194 34.75 -40.62 37.04
N VAL B 195 35.55 -41.05 38.02
CA VAL B 195 36.72 -40.30 38.46
C VAL B 195 37.99 -41.06 38.12
N ILE B 196 38.80 -40.48 37.24
CA ILE B 196 40.02 -41.13 36.81
C ILE B 196 41.28 -40.29 36.98
N CYS B 197 42.32 -40.95 37.48
CA CYS B 197 43.64 -40.34 37.66
C CYS B 197 44.59 -41.21 36.84
N SER B 198 45.40 -40.59 35.99
CA SER B 198 46.33 -41.34 35.17
C SER B 198 47.65 -40.61 35.14
N GLU B 199 48.72 -41.34 35.44
CA GLU B 199 50.06 -40.77 35.51
C GLU B 199 51.12 -41.67 34.91
N THR B 200 52.17 -41.04 34.37
CA THR B 200 53.30 -41.73 33.76
C THR B 200 54.56 -40.85 33.94
N THR B 201 55.73 -41.47 33.98
CA THR B 201 56.96 -40.69 34.16
C THR B 201 57.52 -40.23 32.82
N ALA B 202 56.77 -40.51 31.76
CA ALA B 202 57.15 -40.14 30.39
C ALA B 202 57.43 -38.65 30.23
N VAL B 203 56.69 -37.84 30.98
CA VAL B 203 56.84 -36.40 30.92
C VAL B 203 57.91 -35.89 31.89
N THR B 204 58.25 -36.71 32.89
CA THR B 204 59.24 -36.30 33.90
C THR B 204 60.58 -37.03 33.94
N PHE B 205 60.65 -38.19 33.28
CA PHE B 205 61.90 -38.94 33.26
C PHE B 205 62.97 -38.20 32.47
N ARG B 206 64.17 -38.17 33.04
CA ARG B 206 65.29 -37.53 32.39
C ARG B 206 66.59 -37.99 33.04
N GLY B 207 67.71 -37.58 32.45
CA GLY B 207 69.02 -37.94 32.96
C GLY B 207 69.40 -37.27 34.26
N PRO B 208 70.38 -37.85 34.98
CA PRO B 208 70.83 -37.31 36.26
C PRO B 208 71.83 -36.15 36.15
N SER B 209 71.86 -35.33 37.19
CA SER B 209 72.78 -34.20 37.27
C SER B 209 73.16 -34.03 38.74
N GLU B 210 74.46 -34.06 39.01
CA GLU B 210 74.97 -33.90 40.36
C GLU B 210 74.47 -32.59 40.96
N THR B 211 74.39 -31.54 40.16
CA THR B 211 73.94 -30.25 40.66
C THR B 211 72.43 -30.12 40.79
N HIS B 212 71.72 -31.24 40.63
CA HIS B 212 70.26 -31.25 40.75
C HIS B 212 69.83 -32.51 41.48
N LEU B 213 70.36 -32.72 42.67
CA LEU B 213 70.05 -33.90 43.45
C LEU B 213 68.58 -34.11 43.78
N ASP B 214 67.80 -33.04 43.86
CA ASP B 214 66.39 -33.19 44.16
C ASP B 214 65.68 -33.89 43.01
N SER B 215 66.02 -33.52 41.77
CA SER B 215 65.42 -34.15 40.59
C SER B 215 65.74 -35.63 40.58
N LEU B 216 66.89 -35.98 41.14
CA LEU B 216 67.33 -37.36 41.19
C LEU B 216 66.42 -38.15 42.13
N VAL B 217 65.85 -37.45 43.10
CA VAL B 217 64.93 -38.05 44.06
C VAL B 217 63.68 -38.52 43.34
N GLY B 218 63.16 -37.68 42.47
CA GLY B 218 61.97 -38.01 41.71
C GLY B 218 62.14 -39.19 40.77
N GLN B 219 63.35 -39.40 40.26
CA GLN B 219 63.65 -40.50 39.33
C GLN B 219 63.59 -41.88 39.99
N ALA B 220 63.63 -41.90 41.33
CA ALA B 220 63.59 -43.17 42.09
C ALA B 220 62.24 -43.49 42.72
N LEU B 221 61.39 -42.46 42.85
CA LEU B 221 60.10 -42.62 43.49
C LEU B 221 58.87 -42.61 42.59
N PHE B 222 58.92 -41.85 41.50
CA PHE B 222 57.77 -41.78 40.59
C PHE B 222 57.53 -43.01 39.74
N GLY B 223 56.30 -43.52 39.80
CA GLY B 223 55.91 -44.68 39.02
C GLY B 223 54.62 -44.43 38.27
N ASP B 224 54.32 -45.30 37.30
CA ASP B 224 53.11 -45.19 36.48
C ASP B 224 51.89 -45.93 36.96
N GLY B 225 50.72 -45.35 36.72
CA GLY B 225 49.50 -46.00 37.14
C GLY B 225 48.25 -45.23 36.85
N ALA B 226 47.12 -45.92 36.87
CA ALA B 226 45.83 -45.29 36.64
C ALA B 226 44.77 -45.93 37.52
N SER B 227 43.91 -45.08 38.08
CA SER B 227 42.84 -45.57 38.94
C SER B 227 41.51 -45.02 38.41
N ALA B 228 40.42 -45.73 38.72
CA ALA B 228 39.09 -45.32 38.28
C ALA B 228 38.07 -45.61 39.36
N LEU B 229 37.27 -44.60 39.71
CA LEU B 229 36.22 -44.76 40.71
C LEU B 229 34.90 -44.41 40.04
N ILE B 230 33.80 -44.95 40.58
CA ILE B 230 32.45 -44.60 40.09
C ILE B 230 31.81 -44.02 41.36
N VAL B 231 31.52 -42.74 41.36
CA VAL B 231 30.94 -42.15 42.55
C VAL B 231 29.50 -41.76 42.33
N GLY B 232 28.69 -41.90 43.37
CA GLY B 232 27.30 -41.53 43.24
C GLY B 232 26.59 -41.52 44.58
N ALA B 233 25.58 -40.66 44.70
CA ALA B 233 24.80 -40.58 45.91
C ALA B 233 23.50 -41.36 45.70
N ASP B 234 22.97 -41.93 46.78
CA ASP B 234 21.74 -42.71 46.73
C ASP B 234 21.92 -43.98 45.90
N PRO B 235 22.85 -44.85 46.31
CA PRO B 235 23.07 -46.09 45.55
C PRO B 235 21.82 -46.97 45.48
N ILE B 236 21.63 -47.65 44.36
CA ILE B 236 20.48 -48.54 44.17
C ILE B 236 20.59 -49.74 45.10
N PRO B 237 19.52 -50.02 45.88
CA PRO B 237 19.49 -51.15 46.82
C PRO B 237 19.59 -52.47 46.08
N GLN B 238 20.46 -53.36 46.57
CA GLN B 238 20.69 -54.68 46.00
C GLN B 238 21.43 -54.64 44.66
N VAL B 239 21.60 -53.44 44.11
CA VAL B 239 22.27 -53.29 42.83
C VAL B 239 23.66 -52.68 42.99
N GLU B 240 23.71 -51.42 43.40
CA GLU B 240 24.98 -50.74 43.59
C GLU B 240 25.51 -50.90 45.01
N LYS B 241 26.75 -51.36 45.10
CA LYS B 241 27.37 -51.56 46.40
C LYS B 241 28.40 -50.47 46.67
N ALA B 242 28.16 -49.69 47.70
CA ALA B 242 29.08 -48.65 48.09
C ALA B 242 30.10 -49.29 49.05
N CYS B 243 31.35 -48.84 48.98
CA CYS B 243 32.40 -49.36 49.85
C CYS B 243 33.00 -48.25 50.69
N PHE B 244 32.66 -47.01 50.36
CA PHE B 244 33.15 -45.85 51.08
C PHE B 244 32.20 -44.72 50.81
N GLU B 245 32.12 -43.78 51.75
CA GLU B 245 31.28 -42.62 51.62
C GLU B 245 32.16 -41.39 51.86
N ILE B 246 32.08 -40.42 50.96
CA ILE B 246 32.86 -39.19 51.09
C ILE B 246 32.02 -38.24 51.92
N VAL B 247 32.43 -38.05 53.17
CA VAL B 247 31.72 -37.22 54.14
C VAL B 247 32.00 -35.73 54.16
N TRP B 248 33.29 -35.39 54.16
CA TRP B 248 33.74 -34.02 54.27
C TRP B 248 35.11 -33.88 53.64
N THR B 249 35.42 -32.71 53.10
CA THR B 249 36.72 -32.48 52.47
C THR B 249 37.21 -31.07 52.75
N ALA B 250 38.53 -30.90 52.71
CA ALA B 250 39.16 -29.62 52.96
C ALA B 250 40.48 -29.55 52.22
N GLN B 251 40.87 -28.34 51.87
CA GLN B 251 42.13 -28.10 51.19
C GLN B 251 42.81 -26.91 51.86
N THR B 252 44.14 -26.98 51.98
CA THR B 252 44.87 -25.91 52.62
C THR B 252 46.30 -25.78 52.13
N VAL B 253 46.87 -24.61 52.40
CA VAL B 253 48.23 -24.31 52.04
C VAL B 253 49.06 -24.20 53.32
N VAL B 254 50.03 -25.09 53.44
CA VAL B 254 50.92 -25.11 54.57
C VAL B 254 51.65 -23.77 54.60
N PRO B 255 51.81 -23.16 55.79
CA PRO B 255 52.50 -21.88 55.92
C PRO B 255 54.01 -22.02 55.66
N ASN B 256 54.60 -20.98 55.09
CA ASN B 256 56.04 -20.97 54.80
C ASN B 256 56.50 -22.23 54.10
N SER B 257 55.85 -22.55 52.99
CA SER B 257 56.22 -23.75 52.24
C SER B 257 56.34 -23.41 50.76
N GLU B 258 56.28 -22.12 50.45
CA GLU B 258 56.36 -21.72 49.06
C GLU B 258 57.60 -22.24 48.34
N GLY B 259 57.37 -22.99 47.27
CA GLY B 259 58.47 -23.56 46.52
C GLY B 259 58.87 -24.96 46.95
N ALA B 260 58.30 -25.42 48.06
CA ALA B 260 58.59 -26.75 48.60
C ALA B 260 58.49 -27.82 47.51
N ILE B 261 57.37 -27.86 46.82
CA ILE B 261 57.16 -28.81 45.74
C ILE B 261 56.64 -28.05 44.53
N GLY B 262 57.34 -28.16 43.40
CA GLY B 262 56.92 -27.47 42.20
C GLY B 262 57.38 -28.18 40.95
N GLY B 263 56.94 -27.66 39.80
CA GLY B 263 57.31 -28.25 38.54
C GLY B 263 57.14 -27.24 37.42
N LYS B 264 57.84 -27.45 36.33
CA LYS B 264 57.73 -26.53 35.22
C LYS B 264 57.63 -27.28 33.90
N VAL B 265 56.63 -26.92 33.09
CA VAL B 265 56.47 -27.53 31.79
C VAL B 265 57.31 -26.66 30.86
N ARG B 266 58.45 -27.16 30.42
CA ARG B 266 59.34 -26.40 29.54
C ARG B 266 59.76 -27.18 28.29
N GLU B 267 60.59 -26.55 27.47
CA GLU B 267 61.07 -27.18 26.25
C GLU B 267 61.82 -28.49 26.51
N VAL B 268 62.30 -28.69 27.73
CA VAL B 268 62.98 -29.95 28.01
C VAL B 268 62.03 -30.91 28.69
N GLY B 269 60.73 -30.67 28.55
CA GLY B 269 59.76 -31.53 29.22
C GLY B 269 59.44 -30.94 30.59
N LEU B 270 58.89 -31.74 31.49
CA LEU B 270 58.53 -31.27 32.82
C LEU B 270 59.64 -31.38 33.85
N THR B 271 59.94 -30.28 34.52
CA THR B 271 61.00 -30.26 35.53
C THR B 271 60.43 -30.39 36.95
N PHE B 272 61.07 -31.24 37.74
CA PHE B 272 60.63 -31.49 39.11
C PHE B 272 61.53 -30.83 40.17
N GLN B 273 60.92 -30.00 41.02
CA GLN B 273 61.65 -29.34 42.09
C GLN B 273 61.03 -29.75 43.43
N LEU B 274 61.87 -30.27 44.33
CA LEU B 274 61.39 -30.73 45.64
C LEU B 274 62.37 -30.38 46.76
N LYS B 275 61.92 -29.61 47.75
CA LYS B 275 62.76 -29.22 48.88
C LYS B 275 62.83 -30.29 49.98
N GLY B 276 63.97 -30.35 50.67
CA GLY B 276 64.14 -31.31 51.75
C GLY B 276 63.23 -31.02 52.92
N ALA B 277 62.57 -29.86 52.90
CA ALA B 277 61.67 -29.45 53.97
C ALA B 277 60.28 -30.11 54.00
N VAL B 278 59.82 -30.61 52.85
CA VAL B 278 58.50 -31.24 52.73
C VAL B 278 58.04 -32.08 53.94
N PRO B 279 58.81 -33.10 54.33
CA PRO B 279 58.40 -33.92 55.48
C PRO B 279 58.11 -33.07 56.72
N ASP B 280 59.08 -32.26 57.13
CA ASP B 280 58.89 -31.39 58.27
C ASP B 280 57.58 -30.63 58.11
N LEU B 281 57.50 -29.87 57.02
CA LEU B 281 56.34 -29.04 56.71
C LEU B 281 55.00 -29.75 56.77
N ILE B 282 54.97 -31.02 56.38
CA ILE B 282 53.72 -31.74 56.43
C ILE B 282 53.43 -32.18 57.87
N SER B 283 54.45 -32.70 58.55
CA SER B 283 54.30 -33.15 59.93
C SER B 283 53.84 -32.06 60.87
N ALA B 284 54.40 -30.86 60.70
CA ALA B 284 54.11 -29.72 61.55
C ALA B 284 52.76 -29.06 61.31
N ASN B 285 51.95 -29.63 60.42
CA ASN B 285 50.67 -29.05 60.10
C ASN B 285 49.59 -30.10 59.92
N ILE B 286 49.99 -31.35 59.89
CA ILE B 286 49.04 -32.44 59.70
C ILE B 286 48.02 -32.55 60.82
N GLU B 287 48.43 -32.23 62.05
CA GLU B 287 47.51 -32.33 63.17
C GLU B 287 46.41 -31.29 63.12
N ASN B 288 46.75 -30.06 62.77
CA ASN B 288 45.75 -29.01 62.66
C ASN B 288 44.64 -29.53 61.76
N CYS B 289 45.02 -30.09 60.61
CA CYS B 289 44.08 -30.63 59.66
C CYS B 289 43.15 -31.64 60.30
N MET B 290 43.71 -32.54 61.10
CA MET B 290 42.91 -33.56 61.76
C MET B 290 41.83 -32.95 62.67
N VAL B 291 42.21 -32.02 63.56
CA VAL B 291 41.20 -31.41 64.45
C VAL B 291 40.15 -30.61 63.67
N GLU B 292 40.57 -30.00 62.57
CA GLU B 292 39.65 -29.23 61.74
C GLU B 292 38.63 -30.14 61.05
N ALA B 293 39.06 -31.35 60.74
CA ALA B 293 38.20 -32.33 60.07
C ALA B 293 37.43 -33.24 61.02
N PHE B 294 38.04 -33.66 62.12
CA PHE B 294 37.33 -34.59 63.00
C PHE B 294 36.65 -34.11 64.27
N SER B 295 37.09 -32.99 64.82
CA SER B 295 36.45 -32.49 66.03
C SER B 295 34.95 -32.35 65.83
N GLN B 296 34.53 -32.00 64.61
CA GLN B 296 33.11 -31.83 64.31
C GLN B 296 32.34 -33.14 64.46
N PHE B 297 33.06 -34.25 64.49
CA PHE B 297 32.45 -35.57 64.66
C PHE B 297 32.79 -36.08 66.05
N LYS B 298 33.36 -35.19 66.86
CA LYS B 298 33.77 -35.52 68.21
C LYS B 298 34.70 -36.71 68.17
N ILE B 299 35.84 -36.52 67.50
CA ILE B 299 36.86 -37.57 67.38
C ILE B 299 38.22 -36.94 67.68
N SER B 300 38.90 -37.46 68.69
CA SER B 300 40.19 -36.93 69.08
C SER B 300 41.31 -37.96 69.02
N ASP B 301 40.94 -39.24 69.03
CA ASP B 301 41.93 -40.31 68.97
C ASP B 301 42.12 -40.75 67.52
N TRP B 302 43.23 -40.30 66.93
CA TRP B 302 43.56 -40.60 65.53
C TRP B 302 43.56 -42.09 65.21
N ASN B 303 43.96 -42.91 66.16
CA ASN B 303 44.01 -44.34 65.96
C ASN B 303 42.65 -45.04 65.85
N LYS B 304 41.57 -44.29 66.01
CA LYS B 304 40.24 -44.88 65.90
C LYS B 304 39.68 -44.72 64.49
N LEU B 305 40.52 -44.22 63.58
CA LEU B 305 40.11 -44.02 62.19
C LEU B 305 41.04 -44.86 61.31
N PHE B 306 40.63 -45.20 60.10
CA PHE B 306 41.53 -45.93 59.22
C PHE B 306 42.28 -44.92 58.38
N TRP B 307 43.47 -45.30 57.89
CA TRP B 307 44.29 -44.37 57.13
C TRP B 307 44.59 -44.65 55.68
N VAL B 308 44.58 -43.57 54.91
CA VAL B 308 44.86 -43.56 53.48
C VAL B 308 45.69 -42.31 53.22
N VAL B 309 47.01 -42.47 53.18
CA VAL B 309 47.89 -41.34 52.95
C VAL B 309 48.65 -41.43 51.63
N HIS B 310 48.70 -40.32 50.90
CA HIS B 310 49.42 -40.29 49.64
C HIS B 310 50.89 -40.62 49.95
N PRO B 311 51.45 -41.66 49.31
CA PRO B 311 52.85 -42.03 49.54
C PRO B 311 53.87 -41.16 48.82
N GLY B 312 53.94 -39.89 49.20
CA GLY B 312 54.87 -38.96 48.57
C GLY B 312 56.35 -39.29 48.78
N GLY B 313 56.63 -40.15 49.77
CA GLY B 313 57.99 -40.55 50.09
C GLY B 313 58.03 -41.22 51.46
N ARG B 314 59.03 -42.06 51.69
CA ARG B 314 59.16 -42.78 52.96
C ARG B 314 59.25 -41.86 54.16
N ALA B 315 60.03 -40.78 54.03
CA ALA B 315 60.21 -39.85 55.12
C ALA B 315 58.90 -39.19 55.53
N ILE B 316 58.11 -38.74 54.57
CA ILE B 316 56.84 -38.09 54.87
C ILE B 316 55.91 -39.00 55.68
N LEU B 317 55.87 -40.27 55.33
CA LEU B 317 55.00 -41.21 56.04
C LEU B 317 55.44 -41.45 57.48
N ASP B 318 56.75 -41.64 57.68
CA ASP B 318 57.27 -41.88 59.02
C ASP B 318 57.03 -40.68 59.95
N ARG B 319 57.08 -39.47 59.38
CA ARG B 319 56.87 -38.25 60.12
C ARG B 319 55.43 -38.16 60.63
N VAL B 320 54.50 -38.24 59.70
CA VAL B 320 53.08 -38.18 60.02
C VAL B 320 52.77 -39.26 61.07
N GLU B 321 53.30 -40.46 60.88
CA GLU B 321 53.05 -41.55 61.82
C GLU B 321 53.60 -41.23 63.20
N ALA B 322 54.61 -40.38 63.27
CA ALA B 322 55.19 -40.04 64.56
C ALA B 322 54.47 -38.85 65.18
N LYS B 323 54.37 -37.75 64.44
CA LYS B 323 53.72 -36.58 64.97
C LYS B 323 52.31 -36.88 65.45
N LEU B 324 51.73 -37.96 64.94
CA LEU B 324 50.37 -38.39 65.30
C LEU B 324 50.42 -39.72 66.05
N ASN B 325 51.62 -40.28 66.13
CA ASN B 325 51.88 -41.58 66.76
C ASN B 325 50.77 -42.60 66.54
N LEU B 326 50.38 -42.74 65.28
CA LEU B 326 49.37 -43.71 64.88
C LEU B 326 50.08 -45.03 65.15
N ASP B 327 49.33 -46.08 65.50
CA ASP B 327 50.00 -47.35 65.76
C ASP B 327 50.53 -47.88 64.44
N PRO B 328 51.39 -48.90 64.47
CA PRO B 328 51.99 -49.51 63.27
C PRO B 328 51.03 -50.05 62.22
N THR B 329 49.77 -50.25 62.58
CA THR B 329 48.80 -50.80 61.64
C THR B 329 48.13 -49.81 60.69
N LYS B 330 48.27 -48.52 60.97
CA LYS B 330 47.63 -47.49 60.15
C LYS B 330 48.14 -47.28 58.72
N LEU B 331 49.45 -47.18 58.57
CA LEU B 331 50.01 -46.95 57.24
C LEU B 331 50.29 -48.21 56.43
N ILE B 332 49.85 -49.36 56.93
CA ILE B 332 50.10 -50.62 56.24
C ILE B 332 49.55 -50.68 54.80
N PRO B 333 48.27 -50.33 54.58
CA PRO B 333 47.80 -50.40 53.20
C PRO B 333 48.55 -49.35 52.36
N THR B 334 48.76 -48.17 52.94
CA THR B 334 49.45 -47.09 52.25
C THR B 334 50.89 -47.50 51.86
N ARG B 335 51.60 -48.16 52.77
CA ARG B 335 52.99 -48.59 52.50
C ARG B 335 52.99 -49.79 51.56
N HIS B 336 51.89 -50.54 51.60
CA HIS B 336 51.75 -51.71 50.76
C HIS B 336 51.80 -51.20 49.32
N VAL B 337 51.00 -50.17 49.06
CA VAL B 337 50.95 -49.57 47.73
C VAL B 337 52.28 -48.95 47.33
N MET B 338 52.85 -48.12 48.20
CA MET B 338 54.12 -47.47 47.87
C MET B 338 55.19 -48.50 47.51
N SER B 339 55.25 -49.59 48.27
CA SER B 339 56.23 -50.65 48.02
C SER B 339 56.08 -51.31 46.63
N GLU B 340 54.85 -51.66 46.27
CA GLU B 340 54.56 -52.32 45.00
C GLU B 340 54.34 -51.39 43.81
N TYR B 341 53.95 -50.15 44.05
CA TYR B 341 53.68 -49.22 42.95
C TYR B 341 54.46 -47.91 42.94
N GLY B 342 55.18 -47.60 44.00
CA GLY B 342 55.92 -46.35 44.02
C GLY B 342 54.99 -45.15 44.14
N ASN B 343 55.47 -43.97 43.77
CA ASN B 343 54.65 -42.76 43.85
C ASN B 343 53.98 -42.51 42.51
N MET B 344 52.77 -43.01 42.38
CA MET B 344 52.01 -42.86 41.16
C MET B 344 51.23 -41.55 41.13
N SER B 345 51.68 -40.59 41.93
CA SER B 345 51.05 -39.29 42.00
C SER B 345 49.60 -39.35 42.45
N SER B 346 48.74 -38.63 41.73
CA SER B 346 47.31 -38.57 42.06
C SER B 346 46.58 -39.91 42.16
N ALA B 347 47.05 -40.92 41.43
CA ALA B 347 46.44 -42.23 41.45
C ALA B 347 46.69 -43.02 42.75
N CYS B 348 47.85 -42.81 43.37
CA CYS B 348 48.23 -43.49 44.62
C CYS B 348 47.11 -43.75 45.64
N VAL B 349 46.53 -42.66 46.14
CA VAL B 349 45.47 -42.73 47.16
C VAL B 349 44.29 -43.64 46.83
N HIS B 350 43.92 -43.70 45.55
CA HIS B 350 42.81 -44.56 45.15
C HIS B 350 43.26 -46.02 45.14
N PHE B 351 44.54 -46.25 44.81
CA PHE B 351 45.09 -47.59 44.82
C PHE B 351 45.09 -48.08 46.28
N ILE B 352 45.31 -47.15 47.20
CA ILE B 352 45.32 -47.50 48.62
C ILE B 352 43.89 -47.78 49.07
N LEU B 353 42.94 -47.01 48.55
CA LEU B 353 41.51 -47.18 48.90
C LEU B 353 41.03 -48.59 48.53
N ASP B 354 41.52 -49.10 47.40
CA ASP B 354 41.19 -50.44 46.93
C ASP B 354 41.94 -51.43 47.82
N GLN B 355 43.21 -51.14 48.10
CA GLN B 355 44.00 -52.01 48.95
C GLN B 355 43.35 -52.18 50.31
N THR B 356 42.75 -51.09 50.82
CA THR B 356 42.09 -51.07 52.12
C THR B 356 40.83 -51.91 52.16
N ARG B 357 39.97 -51.76 51.16
CA ARG B 357 38.75 -52.54 51.14
C ARG B 357 39.08 -54.00 50.85
N LYS B 358 40.20 -54.25 50.17
CA LYS B 358 40.61 -55.61 49.85
C LYS B 358 41.04 -56.32 51.13
N ALA B 359 41.95 -55.71 51.87
CA ALA B 359 42.42 -56.28 53.12
C ALA B 359 41.25 -56.54 54.05
N SER B 360 40.33 -55.56 54.14
CA SER B 360 39.16 -55.71 55.00
C SER B 360 38.42 -57.00 54.68
N LEU B 361 38.24 -57.26 53.40
CA LEU B 361 37.54 -58.46 52.96
C LEU B 361 38.32 -59.71 53.34
N GLN B 362 39.58 -59.77 52.92
CA GLN B 362 40.42 -60.93 53.19
C GLN B 362 40.76 -61.13 54.67
N ASN B 363 40.27 -60.29 55.55
CA ASN B 363 40.60 -60.46 56.96
C ASN B 363 39.39 -60.51 57.86
N GLY B 364 38.22 -60.71 57.27
CA GLY B 364 36.99 -60.79 58.04
C GLY B 364 36.68 -59.56 58.88
N CYS B 365 37.08 -58.38 58.40
CA CYS B 365 36.82 -57.15 59.14
C CYS B 365 35.37 -56.72 59.03
N SER B 366 34.83 -56.13 60.08
CA SER B 366 33.44 -55.71 60.08
C SER B 366 33.07 -54.70 58.99
N THR B 367 34.01 -53.86 58.57
CA THR B 367 33.74 -52.85 57.54
C THR B 367 34.82 -52.77 56.46
N THR B 368 34.54 -52.00 55.41
CA THR B 368 35.51 -51.82 54.32
C THR B 368 36.70 -50.99 54.78
N GLY B 369 36.59 -50.36 55.95
CA GLY B 369 37.69 -49.56 56.48
C GLY B 369 38.43 -50.30 57.57
N GLU B 370 38.65 -51.59 57.37
CA GLU B 370 39.35 -52.44 58.33
C GLU B 370 38.74 -52.39 59.73
N GLY B 371 37.42 -52.58 59.80
CA GLY B 371 36.73 -52.58 61.07
C GLY B 371 36.32 -51.22 61.62
N LEU B 372 37.07 -50.17 61.29
CA LEU B 372 36.73 -48.86 61.79
C LEU B 372 35.69 -48.22 60.90
N GLU B 373 34.83 -47.41 61.49
CA GLU B 373 33.75 -46.77 60.75
C GLU B 373 34.16 -45.49 60.02
N MET B 374 35.02 -44.69 60.62
CA MET B 374 35.48 -43.45 59.99
C MET B 374 36.98 -43.46 59.67
N GLY B 375 37.36 -42.68 58.67
CA GLY B 375 38.76 -42.60 58.28
C GLY B 375 39.11 -41.30 57.57
N VAL B 376 40.41 -41.04 57.44
CA VAL B 376 40.86 -39.84 56.76
C VAL B 376 41.70 -40.26 55.57
N LEU B 377 41.74 -39.40 54.57
CA LEU B 377 42.52 -39.64 53.36
C LEU B 377 43.28 -38.36 53.09
N PHE B 378 44.58 -38.45 52.81
CA PHE B 378 45.39 -37.24 52.58
C PHE B 378 46.04 -37.11 51.22
N GLY B 379 46.16 -35.87 50.78
CA GLY B 379 46.81 -35.60 49.51
C GLY B 379 47.87 -34.52 49.72
N PHE B 380 49.08 -34.77 49.26
CA PHE B 380 50.16 -33.79 49.42
C PHE B 380 50.74 -33.38 48.07
N GLY B 381 50.96 -32.07 47.86
CA GLY B 381 51.51 -31.61 46.58
C GLY B 381 51.92 -30.15 46.49
N PRO B 382 52.33 -29.66 45.32
CA PRO B 382 52.74 -28.27 45.11
C PRO B 382 51.96 -27.30 46.02
N GLY B 383 52.56 -26.40 46.80
CA GLY B 383 51.65 -25.50 47.55
C GLY B 383 52.46 -24.73 48.61
N LEU B 384 52.87 -25.49 49.63
CA LEU B 384 52.53 -26.88 49.55
C LEU B 384 51.06 -27.07 49.90
N THR B 385 50.42 -27.89 49.11
CA THR B 385 49.01 -28.05 49.38
C THR B 385 48.67 -29.34 50.15
N ILE B 386 47.76 -29.22 51.13
CA ILE B 386 47.28 -30.39 51.86
C ILE B 386 45.78 -30.58 51.60
N GLU B 387 45.44 -31.73 51.04
CA GLU B 387 44.04 -32.07 50.74
C GLU B 387 43.56 -33.10 51.75
N THR B 388 42.50 -32.78 52.49
CA THR B 388 41.97 -33.71 53.47
C THR B 388 40.61 -34.22 52.99
N VAL B 389 40.29 -35.46 53.34
CA VAL B 389 39.02 -36.06 52.98
C VAL B 389 38.60 -37.04 54.07
N VAL B 390 37.40 -36.84 54.58
CA VAL B 390 36.85 -37.69 55.61
C VAL B 390 35.94 -38.74 55.01
N LEU B 391 36.22 -39.99 55.34
CA LEU B 391 35.43 -41.07 54.80
C LEU B 391 34.58 -41.75 55.84
N LYS B 392 33.70 -42.61 55.37
CA LYS B 392 32.83 -43.39 56.23
C LYS B 392 32.88 -44.76 55.56
N SER B 393 33.43 -45.75 56.24
CA SER B 393 33.49 -47.07 55.64
C SER B 393 32.06 -47.58 55.52
N VAL B 394 31.95 -48.80 55.03
CA VAL B 394 30.66 -49.43 54.88
C VAL B 394 30.80 -50.78 55.52
N PRO B 395 29.73 -51.24 56.20
CA PRO B 395 29.76 -52.55 56.86
C PRO B 395 29.78 -53.65 55.83
N ILE B 396 30.51 -54.73 56.10
CA ILE B 396 30.54 -55.86 55.19
C ILE B 396 29.76 -56.96 55.90
N GLN B 397 28.70 -57.43 55.25
CA GLN B 397 27.83 -58.47 55.79
C GLN B 397 28.44 -59.87 55.78
N ASP C 9 -64.78 14.23 -8.18
CA ASP C 9 -65.90 14.46 -9.15
C ASP C 9 -65.39 14.70 -10.54
N PHE C 10 -65.13 13.62 -11.28
CA PHE C 10 -64.60 13.79 -12.61
C PHE C 10 -65.52 14.49 -13.59
N GLU C 11 -66.81 14.23 -13.50
CA GLU C 11 -67.75 14.85 -14.42
C GLU C 11 -67.74 16.38 -14.35
N GLY C 12 -67.21 16.96 -13.28
CA GLY C 12 -67.19 18.42 -13.19
C GLY C 12 -65.92 18.95 -13.83
N PHE C 13 -64.83 18.24 -13.62
CA PHE C 13 -63.53 18.61 -14.15
C PHE C 13 -63.54 18.60 -15.67
N ARG C 14 -64.28 17.67 -16.27
CA ARG C 14 -64.37 17.59 -17.73
C ARG C 14 -64.99 18.88 -18.24
N LYS C 15 -65.95 19.43 -17.51
CA LYS C 15 -66.61 20.64 -17.96
C LYS C 15 -65.74 21.87 -17.74
N LEU C 16 -65.00 21.92 -16.65
CA LEU C 16 -64.16 23.08 -16.41
C LEU C 16 -62.94 23.04 -17.34
N GLN C 17 -62.46 21.83 -17.63
CA GLN C 17 -61.31 21.65 -18.50
C GLN C 17 -61.49 22.21 -19.93
N ARG C 18 -62.72 22.21 -20.45
CA ARG C 18 -62.97 22.69 -21.81
C ARG C 18 -63.47 24.14 -21.94
N ALA C 19 -63.30 24.71 -23.13
CA ALA C 19 -63.71 26.09 -23.41
C ALA C 19 -65.15 26.07 -23.89
N ASP C 20 -65.75 27.24 -24.02
CA ASP C 20 -67.14 27.31 -24.44
C ASP C 20 -67.35 27.55 -25.93
N GLY C 21 -67.13 28.79 -26.37
CA GLY C 21 -67.34 29.14 -27.76
C GLY C 21 -66.59 28.42 -28.86
N PHE C 22 -66.62 29.05 -30.04
CA PHE C 22 -65.95 28.51 -31.21
C PHE C 22 -64.49 28.90 -31.18
N ALA C 23 -63.63 28.05 -31.74
CA ALA C 23 -62.22 28.34 -31.83
C ALA C 23 -62.12 29.48 -32.83
N SER C 24 -61.36 30.52 -32.48
CA SER C 24 -61.24 31.71 -33.31
C SER C 24 -59.81 32.10 -33.67
N ILE C 25 -59.67 32.83 -34.77
CA ILE C 25 -58.36 33.31 -35.20
C ILE C 25 -58.21 34.74 -34.66
N LEU C 26 -57.34 34.91 -33.69
CA LEU C 26 -57.13 36.20 -33.03
C LEU C 26 -56.00 37.02 -33.67
N ALA C 27 -55.16 36.36 -34.45
CA ALA C 27 -54.05 37.05 -35.10
C ALA C 27 -53.44 36.28 -36.27
N ILE C 28 -52.98 37.04 -37.25
CA ILE C 28 -52.36 36.46 -38.42
C ILE C 28 -51.07 37.20 -38.76
N GLY C 29 -49.97 36.47 -38.78
CA GLY C 29 -48.68 37.05 -39.10
C GLY C 29 -48.14 36.35 -40.33
N THR C 30 -47.50 37.10 -41.22
CA THR C 30 -46.94 36.55 -42.45
C THR C 30 -45.47 36.94 -42.72
N ALA C 31 -44.76 36.12 -43.49
CA ALA C 31 -43.36 36.37 -43.80
C ALA C 31 -42.83 35.53 -44.95
N ASN C 32 -41.99 36.16 -45.78
CA ASN C 32 -41.37 35.50 -46.91
C ASN C 32 -39.87 35.83 -46.92
N PRO C 33 -39.04 34.99 -47.56
CA PRO C 33 -37.60 35.26 -47.61
C PRO C 33 -37.36 36.58 -48.37
N PRO C 34 -36.17 37.18 -48.23
CA PRO C 34 -35.78 38.45 -48.90
C PRO C 34 -35.88 38.46 -50.42
N ASN C 35 -35.09 37.59 -51.05
CA ASN C 35 -35.07 37.52 -52.50
C ASN C 35 -36.44 37.35 -53.14
N ALA C 36 -36.86 38.36 -53.90
CA ALA C 36 -38.15 38.33 -54.59
C ALA C 36 -37.81 38.12 -56.06
N VAL C 37 -38.19 36.95 -56.58
CA VAL C 37 -37.89 36.61 -57.96
C VAL C 37 -39.08 36.85 -58.91
N ASP C 38 -38.87 37.72 -59.90
CA ASP C 38 -39.90 38.03 -60.87
C ASP C 38 -40.07 36.80 -61.74
N GLN C 39 -41.32 36.35 -61.89
CA GLN C 39 -41.62 35.19 -62.70
C GLN C 39 -41.24 35.50 -64.14
N SER C 40 -41.32 36.78 -64.49
CA SER C 40 -41.03 37.24 -65.86
C SER C 40 -39.66 36.86 -66.39
N THR C 41 -38.66 36.92 -65.52
CA THR C 41 -37.30 36.62 -65.94
C THR C 41 -36.84 35.28 -65.37
N TYR C 42 -37.72 34.59 -64.65
CA TYR C 42 -37.30 33.32 -64.04
C TYR C 42 -36.81 32.27 -65.01
N PRO C 43 -37.47 32.13 -66.17
CA PRO C 43 -37.03 31.12 -67.13
C PRO C 43 -35.54 31.25 -67.51
N ASP C 44 -35.11 32.46 -67.87
CA ASP C 44 -33.72 32.72 -68.23
C ASP C 44 -32.77 32.43 -67.06
N PHE C 45 -33.16 32.90 -65.89
CA PHE C 45 -32.37 32.71 -64.68
C PHE C 45 -32.27 31.22 -64.29
N TYR C 46 -33.40 30.52 -64.36
CA TYR C 46 -33.48 29.10 -63.99
C TYR C 46 -32.65 28.18 -64.91
N PHE C 47 -32.63 28.47 -66.21
CA PHE C 47 -31.86 27.66 -67.16
C PHE C 47 -30.40 28.06 -67.21
N ARG C 48 -30.12 29.28 -66.77
CA ARG C 48 -28.75 29.78 -66.71
C ARG C 48 -28.09 29.17 -65.47
N ILE C 49 -28.71 29.39 -64.31
CA ILE C 49 -28.22 28.88 -63.04
C ILE C 49 -28.08 27.35 -63.00
N THR C 50 -29.01 26.65 -63.67
CA THR C 50 -29.01 25.20 -63.75
C THR C 50 -28.19 24.71 -64.95
N GLY C 51 -27.54 25.65 -65.62
CA GLY C 51 -26.72 25.30 -66.78
C GLY C 51 -27.44 24.49 -67.85
N ASN C 52 -28.48 25.08 -68.43
CA ASN C 52 -29.23 24.40 -69.48
C ASN C 52 -29.52 25.35 -70.62
N GLU C 53 -28.79 26.45 -70.66
CA GLU C 53 -28.93 27.47 -71.70
C GLU C 53 -29.04 26.77 -73.06
N HIS C 54 -28.13 25.81 -73.27
CA HIS C 54 -28.06 25.04 -74.51
C HIS C 54 -29.38 24.40 -74.95
N ASN C 55 -30.18 23.93 -73.99
CA ASN C 55 -31.45 23.28 -74.31
C ASN C 55 -32.59 24.25 -74.62
N THR C 56 -32.54 24.85 -75.80
CA THR C 56 -33.56 25.79 -76.27
C THR C 56 -34.97 25.17 -76.22
N GLU C 57 -35.07 23.90 -76.60
CA GLU C 57 -36.34 23.18 -76.60
C GLU C 57 -37.02 23.20 -75.22
N LEU C 58 -36.30 22.70 -74.23
CA LEU C 58 -36.82 22.62 -72.87
C LEU C 58 -37.09 24.00 -72.25
N LYS C 59 -36.27 24.98 -72.59
CA LYS C 59 -36.48 26.30 -72.01
C LYS C 59 -37.80 26.94 -72.42
N ASP C 60 -38.22 26.75 -73.68
CA ASP C 60 -39.47 27.33 -74.15
C ASP C 60 -40.64 26.65 -73.45
N LYS C 61 -40.49 25.36 -73.20
CA LYS C 61 -41.54 24.60 -72.54
C LYS C 61 -41.77 25.20 -71.15
N PHE C 62 -40.69 25.48 -70.43
CA PHE C 62 -40.74 26.07 -69.10
C PHE C 62 -41.19 27.53 -69.19
N LYS C 63 -40.63 28.25 -70.16
CA LYS C 63 -40.97 29.66 -70.38
C LYS C 63 -42.49 29.85 -70.51
N ARG C 64 -43.15 28.97 -71.26
CA ARG C 64 -44.59 29.06 -71.45
C ARG C 64 -45.34 28.71 -70.15
N ILE C 65 -44.92 27.65 -69.48
CA ILE C 65 -45.55 27.25 -68.22
C ILE C 65 -45.57 28.44 -67.26
N CYS C 66 -44.45 29.15 -67.21
CA CYS C 66 -44.33 30.29 -66.34
C CYS C 66 -45.28 31.43 -66.73
N GLU C 67 -45.26 31.82 -68.00
CA GLU C 67 -46.13 32.92 -68.41
C GLU C 67 -47.61 32.60 -68.39
N ARG C 68 -47.97 31.36 -68.09
CA ARG C 68 -49.38 31.00 -68.00
C ARG C 68 -49.79 30.67 -66.56
N SER C 69 -48.80 30.61 -65.67
CA SER C 69 -49.02 30.28 -64.26
C SER C 69 -49.88 31.27 -63.49
N ALA C 70 -50.01 32.50 -63.99
CA ALA C 70 -50.79 33.52 -63.32
C ALA C 70 -50.05 34.02 -62.07
N ILE C 71 -48.78 33.67 -61.98
CA ILE C 71 -47.94 34.07 -60.86
C ILE C 71 -47.00 35.17 -61.35
N LYS C 72 -46.94 36.28 -60.64
CA LYS C 72 -46.08 37.39 -61.03
C LYS C 72 -44.76 37.36 -60.28
N GLN C 73 -44.77 36.83 -59.07
CA GLN C 73 -43.53 36.79 -58.30
C GLN C 73 -43.60 35.78 -57.18
N ARG C 74 -42.44 35.44 -56.64
CA ARG C 74 -42.34 34.49 -55.56
C ARG C 74 -41.13 34.88 -54.76
N TYR C 75 -41.12 34.48 -53.50
CA TYR C 75 -39.98 34.75 -52.65
C TYR C 75 -39.32 33.43 -52.48
N MET C 76 -38.04 33.37 -52.82
CA MET C 76 -37.27 32.16 -52.70
C MET C 76 -36.08 32.38 -51.77
N TYR C 77 -35.92 31.48 -50.82
CA TYR C 77 -34.79 31.56 -49.91
C TYR C 77 -33.54 31.28 -50.75
N LEU C 78 -33.68 30.41 -51.73
CA LEU C 78 -32.58 30.09 -52.65
C LEU C 78 -32.27 31.29 -53.54
N THR C 79 -31.02 31.72 -53.51
CA THR C 79 -30.55 32.86 -54.31
C THR C 79 -29.47 32.37 -55.27
N GLU C 80 -29.06 33.23 -56.19
CA GLU C 80 -28.03 32.85 -57.14
C GLU C 80 -26.75 32.57 -56.37
N GLU C 81 -26.64 33.19 -55.21
CA GLU C 81 -25.45 33.01 -54.37
C GLU C 81 -25.39 31.57 -53.88
N ILE C 82 -26.45 31.17 -53.19
CA ILE C 82 -26.56 29.82 -52.65
C ILE C 82 -26.44 28.75 -53.75
N LEU C 83 -27.03 29.00 -54.91
CA LEU C 83 -26.98 28.02 -55.99
C LEU C 83 -25.57 27.82 -56.53
N LYS C 84 -24.86 28.92 -56.80
CA LYS C 84 -23.49 28.82 -57.32
C LYS C 84 -22.59 28.15 -56.31
N LYS C 85 -23.06 28.09 -55.07
CA LYS C 85 -22.32 27.46 -53.98
C LYS C 85 -22.83 26.03 -53.78
N ASN C 86 -24.01 25.72 -54.33
CA ASN C 86 -24.58 24.38 -54.22
C ASN C 86 -24.89 23.82 -55.60
N PRO C 87 -23.85 23.52 -56.38
CA PRO C 87 -24.04 22.99 -57.73
C PRO C 87 -24.93 21.77 -57.67
N ASP C 88 -24.61 20.90 -56.72
CA ASP C 88 -25.33 19.66 -56.50
C ASP C 88 -26.85 19.85 -56.61
N VAL C 89 -27.34 20.95 -56.03
CA VAL C 89 -28.76 21.30 -56.03
C VAL C 89 -29.34 21.70 -57.39
N CYS C 90 -28.46 22.08 -58.31
CA CYS C 90 -28.91 22.49 -59.64
C CYS C 90 -29.01 21.28 -60.58
N ALA C 91 -28.40 20.17 -60.20
CA ALA C 91 -28.49 18.98 -61.05
C ALA C 91 -29.95 18.62 -61.03
N PHE C 92 -30.34 17.60 -61.78
CA PHE C 92 -31.74 17.16 -61.78
C PHE C 92 -31.84 16.07 -60.73
N VAL C 93 -31.25 14.92 -61.07
CA VAL C 93 -31.28 13.78 -60.18
C VAL C 93 -30.03 12.89 -60.35
N GLU C 94 -29.00 13.45 -60.97
CA GLU C 94 -27.75 12.73 -61.24
C GLU C 94 -26.80 12.60 -60.06
N VAL C 95 -26.85 13.54 -59.13
CA VAL C 95 -26.00 13.45 -57.94
C VAL C 95 -26.92 13.73 -56.75
N PRO C 96 -26.61 13.14 -55.59
CA PRO C 96 -27.48 13.39 -54.43
C PRO C 96 -27.35 14.83 -54.00
N SER C 97 -28.34 15.32 -53.26
CA SER C 97 -28.29 16.70 -52.78
C SER C 97 -29.12 16.85 -51.50
N LEU C 98 -29.54 15.73 -50.92
CA LEU C 98 -30.36 15.74 -49.72
C LEU C 98 -29.73 16.44 -48.52
N ASP C 99 -28.50 16.05 -48.16
CA ASP C 99 -27.82 16.64 -47.00
C ASP C 99 -27.65 18.15 -47.10
N ALA C 100 -27.35 18.63 -48.30
CA ALA C 100 -27.17 20.07 -48.50
C ALA C 100 -28.49 20.80 -48.26
N ARG C 101 -29.60 20.18 -48.70
CA ARG C 101 -30.92 20.78 -48.54
C ARG C 101 -31.33 20.76 -47.06
N GLN C 102 -31.12 19.62 -46.40
CA GLN C 102 -31.46 19.47 -44.99
C GLN C 102 -30.85 20.58 -44.15
N ALA C 103 -29.60 20.94 -44.44
CA ALA C 103 -28.92 22.01 -43.69
C ALA C 103 -29.58 23.34 -43.99
N MET C 104 -29.94 23.54 -45.26
CA MET C 104 -30.60 24.77 -45.65
C MET C 104 -31.91 24.83 -44.85
N LEU C 105 -32.64 23.72 -44.94
CA LEU C 105 -33.93 23.58 -44.28
C LEU C 105 -33.87 23.71 -42.76
N ALA C 106 -32.83 23.12 -42.16
CA ALA C 106 -32.67 23.17 -40.70
C ALA C 106 -32.70 24.61 -40.20
N MET C 107 -32.17 25.52 -41.00
CA MET C 107 -32.12 26.92 -40.61
C MET C 107 -33.26 27.80 -41.10
N GLU C 108 -33.49 27.80 -42.40
CA GLU C 108 -34.50 28.63 -43.04
C GLU C 108 -35.94 28.44 -42.57
N VAL C 109 -36.41 27.19 -42.53
CA VAL C 109 -37.78 26.93 -42.11
C VAL C 109 -38.13 27.51 -40.71
N PRO C 110 -37.33 27.19 -39.67
CA PRO C 110 -37.65 27.75 -38.35
C PRO C 110 -37.59 29.27 -38.35
N ARG C 111 -36.57 29.81 -39.00
CA ARG C 111 -36.37 31.25 -39.09
C ARG C 111 -37.60 31.97 -39.69
N LEU C 112 -38.17 31.43 -40.77
CA LEU C 112 -39.33 32.04 -41.37
C LEU C 112 -40.51 31.92 -40.42
N ALA C 113 -40.67 30.73 -39.84
CA ALA C 113 -41.72 30.49 -38.87
C ALA C 113 -41.61 31.57 -37.79
N LYS C 114 -40.41 31.75 -37.25
CA LYS C 114 -40.10 32.73 -36.21
C LYS C 114 -40.44 34.16 -36.58
N GLU C 115 -40.18 34.54 -37.81
CA GLU C 115 -40.48 35.89 -38.24
C GLU C 115 -41.99 36.13 -38.30
N ALA C 116 -42.74 35.15 -38.78
CA ALA C 116 -44.19 35.30 -38.89
C ALA C 116 -44.92 35.22 -37.54
N ALA C 117 -44.58 34.23 -36.72
CA ALA C 117 -45.28 34.13 -35.43
C ALA C 117 -45.09 35.39 -34.61
N GLU C 118 -43.90 35.98 -34.66
CA GLU C 118 -43.65 37.22 -33.92
C GLU C 118 -44.64 38.29 -34.39
N LYS C 119 -44.89 38.33 -35.70
CA LYS C 119 -45.83 39.27 -36.27
C LYS C 119 -47.23 38.97 -35.77
N ALA C 120 -47.50 37.69 -35.49
CA ALA C 120 -48.81 37.31 -35.00
C ALA C 120 -48.89 37.62 -33.51
N ILE C 121 -47.82 37.37 -32.79
CA ILE C 121 -47.79 37.63 -31.36
C ILE C 121 -48.03 39.11 -31.14
N GLN C 122 -47.44 39.96 -31.98
CA GLN C 122 -47.62 41.39 -31.80
C GLN C 122 -49.07 41.80 -32.06
N GLU C 123 -49.61 41.38 -33.19
CA GLU C 123 -50.99 41.74 -33.48
C GLU C 123 -51.83 41.30 -32.27
N TRP C 124 -51.62 40.04 -31.87
CA TRP C 124 -52.33 39.46 -30.76
C TRP C 124 -52.26 40.40 -29.55
N GLY C 125 -51.06 40.85 -29.22
CA GLY C 125 -50.90 41.77 -28.11
C GLY C 125 -50.73 41.13 -26.74
N GLN C 126 -50.97 39.84 -26.64
CA GLN C 126 -50.81 39.18 -25.35
C GLN C 126 -49.38 38.68 -25.18
N SER C 127 -49.01 38.31 -23.96
CA SER C 127 -47.67 37.80 -23.69
C SER C 127 -47.52 36.39 -24.28
N LYS C 128 -46.39 36.17 -24.97
CA LYS C 128 -46.11 34.88 -25.59
C LYS C 128 -46.29 33.74 -24.61
N SER C 129 -46.10 34.03 -23.32
CA SER C 129 -46.23 32.99 -22.29
C SER C 129 -47.64 32.45 -22.16
N GLY C 130 -48.62 33.16 -22.72
CA GLY C 130 -50.00 32.71 -22.69
C GLY C 130 -50.30 31.64 -23.74
N ILE C 131 -49.35 31.42 -24.66
CA ILE C 131 -49.49 30.40 -25.70
C ILE C 131 -49.33 29.03 -25.04
N THR C 132 -50.37 28.20 -25.16
CA THR C 132 -50.37 26.85 -24.59
C THR C 132 -50.00 25.77 -25.62
N HIS C 133 -50.48 25.92 -26.83
CA HIS C 133 -50.20 24.92 -27.85
C HIS C 133 -49.48 25.47 -29.06
N LEU C 134 -48.78 24.58 -29.75
CA LEU C 134 -48.04 24.90 -30.96
C LEU C 134 -48.29 23.86 -32.04
N ILE C 135 -48.79 24.31 -33.20
CA ILE C 135 -48.99 23.40 -34.32
C ILE C 135 -48.07 23.96 -35.40
N PHE C 136 -47.04 23.20 -35.73
CA PHE C 136 -46.07 23.59 -36.74
C PHE C 136 -46.21 22.71 -37.98
N CYS C 137 -46.28 23.36 -39.14
CA CYS C 137 -46.45 22.63 -40.38
C CYS C 137 -45.43 23.00 -41.45
N SER C 138 -44.86 21.97 -42.07
CA SER C 138 -43.91 22.18 -43.17
C SER C 138 -43.93 20.93 -44.03
N THR C 139 -43.58 21.07 -45.30
CA THR C 139 -43.57 19.93 -46.20
C THR C 139 -42.74 18.79 -45.63
N THR C 140 -41.56 19.12 -45.10
CA THR C 140 -40.68 18.14 -44.51
C THR C 140 -39.89 18.80 -43.38
N THR C 141 -39.31 17.97 -42.52
CA THR C 141 -38.46 18.45 -41.44
C THR C 141 -37.22 17.55 -41.45
N PRO C 142 -36.03 18.16 -41.48
CA PRO C 142 -34.76 17.43 -41.51
C PRO C 142 -34.37 16.49 -40.37
N ASP C 143 -34.69 16.88 -39.14
CA ASP C 143 -34.31 16.09 -37.97
C ASP C 143 -35.43 15.73 -36.98
N LEU C 144 -34.98 15.31 -35.80
CA LEU C 144 -35.84 15.01 -34.65
C LEU C 144 -34.99 15.61 -33.54
N PRO C 145 -35.54 16.55 -32.76
CA PRO C 145 -36.89 17.12 -32.89
C PRO C 145 -37.17 17.76 -34.23
N GLY C 146 -38.46 17.88 -34.56
CA GLY C 146 -38.86 18.50 -35.80
C GLY C 146 -38.78 20.01 -35.70
N ALA C 147 -39.06 20.71 -36.80
CA ALA C 147 -39.00 22.16 -36.78
C ALA C 147 -39.91 22.77 -35.72
N ASP C 148 -40.86 22.00 -35.22
CA ASP C 148 -41.74 22.54 -34.19
C ASP C 148 -40.96 22.86 -32.91
N PHE C 149 -40.05 21.97 -32.51
CA PHE C 149 -39.26 22.21 -31.30
C PHE C 149 -38.41 23.46 -31.46
N GLU C 150 -37.70 23.52 -32.59
CA GLU C 150 -36.82 24.64 -32.91
C GLU C 150 -37.52 25.99 -33.00
N VAL C 151 -38.80 25.97 -33.37
CA VAL C 151 -39.57 27.21 -33.47
C VAL C 151 -39.95 27.78 -32.11
N ALA C 152 -40.33 26.91 -31.18
CA ALA C 152 -40.71 27.38 -29.86
C ALA C 152 -39.47 27.88 -29.13
N LYS C 153 -38.32 27.36 -29.53
CA LYS C 153 -37.04 27.74 -28.93
C LYS C 153 -36.67 29.16 -29.36
N LEU C 154 -36.77 29.42 -30.65
CA LEU C 154 -36.43 30.73 -31.20
C LEU C 154 -37.34 31.84 -30.70
N LEU C 155 -38.62 31.51 -30.53
CA LEU C 155 -39.61 32.47 -30.04
C LEU C 155 -39.52 32.63 -28.53
N GLY C 156 -38.79 31.74 -27.88
CA GLY C 156 -38.65 31.80 -26.44
C GLY C 156 -39.92 31.42 -25.70
N LEU C 157 -40.68 30.48 -26.28
CA LEU C 157 -41.94 30.03 -25.67
C LEU C 157 -41.76 29.15 -24.41
N HIS C 158 -42.78 29.12 -23.56
CA HIS C 158 -42.73 28.34 -22.33
C HIS C 158 -42.38 26.89 -22.64
N PRO C 159 -41.57 26.24 -21.79
CA PRO C 159 -41.21 24.85 -22.05
C PRO C 159 -42.36 23.85 -21.93
N SER C 160 -43.52 24.29 -21.45
CA SER C 160 -44.65 23.40 -21.32
C SER C 160 -45.68 23.54 -22.44
N VAL C 161 -45.33 24.27 -23.49
CA VAL C 161 -46.23 24.44 -24.63
C VAL C 161 -46.42 23.13 -25.37
N LYS C 162 -47.65 22.67 -25.48
CA LYS C 162 -47.92 21.43 -26.20
C LYS C 162 -47.73 21.63 -27.69
N ARG C 163 -46.76 20.91 -28.25
CA ARG C 163 -46.40 21.02 -29.66
C ARG C 163 -46.90 19.86 -30.49
N VAL C 164 -47.01 20.09 -31.78
CA VAL C 164 -47.41 19.07 -32.72
C VAL C 164 -46.82 19.48 -34.06
N GLY C 165 -46.07 18.57 -34.67
CA GLY C 165 -45.49 18.87 -35.96
C GLY C 165 -46.22 18.10 -37.03
N VAL C 166 -46.86 18.81 -37.96
CA VAL C 166 -47.58 18.14 -39.04
C VAL C 166 -46.67 18.19 -40.26
N PHE C 167 -46.00 17.07 -40.51
CA PHE C 167 -45.03 16.98 -41.59
C PHE C 167 -45.42 16.04 -42.73
N GLN C 168 -44.91 16.36 -43.91
CA GLN C 168 -45.15 15.59 -45.11
C GLN C 168 -46.61 15.26 -45.38
N HIS C 169 -47.51 16.20 -45.05
CA HIS C 169 -48.92 15.99 -45.34
C HIS C 169 -49.19 16.49 -46.77
N GLY C 170 -48.69 17.68 -47.07
CA GLY C 170 -48.88 18.21 -48.40
C GLY C 170 -49.46 19.60 -48.44
N CYS C 171 -49.94 19.98 -49.63
CA CYS C 171 -50.51 21.30 -49.88
C CYS C 171 -51.89 21.50 -49.26
N PHE C 172 -52.40 20.47 -48.60
CA PHE C 172 -53.71 20.56 -47.97
C PHE C 172 -53.57 20.85 -46.49
N ALA C 173 -52.33 20.77 -46.00
CA ALA C 173 -52.02 21.00 -44.58
C ALA C 173 -52.54 22.33 -44.07
N GLY C 174 -52.59 23.32 -44.95
CA GLY C 174 -53.09 24.62 -44.55
C GLY C 174 -54.44 24.39 -43.90
N GLY C 175 -55.16 23.39 -44.40
CA GLY C 175 -56.46 23.08 -43.85
C GLY C 175 -56.47 22.15 -42.65
N THR C 176 -55.71 21.07 -42.72
CA THR C 176 -55.69 20.13 -41.60
C THR C 176 -55.21 20.82 -40.34
N VAL C 177 -54.44 21.89 -40.53
CA VAL C 177 -53.90 22.67 -39.43
C VAL C 177 -55.02 23.43 -38.68
N LEU C 178 -56.01 23.94 -39.42
CA LEU C 178 -57.12 24.65 -38.79
C LEU C 178 -58.01 23.66 -38.05
N ARG C 179 -58.07 22.44 -38.59
CA ARG C 179 -58.87 21.38 -38.03
C ARG C 179 -58.31 20.91 -36.69
N MET C 180 -56.99 20.87 -36.57
CA MET C 180 -56.41 20.44 -35.31
C MET C 180 -56.51 21.61 -34.35
N ALA C 181 -56.17 22.79 -34.86
CA ALA C 181 -56.25 24.00 -34.07
C ALA C 181 -57.61 24.16 -33.40
N LYS C 182 -58.68 23.90 -34.16
CA LYS C 182 -60.04 24.03 -33.66
C LYS C 182 -60.34 23.13 -32.46
N ASP C 183 -59.91 21.87 -32.53
CA ASP C 183 -60.15 20.95 -31.44
C ASP C 183 -59.31 21.32 -30.22
N LEU C 184 -58.02 21.51 -30.41
CA LEU C 184 -57.18 21.88 -29.28
C LEU C 184 -57.75 23.08 -28.50
N ALA C 185 -58.10 24.15 -29.22
CA ALA C 185 -58.65 25.37 -28.62
C ALA C 185 -60.05 25.24 -27.99
N GLU C 186 -60.92 24.47 -28.61
CA GLU C 186 -62.25 24.31 -28.06
C GLU C 186 -62.30 23.32 -26.89
N ASN C 187 -61.52 22.25 -26.95
CA ASN C 187 -61.53 21.26 -25.87
C ASN C 187 -60.62 21.62 -24.69
N ASN C 188 -59.96 22.76 -24.77
CA ASN C 188 -59.09 23.18 -23.69
C ASN C 188 -59.37 24.65 -23.33
N ARG C 189 -60.15 24.85 -22.26
CA ARG C 189 -60.53 26.19 -21.82
C ARG C 189 -59.35 27.13 -21.61
N GLY C 190 -59.49 28.35 -22.15
CA GLY C 190 -58.45 29.35 -22.04
C GLY C 190 -57.19 29.05 -22.86
N ALA C 191 -57.22 27.97 -23.63
CA ALA C 191 -56.05 27.62 -24.43
C ALA C 191 -55.86 28.56 -25.62
N ARG C 192 -54.61 28.87 -25.92
CA ARG C 192 -54.25 29.74 -27.05
C ARG C 192 -53.29 28.91 -27.88
N VAL C 193 -53.61 28.73 -29.17
CA VAL C 193 -52.80 27.90 -30.04
C VAL C 193 -52.04 28.67 -31.12
N LEU C 194 -50.73 28.51 -31.14
CA LEU C 194 -49.89 29.16 -32.15
C LEU C 194 -49.89 28.17 -33.30
N VAL C 195 -50.49 28.57 -34.41
CA VAL C 195 -50.59 27.72 -35.57
C VAL C 195 -49.65 28.25 -36.63
N ILE C 196 -48.68 27.43 -37.03
CA ILE C 196 -47.68 27.86 -38.00
C ILE C 196 -47.40 26.89 -39.15
N CYS C 197 -47.31 27.46 -40.34
CA CYS C 197 -47.00 26.74 -41.58
C CYS C 197 -45.80 27.48 -42.18
N SER C 198 -44.73 26.77 -42.48
CA SER C 198 -43.54 27.41 -43.05
C SER C 198 -42.93 26.54 -44.15
N GLU C 199 -42.83 27.11 -45.35
CA GLU C 199 -42.33 26.40 -46.51
C GLU C 199 -41.28 27.15 -47.32
N THR C 200 -40.42 26.38 -48.02
CA THR C 200 -39.36 26.90 -48.87
C THR C 200 -39.04 25.85 -49.90
N THR C 201 -38.76 26.28 -51.13
CA THR C 201 -38.45 25.35 -52.21
C THR C 201 -37.04 24.80 -52.09
N ALA C 202 -36.40 25.08 -50.96
CA ALA C 202 -35.06 24.60 -50.72
C ALA C 202 -34.95 23.08 -50.91
N VAL C 203 -35.88 22.34 -50.33
CA VAL C 203 -35.87 20.88 -50.41
C VAL C 203 -36.50 20.33 -51.69
N THR C 204 -37.06 21.24 -52.49
CA THR C 204 -37.76 20.89 -53.71
C THR C 204 -37.14 21.35 -55.04
N PHE C 205 -36.38 22.43 -55.03
CA PHE C 205 -35.77 22.96 -56.24
C PHE C 205 -34.80 21.96 -56.87
N ARG C 206 -34.70 22.02 -58.20
CA ARG C 206 -33.78 21.16 -58.96
C ARG C 206 -33.86 21.49 -60.46
N GLY C 207 -32.82 21.10 -61.19
CA GLY C 207 -32.74 21.34 -62.63
C GLY C 207 -33.84 20.72 -63.46
N PRO C 208 -34.03 21.21 -64.70
CA PRO C 208 -35.08 20.68 -65.58
C PRO C 208 -34.72 19.38 -66.28
N SER C 209 -35.76 18.62 -66.61
CA SER C 209 -35.56 17.36 -67.33
C SER C 209 -36.68 17.17 -68.33
N GLU C 210 -36.33 16.87 -69.57
CA GLU C 210 -37.35 16.69 -70.60
C GLU C 210 -38.14 15.39 -70.39
N THR C 211 -37.80 14.63 -69.36
CA THR C 211 -38.48 13.38 -69.08
C THR C 211 -39.55 13.53 -68.00
N HIS C 212 -39.41 14.53 -67.16
CA HIS C 212 -40.34 14.77 -66.08
C HIS C 212 -40.88 16.20 -66.13
N LEU C 213 -41.53 16.54 -67.24
CA LEU C 213 -42.08 17.87 -67.44
C LEU C 213 -43.02 18.30 -66.31
N ASP C 214 -43.66 17.33 -65.66
CA ASP C 214 -44.57 17.63 -64.55
C ASP C 214 -43.81 18.32 -63.43
N SER C 215 -42.59 17.85 -63.19
CA SER C 215 -41.73 18.40 -62.15
C SER C 215 -41.26 19.78 -62.59
N LEU C 216 -41.26 20.02 -63.90
CA LEU C 216 -40.85 21.32 -64.42
C LEU C 216 -41.91 22.31 -63.95
N VAL C 217 -43.15 21.86 -63.93
CA VAL C 217 -44.28 22.69 -63.52
C VAL C 217 -44.09 23.20 -62.10
N GLY C 218 -43.69 22.30 -61.21
CA GLY C 218 -43.50 22.67 -59.82
C GLY C 218 -42.46 23.76 -59.68
N GLN C 219 -41.45 23.71 -60.54
CA GLN C 219 -40.37 24.67 -60.51
C GLN C 219 -40.77 26.12 -60.79
N ALA C 220 -42.03 26.32 -61.18
CA ALA C 220 -42.53 27.65 -61.49
C ALA C 220 -43.70 28.07 -60.63
N LEU C 221 -44.22 27.15 -59.81
CA LEU C 221 -45.37 27.46 -58.99
C LEU C 221 -45.08 27.55 -57.52
N PHE C 222 -44.00 26.92 -57.08
CA PHE C 222 -43.66 26.94 -55.68
C PHE C 222 -42.77 28.09 -55.23
N GLY C 223 -43.25 28.84 -54.25
CA GLY C 223 -42.50 29.95 -53.68
C GLY C 223 -42.25 29.68 -52.20
N ASP C 224 -41.72 30.66 -51.47
CA ASP C 224 -41.46 30.45 -50.05
C ASP C 224 -42.30 31.38 -49.17
N GLY C 225 -42.58 30.95 -47.95
CA GLY C 225 -43.36 31.79 -47.07
C GLY C 225 -43.77 31.07 -45.81
N ALA C 226 -44.18 31.84 -44.80
CA ALA C 226 -44.60 31.24 -43.55
C ALA C 226 -45.79 31.99 -42.98
N SER C 227 -46.68 31.20 -42.40
CA SER C 227 -47.88 31.73 -41.79
C SER C 227 -47.94 31.35 -40.33
N ALA C 228 -48.49 32.25 -39.54
CA ALA C 228 -48.64 32.02 -38.12
C ALA C 228 -49.99 32.58 -37.73
N LEU C 229 -50.77 31.79 -37.00
CA LEU C 229 -52.08 32.22 -36.54
C LEU C 229 -52.12 32.00 -35.03
N ILE C 230 -52.96 32.77 -34.34
CA ILE C 230 -53.15 32.61 -32.90
C ILE C 230 -54.61 32.21 -32.81
N VAL C 231 -54.84 30.99 -32.38
CA VAL C 231 -56.19 30.50 -32.28
C VAL C 231 -56.62 30.27 -30.86
N GLY C 232 -57.87 30.64 -30.57
CA GLY C 232 -58.38 30.46 -29.23
C GLY C 232 -59.85 30.74 -29.09
N ALA C 233 -60.51 29.92 -28.28
CA ALA C 233 -61.94 30.09 -28.03
C ALA C 233 -62.13 31.06 -26.84
N ASP C 234 -63.28 31.70 -26.79
CA ASP C 234 -63.61 32.66 -25.73
C ASP C 234 -62.71 33.89 -25.74
N PRO C 235 -62.64 34.60 -26.88
CA PRO C 235 -61.77 35.77 -26.83
C PRO C 235 -62.22 36.73 -25.72
N ILE C 236 -61.25 37.19 -24.92
CA ILE C 236 -61.53 38.12 -23.82
C ILE C 236 -62.12 39.39 -24.44
N PRO C 237 -63.24 39.87 -23.91
CA PRO C 237 -63.86 41.08 -24.47
C PRO C 237 -62.99 42.35 -24.41
N GLN C 238 -62.83 42.97 -25.56
CA GLN C 238 -62.05 44.19 -25.71
C GLN C 238 -60.57 44.10 -25.32
N VAL C 239 -59.97 42.94 -25.53
CA VAL C 239 -58.55 42.74 -25.28
C VAL C 239 -58.08 41.86 -26.42
N GLU C 240 -58.92 40.89 -26.76
CA GLU C 240 -58.62 40.01 -27.87
C GLU C 240 -59.72 40.19 -28.89
N LYS C 241 -59.34 40.28 -30.16
CA LYS C 241 -60.30 40.47 -31.25
C LYS C 241 -60.18 39.40 -32.33
N ALA C 242 -61.10 38.44 -32.29
CA ALA C 242 -61.13 37.38 -33.29
C ALA C 242 -61.47 38.03 -34.63
N CYS C 243 -61.11 37.35 -35.72
CA CYS C 243 -61.40 37.85 -37.07
C CYS C 243 -62.08 36.77 -37.91
N PHE C 244 -62.06 35.54 -37.40
CA PHE C 244 -62.67 34.39 -38.06
C PHE C 244 -62.91 33.30 -37.03
N GLU C 245 -64.05 32.61 -37.14
CA GLU C 245 -64.36 31.51 -36.26
C GLU C 245 -64.37 30.24 -37.10
N ILE C 246 -63.76 29.18 -36.56
CA ILE C 246 -63.68 27.89 -37.24
C ILE C 246 -64.86 27.06 -36.75
N VAL C 247 -65.87 26.91 -37.61
CA VAL C 247 -67.11 26.22 -37.29
C VAL C 247 -67.15 24.71 -37.48
N TRP C 248 -66.77 24.27 -38.66
CA TRP C 248 -66.84 22.86 -39.01
C TRP C 248 -65.73 22.53 -39.99
N THR C 249 -65.12 21.36 -39.81
CA THR C 249 -64.01 20.95 -40.66
C THR C 249 -64.30 19.57 -41.21
N ALA C 250 -63.59 19.22 -42.27
CA ALA C 250 -63.76 17.91 -42.88
C ALA C 250 -62.57 17.59 -43.75
N GLN C 251 -62.37 16.30 -43.99
CA GLN C 251 -61.30 15.84 -44.86
C GLN C 251 -61.80 14.59 -45.59
N THR C 252 -61.37 14.40 -46.83
CA THR C 252 -61.81 13.25 -47.59
C THR C 252 -60.87 12.99 -48.76
N VAL C 253 -60.82 11.73 -49.17
CA VAL C 253 -60.00 11.30 -50.30
C VAL C 253 -60.91 11.16 -51.51
N VAL C 254 -60.59 11.89 -52.57
CA VAL C 254 -61.38 11.85 -53.80
C VAL C 254 -61.16 10.55 -54.56
N PRO C 255 -62.25 10.00 -55.15
CA PRO C 255 -62.20 8.76 -55.93
C PRO C 255 -61.19 8.81 -57.08
N ASN C 256 -60.67 7.63 -57.42
CA ASN C 256 -59.68 7.47 -58.49
C ASN C 256 -58.72 8.63 -58.65
N SER C 257 -57.95 8.91 -57.60
CA SER C 257 -56.98 9.99 -57.65
C SER C 257 -55.62 9.44 -57.23
N GLU C 258 -55.49 8.12 -57.28
CA GLU C 258 -54.26 7.42 -56.92
C GLU C 258 -53.00 8.14 -57.39
N GLY C 259 -52.16 8.54 -56.45
CA GLY C 259 -50.93 9.23 -56.82
C GLY C 259 -51.06 10.39 -57.79
N ALA C 260 -52.20 11.07 -57.80
CA ALA C 260 -52.40 12.23 -58.67
C ALA C 260 -51.42 13.33 -58.23
N ILE C 261 -51.11 13.38 -56.94
CA ILE C 261 -50.15 14.36 -56.42
C ILE C 261 -49.31 13.68 -55.36
N GLY C 262 -48.01 13.93 -55.36
CA GLY C 262 -47.17 13.29 -54.35
C GLY C 262 -45.70 13.63 -54.49
N GLY C 263 -44.93 13.13 -53.55
CA GLY C 263 -43.50 13.36 -53.57
C GLY C 263 -42.80 12.20 -52.90
N LYS C 264 -41.47 12.24 -52.93
CA LYS C 264 -40.66 11.20 -52.32
C LYS C 264 -39.38 11.84 -51.77
N VAL C 265 -39.05 11.49 -50.54
CA VAL C 265 -37.86 12.02 -49.88
C VAL C 265 -36.73 11.05 -50.14
N ARG C 266 -35.86 11.41 -51.08
CA ARG C 266 -34.77 10.56 -51.47
C ARG C 266 -33.41 11.24 -51.37
N GLU C 267 -32.37 10.54 -51.80
CA GLU C 267 -31.00 11.07 -51.75
C GLU C 267 -30.82 12.27 -52.69
N VAL C 268 -31.83 12.52 -53.53
CA VAL C 268 -31.78 13.64 -54.45
C VAL C 268 -32.68 14.73 -53.89
N GLY C 269 -33.15 14.52 -52.66
CA GLY C 269 -34.03 15.48 -52.04
C GLY C 269 -35.49 15.09 -52.22
N LEU C 270 -36.40 16.05 -52.18
CA LEU C 270 -37.82 15.75 -52.36
C LEU C 270 -38.22 15.87 -53.83
N THR C 271 -38.45 14.72 -54.46
CA THR C 271 -38.87 14.71 -55.85
C THR C 271 -40.35 15.03 -55.87
N PHE C 272 -40.77 15.82 -56.85
CA PHE C 272 -42.16 16.21 -56.96
C PHE C 272 -42.77 15.57 -58.20
N GLN C 273 -44.06 15.23 -58.09
CA GLN C 273 -44.80 14.60 -59.18
C GLN C 273 -46.29 14.94 -59.10
N LEU C 274 -46.91 15.25 -60.25
CA LEU C 274 -48.32 15.60 -60.26
C LEU C 274 -48.95 15.28 -61.61
N LYS C 275 -50.15 14.70 -61.59
CA LYS C 275 -50.88 14.35 -62.81
C LYS C 275 -51.67 15.54 -63.32
N GLY C 276 -51.93 15.57 -64.63
CA GLY C 276 -52.67 16.68 -65.20
C GLY C 276 -54.16 16.54 -64.99
N ALA C 277 -54.54 15.56 -64.20
CA ALA C 277 -55.94 15.29 -63.91
C ALA C 277 -56.45 15.99 -62.65
N VAL C 278 -55.52 16.47 -61.83
CA VAL C 278 -55.89 17.13 -60.59
C VAL C 278 -57.03 18.12 -60.76
N PRO C 279 -56.91 19.06 -61.73
CA PRO C 279 -57.97 20.06 -61.96
C PRO C 279 -59.35 19.42 -62.09
N ASP C 280 -59.44 18.34 -62.87
CA ASP C 280 -60.71 17.64 -63.03
C ASP C 280 -61.17 17.06 -61.70
N LEU C 281 -60.32 16.20 -61.15
CA LEU C 281 -60.62 15.52 -59.90
C LEU C 281 -61.14 16.47 -58.83
N ILE C 282 -60.52 17.62 -58.67
CA ILE C 282 -60.99 18.57 -57.67
C ILE C 282 -62.39 19.09 -58.05
N SER C 283 -62.57 19.38 -59.33
CA SER C 283 -63.86 19.87 -59.85
C SER C 283 -64.96 18.82 -59.72
N ALA C 284 -64.67 17.61 -60.16
CA ALA C 284 -65.65 16.55 -60.09
C ALA C 284 -66.07 16.23 -58.66
N ASN C 285 -65.31 16.69 -57.67
CA ASN C 285 -65.67 16.36 -56.30
C ASN C 285 -65.93 17.55 -55.37
N ILE C 286 -65.65 18.77 -55.84
CA ILE C 286 -65.85 19.96 -55.00
C ILE C 286 -67.30 20.19 -54.56
N GLU C 287 -68.26 20.01 -55.48
CA GLU C 287 -69.66 20.22 -55.17
C GLU C 287 -70.12 19.48 -53.92
N ASN C 288 -69.96 18.16 -53.92
CA ASN C 288 -70.36 17.34 -52.77
C ASN C 288 -69.77 17.87 -51.48
N CYS C 289 -68.49 18.26 -51.51
CA CYS C 289 -67.83 18.81 -50.34
C CYS C 289 -68.66 19.99 -49.82
N MET C 290 -69.10 20.83 -50.76
CA MET C 290 -69.89 22.01 -50.41
C MET C 290 -71.22 21.68 -49.75
N VAL C 291 -71.91 20.64 -50.24
CA VAL C 291 -73.20 20.27 -49.69
C VAL C 291 -73.03 19.48 -48.38
N GLU C 292 -71.95 18.72 -48.29
CA GLU C 292 -71.68 17.95 -47.08
C GLU C 292 -71.45 18.88 -45.89
N ALA C 293 -70.99 20.09 -46.18
CA ALA C 293 -70.69 21.05 -45.12
C ALA C 293 -71.72 22.15 -44.83
N PHE C 294 -72.39 22.64 -45.86
CA PHE C 294 -73.33 23.74 -45.67
C PHE C 294 -74.82 23.42 -45.56
N SER C 295 -75.19 22.19 -45.85
CA SER C 295 -76.59 21.81 -45.77
C SER C 295 -77.09 21.94 -44.33
N GLN C 296 -76.20 21.65 -43.38
CA GLN C 296 -76.55 21.72 -41.97
C GLN C 296 -76.72 23.17 -41.52
N PHE C 297 -76.33 24.10 -42.38
CA PHE C 297 -76.48 25.52 -42.09
C PHE C 297 -77.44 26.10 -43.14
N LYS C 298 -78.14 25.21 -43.84
CA LYS C 298 -79.09 25.58 -44.89
C LYS C 298 -78.64 26.71 -45.80
N ILE C 299 -77.57 26.43 -46.53
CA ILE C 299 -76.94 27.32 -47.51
C ILE C 299 -76.61 26.42 -48.68
N SER C 300 -77.13 26.72 -49.87
CA SER C 300 -76.82 25.90 -51.04
C SER C 300 -76.33 26.80 -52.15
N ASP C 301 -76.45 28.10 -51.92
CA ASP C 301 -75.98 29.08 -52.88
C ASP C 301 -74.56 29.49 -52.47
N TRP C 302 -73.58 28.93 -53.18
CA TRP C 302 -72.16 29.15 -52.93
C TRP C 302 -71.69 30.59 -53.06
N ASN C 303 -72.48 31.40 -53.74
CA ASN C 303 -72.10 32.78 -53.89
C ASN C 303 -72.54 33.62 -52.69
N LYS C 304 -73.14 32.98 -51.70
CA LYS C 304 -73.52 33.71 -50.50
C LYS C 304 -72.46 33.47 -49.42
N LEU C 305 -71.31 32.97 -49.85
CA LEU C 305 -70.19 32.66 -48.95
C LEU C 305 -68.91 33.33 -49.41
N PHE C 306 -68.03 33.70 -48.48
CA PHE C 306 -66.76 34.24 -48.93
C PHE C 306 -65.87 33.00 -49.16
N TRP C 307 -64.90 33.12 -50.05
CA TRP C 307 -64.05 31.98 -50.37
C TRP C 307 -62.55 32.14 -50.09
N VAL C 308 -61.92 31.01 -49.80
CA VAL C 308 -60.50 30.91 -49.53
C VAL C 308 -60.05 29.58 -50.11
N VAL C 309 -59.45 29.60 -51.30
CA VAL C 309 -59.01 28.37 -51.92
C VAL C 309 -57.50 28.31 -52.07
N HIS C 310 -56.94 27.13 -51.81
CA HIS C 310 -55.51 26.95 -51.97
C HIS C 310 -55.19 27.20 -53.45
N PRO C 311 -54.22 28.06 -53.73
CA PRO C 311 -53.89 28.35 -55.13
C PRO C 311 -52.96 27.29 -55.71
N GLY C 312 -53.41 26.05 -55.73
CA GLY C 312 -52.61 24.96 -56.22
C GLY C 312 -52.23 25.08 -57.68
N GLY C 313 -52.96 25.91 -58.42
CA GLY C 313 -52.70 26.12 -59.82
C GLY C 313 -53.87 26.82 -60.51
N ARG C 314 -53.55 27.70 -61.46
CA ARG C 314 -54.54 28.45 -62.21
C ARG C 314 -55.71 27.57 -62.63
N ALA C 315 -55.38 26.42 -63.20
CA ALA C 315 -56.36 25.45 -63.69
C ALA C 315 -57.37 25.03 -62.66
N ILE C 316 -56.90 24.74 -61.45
CA ILE C 316 -57.78 24.33 -60.38
C ILE C 316 -58.74 25.45 -60.01
N LEU C 317 -58.24 26.68 -59.94
CA LEU C 317 -59.10 27.81 -59.60
C LEU C 317 -60.17 28.05 -60.64
N ASP C 318 -59.75 28.25 -61.89
CA ASP C 318 -60.65 28.48 -63.01
C ASP C 318 -61.67 27.37 -63.15
N ARG C 319 -61.19 26.14 -62.98
CA ARG C 319 -62.01 24.94 -63.10
C ARG C 319 -63.06 24.89 -61.99
N VAL C 320 -62.61 25.12 -60.76
CA VAL C 320 -63.51 25.10 -59.61
C VAL C 320 -64.49 26.27 -59.70
N GLU C 321 -64.01 27.45 -60.09
CA GLU C 321 -64.88 28.62 -60.22
C GLU C 321 -65.94 28.38 -61.32
N ALA C 322 -65.63 27.47 -62.23
CA ALA C 322 -66.55 27.16 -63.33
C ALA C 322 -67.59 26.09 -63.00
N LYS C 323 -67.21 25.13 -62.15
CA LYS C 323 -68.12 24.05 -61.76
C LYS C 323 -69.20 24.55 -60.81
N LEU C 324 -68.90 25.58 -60.04
CA LEU C 324 -69.87 26.13 -59.09
C LEU C 324 -70.22 27.55 -59.51
N ASN C 325 -69.86 27.90 -60.75
CA ASN C 325 -70.05 29.26 -61.30
C ASN C 325 -70.10 30.35 -60.25
N LEU C 326 -69.00 30.50 -59.53
CA LEU C 326 -68.85 31.54 -58.51
C LEU C 326 -68.66 32.82 -59.31
N ASP C 327 -69.15 33.95 -58.82
CA ASP C 327 -68.94 35.19 -59.56
C ASP C 327 -67.44 35.51 -59.52
N PRO C 328 -66.99 36.51 -60.31
CA PRO C 328 -65.59 36.93 -60.40
C PRO C 328 -64.92 37.42 -59.11
N THR C 329 -65.72 37.83 -58.13
CA THR C 329 -65.18 38.33 -56.87
C THR C 329 -64.68 37.27 -55.91
N LYS C 330 -65.39 36.16 -55.83
CA LYS C 330 -65.04 35.07 -54.90
C LYS C 330 -63.56 34.70 -54.79
N LEU C 331 -62.92 34.46 -55.93
CA LEU C 331 -61.51 34.08 -55.92
C LEU C 331 -60.52 35.23 -56.07
N ILE C 332 -60.92 36.43 -55.70
CA ILE C 332 -60.06 37.60 -55.81
C ILE C 332 -58.90 37.56 -54.81
N PRO C 333 -59.20 37.38 -53.52
CA PRO C 333 -58.09 37.32 -52.57
C PRO C 333 -57.16 36.18 -52.90
N THR C 334 -57.73 35.04 -53.27
CA THR C 334 -56.92 33.89 -53.61
C THR C 334 -55.95 34.15 -54.76
N ARG C 335 -56.44 34.72 -55.86
CA ARG C 335 -55.58 35.01 -57.01
C ARG C 335 -54.55 36.10 -56.69
N HIS C 336 -54.90 36.96 -55.75
CA HIS C 336 -54.01 38.04 -55.33
C HIS C 336 -52.75 37.41 -54.71
N VAL C 337 -52.96 36.50 -53.77
CA VAL C 337 -51.87 35.81 -53.09
C VAL C 337 -51.03 34.95 -54.02
N MET C 338 -51.69 34.18 -54.88
CA MET C 338 -51.01 33.32 -55.83
C MET C 338 -50.12 34.17 -56.76
N SER C 339 -50.62 35.33 -57.17
CA SER C 339 -49.88 36.22 -58.06
C SER C 339 -48.65 36.86 -57.39
N GLU C 340 -48.83 37.36 -56.18
CA GLU C 340 -47.73 37.99 -55.46
C GLU C 340 -46.77 37.00 -54.79
N TYR C 341 -47.29 35.83 -54.41
CA TYR C 341 -46.48 34.82 -53.72
C TYR C 341 -46.31 33.49 -54.45
N GLY C 342 -47.30 33.11 -55.25
CA GLY C 342 -47.20 31.83 -55.92
C GLY C 342 -47.80 30.76 -55.02
N ASN C 343 -47.42 29.51 -55.22
CA ASN C 343 -47.95 28.44 -54.40
C ASN C 343 -46.98 28.09 -53.26
N MET C 344 -47.25 28.65 -52.08
CA MET C 344 -46.45 28.44 -50.86
C MET C 344 -47.03 27.29 -50.03
N SER C 345 -47.45 26.22 -50.71
CA SER C 345 -48.02 25.06 -50.05
C SER C 345 -48.97 25.39 -48.89
N SER C 346 -48.72 24.79 -47.73
CA SER C 346 -49.59 24.97 -46.57
C SER C 346 -49.85 26.41 -46.09
N ALA C 347 -48.89 27.31 -46.26
CA ALA C 347 -49.06 28.70 -45.83
C ALA C 347 -50.12 29.49 -46.61
N CYS C 348 -50.22 29.25 -47.92
CA CYS C 348 -51.18 29.96 -48.78
C CYS C 348 -52.52 30.39 -48.20
N VAL C 349 -53.39 29.42 -47.94
CA VAL C 349 -54.73 29.74 -47.43
C VAL C 349 -54.71 30.75 -46.28
N HIS C 350 -53.60 30.81 -45.56
CA HIS C 350 -53.50 31.76 -44.46
C HIS C 350 -53.18 33.16 -44.99
N PHE C 351 -52.32 33.24 -46.01
CA PHE C 351 -51.99 34.51 -46.66
C PHE C 351 -53.28 35.02 -47.28
N ILE C 352 -54.14 34.09 -47.68
CA ILE C 352 -55.41 34.42 -48.31
C ILE C 352 -56.40 34.92 -47.27
N LEU C 353 -56.39 34.31 -46.09
CA LEU C 353 -57.27 34.74 -45.02
C LEU C 353 -56.89 36.15 -44.61
N ASP C 354 -55.59 36.41 -44.47
CA ASP C 354 -55.10 37.72 -44.08
C ASP C 354 -55.48 38.75 -45.13
N GLN C 355 -55.32 38.41 -46.40
CA GLN C 355 -55.68 39.35 -47.48
C GLN C 355 -57.20 39.56 -47.52
N THR C 356 -57.94 38.53 -47.15
CA THR C 356 -59.38 38.66 -47.15
C THR C 356 -59.78 39.69 -46.08
N ARG C 357 -59.43 39.44 -44.83
CA ARG C 357 -59.78 40.36 -43.76
C ARG C 357 -59.24 41.76 -43.99
N LYS C 358 -58.19 41.86 -44.82
CA LYS C 358 -57.60 43.16 -45.12
C LYS C 358 -58.35 43.92 -46.21
N ALA C 359 -58.70 43.23 -47.29
CA ALA C 359 -59.45 43.86 -48.37
C ALA C 359 -60.73 44.37 -47.71
N SER C 360 -61.28 43.53 -46.83
CA SER C 360 -62.49 43.88 -46.08
C SER C 360 -62.33 45.25 -45.46
N LEU C 361 -61.33 45.40 -44.61
CA LEU C 361 -61.07 46.66 -43.95
C LEU C 361 -61.03 47.78 -44.96
N GLN C 362 -60.14 47.65 -45.94
CA GLN C 362 -59.99 48.66 -46.99
C GLN C 362 -61.35 49.07 -47.56
N ASN C 363 -62.02 48.11 -48.19
CA ASN C 363 -63.29 48.36 -48.83
C ASN C 363 -64.47 48.71 -47.90
N GLY C 364 -64.20 48.83 -46.61
CA GLY C 364 -65.25 49.17 -45.67
C GLY C 364 -66.43 48.21 -45.70
N CYS C 365 -66.14 46.92 -45.58
CA CYS C 365 -67.17 45.89 -45.57
C CYS C 365 -67.69 45.71 -44.13
N SER C 366 -68.91 45.24 -43.99
CA SER C 366 -69.49 45.06 -42.67
C SER C 366 -68.93 43.84 -41.97
N THR C 367 -68.23 43.01 -42.73
CA THR C 367 -67.68 41.78 -42.18
C THR C 367 -66.24 41.55 -42.63
N THR C 368 -65.45 40.80 -41.85
CA THR C 368 -64.06 40.50 -42.22
C THR C 368 -64.01 39.51 -43.37
N GLY C 369 -65.19 39.05 -43.78
CA GLY C 369 -65.26 38.11 -44.87
C GLY C 369 -65.86 38.86 -46.04
N GLU C 370 -65.51 40.13 -46.16
CA GLU C 370 -66.03 40.99 -47.23
C GLU C 370 -67.57 41.06 -47.26
N GLY C 371 -68.17 41.36 -46.09
CA GLY C 371 -69.60 41.46 -45.99
C GLY C 371 -70.40 40.20 -45.68
N LEU C 372 -69.90 39.04 -46.06
CA LEU C 372 -70.63 37.80 -45.81
C LEU C 372 -70.47 37.26 -44.40
N GLU C 373 -71.47 36.54 -43.96
CA GLU C 373 -71.47 35.95 -42.63
C GLU C 373 -70.59 34.70 -42.60
N MET C 374 -70.90 33.74 -43.46
CA MET C 374 -70.13 32.50 -43.54
C MET C 374 -69.28 32.32 -44.80
N GLY C 375 -68.23 31.51 -44.67
CA GLY C 375 -67.32 31.26 -45.78
C GLY C 375 -66.69 29.88 -45.70
N VAL C 376 -65.90 29.54 -46.72
CA VAL C 376 -65.23 28.24 -46.78
C VAL C 376 -63.78 28.38 -47.18
N LEU C 377 -62.95 27.54 -46.58
CA LEU C 377 -61.53 27.51 -46.88
C LEU C 377 -61.24 26.12 -47.41
N PHE C 378 -60.48 26.06 -48.51
CA PHE C 378 -60.12 24.78 -49.10
C PHE C 378 -58.63 24.57 -49.22
N GLY C 379 -58.25 23.30 -49.07
CA GLY C 379 -56.87 22.90 -49.19
C GLY C 379 -56.86 21.64 -50.04
N PHE C 380 -55.99 21.60 -51.03
CA PHE C 380 -55.90 20.42 -51.90
C PHE C 380 -54.49 19.89 -51.80
N GLY C 381 -54.32 18.58 -51.84
CA GLY C 381 -52.98 18.01 -51.74
C GLY C 381 -52.83 16.52 -52.01
N PRO C 382 -51.64 15.94 -51.77
CA PRO C 382 -51.35 14.50 -51.97
C PRO C 382 -52.56 13.66 -51.48
N GLY C 383 -53.08 12.69 -52.24
CA GLY C 383 -54.17 11.92 -51.67
C GLY C 383 -54.94 11.07 -52.63
N LEU C 384 -55.69 11.77 -53.46
CA LEU C 384 -55.75 13.26 -53.39
C LEU C 384 -56.69 13.74 -52.32
N THR C 385 -56.17 14.40 -51.31
CA THR C 385 -57.11 14.82 -50.27
C THR C 385 -57.63 16.26 -50.31
N ILE C 386 -58.87 16.44 -49.89
CA ILE C 386 -59.43 17.79 -49.87
C ILE C 386 -59.84 18.16 -48.47
N GLU C 387 -59.34 19.29 -47.98
CA GLU C 387 -59.72 19.75 -46.64
C GLU C 387 -60.73 20.86 -46.77
N THR C 388 -61.88 20.71 -46.14
CA THR C 388 -62.92 21.73 -46.20
C THR C 388 -63.04 22.33 -44.83
N VAL C 389 -62.96 23.64 -44.77
CA VAL C 389 -63.12 24.30 -43.49
C VAL C 389 -64.23 25.33 -43.65
N VAL C 390 -65.24 25.24 -42.79
CA VAL C 390 -66.32 26.20 -42.85
C VAL C 390 -66.01 27.29 -41.83
N LEU C 391 -65.85 28.51 -42.33
CA LEU C 391 -65.52 29.67 -41.51
C LEU C 391 -66.69 30.58 -41.16
N LYS C 392 -66.52 31.28 -40.05
CA LYS C 392 -67.50 32.24 -39.57
C LYS C 392 -66.77 33.57 -39.54
N SER C 393 -67.38 34.56 -40.19
CA SER C 393 -66.82 35.89 -40.25
C SER C 393 -67.08 36.60 -38.93
N VAL C 394 -66.50 37.80 -38.79
CA VAL C 394 -66.70 38.62 -37.61
C VAL C 394 -67.05 39.99 -38.19
N PRO C 395 -67.95 40.72 -37.51
CA PRO C 395 -68.33 42.05 -37.98
C PRO C 395 -67.30 43.13 -37.72
N ILE C 396 -67.25 44.09 -38.65
CA ILE C 396 -66.33 45.21 -38.54
C ILE C 396 -67.13 46.40 -38.02
N GLN C 397 -66.59 47.06 -36.99
CA GLN C 397 -67.22 48.20 -36.32
C GLN C 397 -67.92 47.69 -35.07
N ASP D 9 -78.74 29.04 -32.82
CA ASP D 9 -78.33 28.84 -34.25
C ASP D 9 -76.85 28.55 -34.25
N PHE D 10 -76.14 29.10 -33.27
CA PHE D 10 -74.73 28.84 -33.23
C PHE D 10 -74.26 28.13 -31.99
N GLU D 11 -74.38 28.82 -30.88
CA GLU D 11 -73.96 28.29 -29.60
C GLU D 11 -74.59 26.93 -29.39
N GLY D 12 -75.67 26.65 -30.11
CA GLY D 12 -76.32 25.37 -29.96
C GLY D 12 -75.55 24.35 -30.76
N PHE D 13 -75.08 24.78 -31.92
CA PHE D 13 -74.31 23.92 -32.81
C PHE D 13 -73.06 23.42 -32.11
N ARG D 14 -72.53 24.24 -31.22
CA ARG D 14 -71.32 23.92 -30.46
C ARG D 14 -71.56 22.81 -29.41
N LYS D 15 -72.68 22.88 -28.69
CA LYS D 15 -72.97 21.89 -27.67
C LYS D 15 -73.26 20.53 -28.30
N LEU D 16 -74.05 20.49 -29.37
CA LEU D 16 -74.37 19.22 -29.99
C LEU D 16 -73.14 18.60 -30.66
N GLN D 17 -72.20 19.45 -31.08
CA GLN D 17 -70.99 19.04 -31.77
C GLN D 17 -70.00 18.25 -30.92
N ARG D 18 -69.67 18.77 -29.75
CA ARG D 18 -68.71 18.10 -28.88
C ARG D 18 -69.31 16.89 -28.16
N ALA D 19 -68.44 16.13 -27.50
CA ALA D 19 -68.85 14.94 -26.77
C ALA D 19 -69.03 15.20 -25.27
N ASP D 20 -69.53 14.20 -24.57
CA ASP D 20 -69.79 14.29 -23.14
C ASP D 20 -68.61 13.99 -22.20
N GLY D 21 -68.57 12.76 -21.66
CA GLY D 21 -67.53 12.37 -20.73
C GLY D 21 -66.09 12.41 -21.23
N PHE D 22 -65.27 11.50 -20.69
CA PHE D 22 -63.87 11.42 -21.07
C PHE D 22 -63.60 10.52 -22.26
N ALA D 23 -62.57 10.84 -23.03
CA ALA D 23 -62.19 10.03 -24.19
C ALA D 23 -61.59 8.81 -23.52
N SER D 24 -61.88 7.63 -24.06
CA SER D 24 -61.37 6.42 -23.44
C SER D 24 -60.80 5.44 -24.45
N ILE D 25 -59.97 4.52 -23.97
CA ILE D 25 -59.40 3.53 -24.85
C ILE D 25 -60.41 2.39 -24.89
N LEU D 26 -60.90 2.09 -26.09
CA LEU D 26 -61.92 1.06 -26.25
C LEU D 26 -61.38 -0.21 -26.87
N ALA D 27 -60.06 -0.23 -27.08
CA ALA D 27 -59.42 -1.42 -27.65
C ALA D 27 -57.93 -1.17 -27.87
N ILE D 28 -57.16 -2.25 -27.85
CA ILE D 28 -55.71 -2.17 -28.04
C ILE D 28 -55.23 -3.38 -28.83
N GLY D 29 -54.76 -3.15 -30.05
CA GLY D 29 -54.27 -4.24 -30.88
C GLY D 29 -52.78 -4.12 -31.08
N THR D 30 -52.09 -5.23 -31.33
CA THR D 30 -50.65 -5.16 -31.49
C THR D 30 -50.07 -6.10 -32.55
N ALA D 31 -49.08 -5.62 -33.28
CA ALA D 31 -48.45 -6.44 -34.31
C ALA D 31 -46.92 -6.28 -34.30
N ASN D 32 -46.25 -7.30 -34.83
CA ASN D 32 -44.80 -7.30 -34.87
C ASN D 32 -44.33 -8.07 -36.08
N PRO D 33 -43.12 -7.75 -36.57
CA PRO D 33 -42.61 -8.48 -37.74
C PRO D 33 -42.48 -9.94 -37.31
N PRO D 34 -42.40 -10.85 -38.28
CA PRO D 34 -42.27 -12.29 -38.05
C PRO D 34 -41.01 -12.64 -37.24
N ASN D 35 -39.88 -12.19 -37.74
CA ASN D 35 -38.59 -12.45 -37.13
C ASN D 35 -38.36 -12.07 -35.67
N ALA D 36 -38.24 -13.10 -34.83
CA ALA D 36 -37.97 -12.91 -33.41
C ALA D 36 -36.44 -12.94 -33.29
N VAL D 37 -35.88 -11.98 -32.57
CA VAL D 37 -34.42 -11.86 -32.42
C VAL D 37 -33.94 -12.05 -30.98
N ASP D 38 -33.27 -13.16 -30.72
CA ASP D 38 -32.78 -13.39 -29.38
C ASP D 38 -31.64 -12.42 -29.11
N GLN D 39 -31.74 -11.71 -28.00
CA GLN D 39 -30.74 -10.71 -27.66
C GLN D 39 -29.36 -11.29 -27.36
N SER D 40 -29.32 -12.37 -26.58
CA SER D 40 -28.03 -12.95 -26.21
C SER D 40 -27.24 -13.48 -27.41
N THR D 41 -27.90 -13.66 -28.53
CA THR D 41 -27.24 -14.18 -29.72
C THR D 41 -27.10 -13.13 -30.81
N TYR D 42 -27.59 -11.92 -30.54
CA TYR D 42 -27.54 -10.84 -31.52
C TYR D 42 -26.14 -10.28 -31.79
N PRO D 43 -25.28 -10.18 -30.76
CA PRO D 43 -23.93 -9.65 -30.94
C PRO D 43 -23.13 -10.44 -31.99
N ASP D 44 -23.31 -11.76 -32.03
CA ASP D 44 -22.61 -12.59 -33.01
C ASP D 44 -23.17 -12.38 -34.42
N PHE D 45 -24.50 -12.39 -34.52
CA PHE D 45 -25.22 -12.19 -35.78
C PHE D 45 -24.96 -10.78 -36.32
N TYR D 46 -25.18 -9.77 -35.47
CA TYR D 46 -24.98 -8.37 -35.84
C TYR D 46 -23.57 -8.09 -36.33
N PHE D 47 -22.57 -8.69 -35.69
CA PHE D 47 -21.21 -8.43 -36.12
C PHE D 47 -20.79 -9.23 -37.35
N ARG D 48 -21.41 -10.38 -37.57
CA ARG D 48 -21.10 -11.20 -38.75
C ARG D 48 -21.80 -10.63 -39.96
N ILE D 49 -23.11 -10.49 -39.82
CA ILE D 49 -23.95 -9.99 -40.89
C ILE D 49 -23.50 -8.62 -41.40
N THR D 50 -22.67 -7.93 -40.62
CA THR D 50 -22.18 -6.62 -41.01
C THR D 50 -20.72 -6.67 -41.44
N GLY D 51 -20.24 -7.89 -41.69
CA GLY D 51 -18.86 -8.08 -42.11
C GLY D 51 -17.86 -7.44 -41.17
N ASN D 52 -18.11 -7.57 -39.87
CA ASN D 52 -17.25 -6.99 -38.85
C ASN D 52 -16.86 -8.01 -37.80
N GLU D 53 -16.76 -9.27 -38.22
CA GLU D 53 -16.39 -10.31 -37.27
C GLU D 53 -14.96 -10.07 -36.80
N HIS D 54 -14.22 -9.22 -37.51
CA HIS D 54 -12.84 -8.98 -37.12
C HIS D 54 -12.68 -8.11 -35.87
N ASN D 55 -13.37 -6.97 -35.81
CA ASN D 55 -13.26 -6.07 -34.66
C ASN D 55 -13.76 -6.74 -33.38
N THR D 56 -12.83 -7.40 -32.70
CA THR D 56 -13.12 -8.13 -31.47
C THR D 56 -13.53 -7.30 -30.25
N GLU D 57 -12.73 -6.29 -29.90
CA GLU D 57 -13.05 -5.48 -28.74
C GLU D 57 -14.32 -4.66 -28.91
N LEU D 58 -14.64 -4.28 -30.14
CA LEU D 58 -15.85 -3.50 -30.40
C LEU D 58 -17.03 -4.45 -30.23
N LYS D 59 -16.81 -5.69 -30.66
CA LYS D 59 -17.86 -6.71 -30.55
C LYS D 59 -18.09 -7.05 -29.09
N ASP D 60 -17.01 -7.16 -28.33
CA ASP D 60 -17.16 -7.46 -26.91
C ASP D 60 -17.86 -6.27 -26.27
N LYS D 61 -17.48 -5.08 -26.73
CA LYS D 61 -18.04 -3.85 -26.19
C LYS D 61 -19.55 -3.82 -26.42
N PHE D 62 -19.98 -4.38 -27.55
CA PHE D 62 -21.40 -4.41 -27.88
C PHE D 62 -22.11 -5.55 -27.15
N LYS D 63 -21.44 -6.69 -27.02
CA LYS D 63 -22.02 -7.82 -26.34
C LYS D 63 -22.39 -7.37 -24.92
N ARG D 64 -21.62 -6.45 -24.36
CA ARG D 64 -21.89 -5.97 -23.02
C ARG D 64 -22.94 -4.87 -22.98
N ILE D 65 -23.09 -4.14 -24.07
CA ILE D 65 -24.08 -3.08 -24.14
C ILE D 65 -25.43 -3.79 -24.16
N CYS D 66 -25.42 -5.01 -24.65
CA CYS D 66 -26.62 -5.80 -24.73
C CYS D 66 -26.92 -6.51 -23.40
N GLU D 67 -25.89 -7.08 -22.80
CA GLU D 67 -26.04 -7.80 -21.54
C GLU D 67 -26.65 -6.88 -20.50
N ARG D 68 -26.41 -5.59 -20.66
CA ARG D 68 -26.96 -4.61 -19.74
C ARG D 68 -28.34 -4.11 -20.18
N SER D 69 -28.70 -4.38 -21.43
CA SER D 69 -29.97 -3.91 -22.00
C SER D 69 -31.26 -4.34 -21.32
N ALA D 70 -31.23 -5.43 -20.56
CA ALA D 70 -32.46 -5.90 -19.92
C ALA D 70 -33.50 -6.18 -21.00
N ILE D 71 -33.01 -6.41 -22.21
CA ILE D 71 -33.87 -6.72 -23.35
C ILE D 71 -33.53 -8.12 -23.84
N LYS D 72 -34.44 -9.06 -23.62
CA LYS D 72 -34.23 -10.45 -24.02
C LYS D 72 -34.50 -10.74 -25.50
N GLN D 73 -35.46 -10.04 -26.06
CA GLN D 73 -35.82 -10.27 -27.46
C GLN D 73 -36.56 -9.09 -28.08
N ARG D 74 -36.37 -8.92 -29.38
CA ARG D 74 -37.00 -7.87 -30.14
C ARG D 74 -37.35 -8.49 -31.49
N TYR D 75 -38.49 -8.10 -32.03
CA TYR D 75 -38.90 -8.60 -33.33
C TYR D 75 -38.38 -7.59 -34.37
N MET D 76 -37.69 -8.09 -35.39
CA MET D 76 -37.12 -7.23 -36.44
C MET D 76 -37.61 -7.57 -37.85
N TYR D 77 -37.84 -6.53 -38.66
CA TYR D 77 -38.29 -6.69 -40.03
C TYR D 77 -37.10 -7.17 -40.86
N LEU D 78 -35.94 -6.60 -40.57
CA LEU D 78 -34.71 -6.94 -41.24
C LEU D 78 -34.26 -8.34 -40.80
N THR D 79 -34.11 -9.22 -41.78
CA THR D 79 -33.68 -10.59 -41.52
C THR D 79 -32.38 -10.81 -42.26
N GLU D 80 -31.70 -11.91 -41.94
CA GLU D 80 -30.45 -12.22 -42.61
C GLU D 80 -30.68 -12.30 -44.11
N GLU D 81 -31.93 -12.51 -44.48
CA GLU D 81 -32.34 -12.62 -45.89
C GLU D 81 -32.31 -11.25 -46.56
N ILE D 82 -32.86 -10.26 -45.86
CA ILE D 82 -32.93 -8.89 -46.34
C ILE D 82 -31.57 -8.20 -46.25
N LEU D 83 -30.95 -8.31 -45.09
CA LEU D 83 -29.65 -7.71 -44.88
C LEU D 83 -28.60 -8.25 -45.83
N LYS D 84 -28.73 -9.52 -46.21
CA LYS D 84 -27.77 -10.12 -47.15
C LYS D 84 -27.92 -9.49 -48.52
N LYS D 85 -29.15 -9.13 -48.87
CA LYS D 85 -29.43 -8.54 -50.17
C LYS D 85 -29.27 -7.01 -50.14
N ASN D 86 -28.96 -6.48 -48.96
CA ASN D 86 -28.80 -5.03 -48.80
C ASN D 86 -27.54 -4.59 -48.09
N PRO D 87 -26.37 -4.82 -48.71
CA PRO D 87 -25.10 -4.43 -48.09
C PRO D 87 -25.03 -2.97 -47.65
N ASP D 88 -25.44 -2.03 -48.51
CA ASP D 88 -25.38 -0.61 -48.15
C ASP D 88 -26.01 -0.32 -46.79
N VAL D 89 -26.97 -1.16 -46.40
CA VAL D 89 -27.66 -1.04 -45.11
C VAL D 89 -26.76 -1.52 -43.97
N CYS D 90 -25.80 -2.38 -44.30
CA CYS D 90 -24.90 -2.92 -43.30
C CYS D 90 -23.73 -2.00 -43.02
N ALA D 91 -23.41 -1.13 -43.96
CA ALA D 91 -22.30 -0.22 -43.77
C ALA D 91 -22.69 0.72 -42.62
N PHE D 92 -21.74 1.52 -42.14
CA PHE D 92 -22.06 2.48 -41.10
C PHE D 92 -22.53 3.71 -41.87
N VAL D 93 -21.57 4.50 -42.35
CA VAL D 93 -21.90 5.68 -43.16
C VAL D 93 -21.04 5.76 -44.42
N GLU D 94 -20.20 4.77 -44.67
CA GLU D 94 -19.36 4.84 -45.87
C GLU D 94 -20.19 4.88 -47.16
N VAL D 95 -21.42 4.36 -47.10
CA VAL D 95 -22.27 4.35 -48.27
C VAL D 95 -23.70 4.81 -48.02
N PRO D 96 -24.30 5.52 -49.01
CA PRO D 96 -25.68 6.01 -48.92
C PRO D 96 -26.65 4.83 -48.90
N SER D 97 -27.75 4.96 -48.16
CA SER D 97 -28.72 3.89 -48.04
C SER D 97 -30.19 4.31 -47.91
N LEU D 98 -30.44 5.62 -47.83
CA LEU D 98 -31.78 6.17 -47.68
C LEU D 98 -32.80 5.56 -48.64
N ASP D 99 -32.55 5.67 -49.95
CA ASP D 99 -33.47 5.11 -50.93
C ASP D 99 -33.85 3.64 -50.67
N ALA D 100 -32.89 2.82 -50.27
CA ALA D 100 -33.17 1.42 -49.97
C ALA D 100 -34.05 1.28 -48.74
N ARG D 101 -33.76 2.04 -47.69
CA ARG D 101 -34.56 1.97 -46.48
C ARG D 101 -35.93 2.54 -46.73
N GLN D 102 -35.95 3.66 -47.43
CA GLN D 102 -37.19 4.37 -47.78
C GLN D 102 -38.15 3.39 -48.46
N ALA D 103 -37.63 2.58 -49.36
CA ALA D 103 -38.45 1.60 -50.06
C ALA D 103 -38.95 0.54 -49.08
N MET D 104 -38.09 0.17 -48.14
CA MET D 104 -38.45 -0.83 -47.14
C MET D 104 -39.58 -0.24 -46.26
N LEU D 105 -39.40 1.01 -45.86
CA LEU D 105 -40.36 1.68 -45.01
C LEU D 105 -41.75 1.77 -45.61
N ALA D 106 -41.84 2.23 -46.85
CA ALA D 106 -43.13 2.40 -47.51
C ALA D 106 -44.00 1.15 -47.51
N MET D 107 -43.37 -0.02 -47.45
CA MET D 107 -44.13 -1.26 -47.47
C MET D 107 -44.35 -1.85 -46.08
N GLU D 108 -43.28 -2.06 -45.33
CA GLU D 108 -43.40 -2.68 -44.02
C GLU D 108 -44.23 -1.95 -42.95
N VAL D 109 -44.07 -0.63 -42.83
CA VAL D 109 -44.80 0.13 -41.81
C VAL D 109 -46.31 0.01 -41.94
N PRO D 110 -46.87 0.43 -43.07
CA PRO D 110 -48.33 0.31 -43.22
C PRO D 110 -48.80 -1.14 -43.02
N ARG D 111 -48.02 -2.09 -43.51
CA ARG D 111 -48.39 -3.50 -43.39
C ARG D 111 -48.58 -3.86 -41.93
N LEU D 112 -47.57 -3.58 -41.11
CA LEU D 112 -47.65 -3.85 -39.68
C LEU D 112 -48.76 -3.03 -39.03
N ALA D 113 -48.92 -1.78 -39.47
CA ALA D 113 -49.95 -0.92 -38.91
C ALA D 113 -51.33 -1.54 -39.12
N LYS D 114 -51.58 -2.02 -40.33
CA LYS D 114 -52.86 -2.65 -40.67
C LYS D 114 -53.05 -3.85 -39.77
N GLU D 115 -51.99 -4.65 -39.63
CA GLU D 115 -52.05 -5.85 -38.82
C GLU D 115 -52.48 -5.51 -37.39
N ALA D 116 -51.94 -4.44 -36.84
CA ALA D 116 -52.27 -4.04 -35.48
C ALA D 116 -53.70 -3.51 -35.41
N ALA D 117 -53.98 -2.48 -36.20
CA ALA D 117 -55.31 -1.90 -36.18
C ALA D 117 -56.43 -2.90 -36.39
N GLU D 118 -56.22 -3.86 -37.29
CA GLU D 118 -57.26 -4.83 -37.56
C GLU D 118 -57.63 -5.68 -36.36
N LYS D 119 -56.70 -5.82 -35.43
CA LYS D 119 -56.93 -6.60 -34.21
C LYS D 119 -57.69 -5.75 -33.21
N ALA D 120 -57.37 -4.46 -33.16
CA ALA D 120 -58.03 -3.53 -32.24
C ALA D 120 -59.45 -3.32 -32.73
N ILE D 121 -59.69 -3.45 -34.03
CA ILE D 121 -61.04 -3.27 -34.55
C ILE D 121 -61.88 -4.47 -34.15
N GLN D 122 -61.34 -5.67 -34.35
CA GLN D 122 -62.06 -6.88 -34.00
C GLN D 122 -62.44 -6.90 -32.53
N GLU D 123 -61.56 -6.39 -31.69
CA GLU D 123 -61.84 -6.33 -30.25
C GLU D 123 -62.92 -5.30 -30.03
N TRP D 124 -62.78 -4.17 -30.71
CA TRP D 124 -63.73 -3.08 -30.62
C TRP D 124 -65.10 -3.66 -30.97
N GLY D 125 -65.10 -4.52 -31.99
CA GLY D 125 -66.32 -5.16 -32.42
C GLY D 125 -67.28 -4.31 -33.24
N GLN D 126 -66.83 -3.13 -33.64
CA GLN D 126 -67.69 -2.26 -34.44
C GLN D 126 -67.19 -2.09 -35.86
N SER D 127 -68.02 -1.48 -36.70
CA SER D 127 -67.68 -1.27 -38.09
C SER D 127 -66.65 -0.17 -38.34
N LYS D 128 -65.74 -0.43 -39.28
CA LYS D 128 -64.71 0.51 -39.67
C LYS D 128 -65.35 1.84 -40.02
N SER D 129 -66.51 1.76 -40.66
CA SER D 129 -67.26 2.95 -41.08
C SER D 129 -67.54 3.89 -39.92
N GLY D 130 -67.46 3.35 -38.70
CA GLY D 130 -67.71 4.16 -37.52
C GLY D 130 -66.48 4.94 -37.10
N ILE D 131 -65.36 4.67 -37.75
CA ILE D 131 -64.13 5.38 -37.45
C ILE D 131 -64.16 6.70 -38.18
N THR D 132 -63.98 7.77 -37.41
CA THR D 132 -64.00 9.12 -37.93
C THR D 132 -62.62 9.76 -38.08
N HIS D 133 -61.71 9.44 -37.16
CA HIS D 133 -60.37 10.00 -37.20
C HIS D 133 -59.30 8.93 -37.20
N LEU D 134 -58.13 9.31 -37.69
CA LEU D 134 -56.97 8.42 -37.72
C LEU D 134 -55.76 9.25 -37.37
N ILE D 135 -55.07 8.83 -36.31
CA ILE D 135 -53.84 9.48 -35.88
C ILE D 135 -52.77 8.42 -36.13
N PHE D 136 -51.93 8.63 -37.14
CA PHE D 136 -50.86 7.69 -37.47
C PHE D 136 -49.51 8.22 -37.01
N CYS D 137 -48.72 7.35 -36.42
CA CYS D 137 -47.43 7.75 -35.89
C CYS D 137 -46.29 6.83 -36.29
N SER D 138 -45.22 7.40 -36.82
CA SER D 138 -44.06 6.62 -37.19
C SER D 138 -42.85 7.53 -37.14
N THR D 139 -41.72 7.02 -36.68
CA THR D 139 -40.54 7.86 -36.58
C THR D 139 -40.31 8.71 -37.83
N THR D 140 -40.51 8.12 -38.99
CA THR D 140 -40.37 8.81 -40.28
C THR D 140 -41.40 8.25 -41.26
N THR D 141 -41.55 8.91 -42.40
CA THR D 141 -42.49 8.49 -43.44
C THR D 141 -41.77 8.83 -44.74
N PRO D 142 -41.54 7.82 -45.59
CA PRO D 142 -40.83 8.00 -46.86
C PRO D 142 -41.39 8.96 -47.92
N ASP D 143 -42.70 9.10 -48.02
CA ASP D 143 -43.24 9.97 -49.05
C ASP D 143 -44.39 10.89 -48.62
N LEU D 144 -45.09 11.39 -49.64
CA LEU D 144 -46.28 12.23 -49.51
C LEU D 144 -47.22 11.53 -50.48
N PRO D 145 -48.38 11.03 -50.01
CA PRO D 145 -48.93 11.08 -48.66
C PRO D 145 -48.23 10.19 -47.63
N GLY D 146 -48.25 10.65 -46.38
CA GLY D 146 -47.63 9.92 -45.30
C GLY D 146 -48.23 8.54 -45.10
N ALA D 147 -47.68 7.79 -44.16
CA ALA D 147 -48.19 6.45 -43.91
C ALA D 147 -49.67 6.46 -43.50
N ASP D 148 -50.15 7.58 -42.95
CA ASP D 148 -51.56 7.69 -42.53
C ASP D 148 -52.54 7.43 -43.66
N PHE D 149 -52.25 7.99 -44.83
CA PHE D 149 -53.09 7.79 -46.00
C PHE D 149 -53.02 6.32 -46.39
N GLU D 150 -51.80 5.83 -46.57
CA GLU D 150 -51.59 4.44 -46.96
C GLU D 150 -52.18 3.44 -46.00
N VAL D 151 -52.28 3.83 -44.74
CA VAL D 151 -52.82 2.93 -43.74
C VAL D 151 -54.34 2.85 -43.86
N ALA D 152 -54.98 4.01 -43.97
CA ALA D 152 -56.43 4.04 -44.07
C ALA D 152 -56.86 3.36 -45.37
N LYS D 153 -55.97 3.34 -46.35
CA LYS D 153 -56.32 2.70 -47.60
C LYS D 153 -56.25 1.19 -47.45
N LEU D 154 -55.18 0.72 -46.81
CA LEU D 154 -55.01 -0.71 -46.62
C LEU D 154 -56.10 -1.25 -45.73
N LEU D 155 -56.67 -0.39 -44.91
CA LEU D 155 -57.73 -0.77 -43.97
C LEU D 155 -59.14 -0.57 -44.54
N GLY D 156 -59.21 0.08 -45.68
CA GLY D 156 -60.51 0.33 -46.30
C GLY D 156 -61.36 1.28 -45.47
N LEU D 157 -60.70 2.22 -44.80
CA LEU D 157 -61.42 3.19 -43.98
C LEU D 157 -62.19 4.15 -44.86
N HIS D 158 -63.24 4.71 -44.30
CA HIS D 158 -64.07 5.64 -45.02
C HIS D 158 -63.22 6.73 -45.65
N PRO D 159 -63.48 7.07 -46.92
CA PRO D 159 -62.69 8.11 -47.61
C PRO D 159 -62.70 9.47 -46.90
N SER D 160 -63.65 9.67 -46.00
CA SER D 160 -63.73 10.93 -45.27
C SER D 160 -63.14 10.86 -43.87
N VAL D 161 -62.52 9.75 -43.50
CA VAL D 161 -61.91 9.67 -42.18
C VAL D 161 -60.88 10.79 -42.08
N LYS D 162 -60.99 11.61 -41.05
CA LYS D 162 -60.06 12.72 -40.85
C LYS D 162 -58.73 12.19 -40.32
N ARG D 163 -57.71 12.25 -41.17
CA ARG D 163 -56.39 11.76 -40.81
C ARG D 163 -55.39 12.84 -40.42
N VAL D 164 -54.31 12.38 -39.77
CA VAL D 164 -53.22 13.22 -39.32
C VAL D 164 -52.02 12.33 -39.00
N GLY D 165 -50.90 12.63 -39.62
CA GLY D 165 -49.69 11.87 -39.35
C GLY D 165 -48.73 12.67 -38.50
N VAL D 166 -48.25 12.09 -37.41
CA VAL D 166 -47.26 12.76 -36.56
C VAL D 166 -45.92 12.06 -36.83
N PHE D 167 -45.08 12.72 -37.61
CA PHE D 167 -43.80 12.14 -37.96
C PHE D 167 -42.61 12.88 -37.39
N GLN D 168 -41.55 12.12 -37.19
CA GLN D 168 -40.29 12.61 -36.65
C GLN D 168 -40.50 13.40 -35.39
N HIS D 169 -41.28 12.85 -34.47
CA HIS D 169 -41.49 13.46 -33.17
C HIS D 169 -40.57 12.61 -32.33
N GLY D 170 -40.60 11.31 -32.57
CA GLY D 170 -39.70 10.46 -31.83
C GLY D 170 -40.29 9.52 -30.82
N CYS D 171 -39.44 9.12 -29.89
CA CYS D 171 -39.81 8.18 -28.83
C CYS D 171 -40.80 8.69 -27.80
N PHE D 172 -41.23 9.94 -27.90
CA PHE D 172 -42.19 10.45 -26.94
C PHE D 172 -43.58 10.55 -27.57
N ALA D 173 -43.67 10.22 -28.87
CA ALA D 173 -44.92 10.28 -29.64
C ALA D 173 -46.06 9.41 -29.15
N GLY D 174 -45.74 8.26 -28.56
CA GLY D 174 -46.75 7.36 -28.05
C GLY D 174 -47.65 8.11 -27.08
N GLY D 175 -47.11 9.19 -26.52
CA GLY D 175 -47.85 10.00 -25.58
C GLY D 175 -48.55 11.17 -26.23
N THR D 176 -48.00 11.68 -27.33
CA THR D 176 -48.62 12.81 -28.01
C THR D 176 -49.91 12.37 -28.70
N VAL D 177 -49.93 11.13 -29.20
CA VAL D 177 -51.11 10.63 -29.89
C VAL D 177 -52.29 10.45 -28.93
N LEU D 178 -52.02 10.09 -27.67
CA LEU D 178 -53.10 9.95 -26.72
C LEU D 178 -53.62 11.36 -26.44
N ARG D 179 -52.70 12.32 -26.38
CA ARG D 179 -53.02 13.73 -26.13
C ARG D 179 -53.82 14.33 -27.27
N MET D 180 -53.48 13.93 -28.49
CA MET D 180 -54.17 14.44 -29.67
C MET D 180 -55.50 13.73 -29.77
N ALA D 181 -55.52 12.45 -29.41
CA ALA D 181 -56.73 11.66 -29.47
C ALA D 181 -57.80 12.12 -28.47
N LYS D 182 -57.40 12.48 -27.26
CA LYS D 182 -58.35 12.94 -26.26
C LYS D 182 -59.10 14.17 -26.76
N ASP D 183 -58.36 15.09 -27.35
CA ASP D 183 -58.96 16.30 -27.87
C ASP D 183 -59.88 16.06 -29.06
N LEU D 184 -59.52 15.12 -29.93
CA LEU D 184 -60.35 14.82 -31.10
C LEU D 184 -61.66 14.13 -30.74
N ALA D 185 -61.64 13.26 -29.75
CA ALA D 185 -62.84 12.53 -29.35
C ALA D 185 -63.70 13.28 -28.36
N GLU D 186 -63.15 14.28 -27.69
CA GLU D 186 -63.95 15.01 -26.71
C GLU D 186 -64.60 16.24 -27.31
N ASN D 187 -64.12 16.65 -28.49
CA ASN D 187 -64.68 17.82 -29.13
C ASN D 187 -65.56 17.43 -30.30
N ASN D 188 -65.68 16.14 -30.54
CA ASN D 188 -66.50 15.62 -31.64
C ASN D 188 -67.42 14.52 -31.12
N ARG D 189 -68.66 14.91 -30.83
CA ARG D 189 -69.65 13.97 -30.33
C ARG D 189 -69.74 12.75 -31.23
N GLY D 190 -69.59 11.57 -30.62
CA GLY D 190 -69.69 10.32 -31.35
C GLY D 190 -68.42 9.90 -32.09
N ALA D 191 -67.41 10.75 -32.09
CA ALA D 191 -66.17 10.43 -32.78
C ALA D 191 -65.52 9.16 -32.23
N ARG D 192 -64.75 8.53 -33.09
CA ARG D 192 -64.04 7.32 -32.75
C ARG D 192 -62.72 7.42 -33.51
N VAL D 193 -61.66 7.65 -32.76
CA VAL D 193 -60.33 7.82 -33.31
C VAL D 193 -59.52 6.53 -33.33
N LEU D 194 -58.94 6.24 -34.50
CA LEU D 194 -58.08 5.08 -34.66
C LEU D 194 -56.67 5.63 -34.47
N VAL D 195 -55.97 5.13 -33.45
CA VAL D 195 -54.61 5.57 -33.12
C VAL D 195 -53.56 4.52 -33.47
N ILE D 196 -52.64 4.84 -34.36
CA ILE D 196 -51.61 3.86 -34.76
C ILE D 196 -50.15 4.31 -34.67
N CYS D 197 -49.35 3.49 -34.01
CA CYS D 197 -47.93 3.74 -33.88
C CYS D 197 -47.21 2.55 -34.53
N SER D 198 -46.61 2.77 -35.69
CA SER D 198 -45.90 1.71 -36.39
C SER D 198 -44.44 2.12 -36.56
N GLU D 199 -43.55 1.27 -36.06
CA GLU D 199 -42.11 1.54 -36.09
C GLU D 199 -41.24 0.38 -36.53
N THR D 200 -40.23 0.68 -37.34
CA THR D 200 -39.28 -0.32 -37.80
C THR D 200 -37.84 0.23 -37.75
N THR D 201 -36.88 -0.62 -37.38
CA THR D 201 -35.50 -0.15 -37.30
C THR D 201 -34.83 -0.14 -38.67
N ALA D 202 -35.57 -0.56 -39.69
CA ALA D 202 -35.03 -0.60 -41.04
C ALA D 202 -34.53 0.78 -41.47
N VAL D 203 -34.98 1.82 -40.79
CA VAL D 203 -34.56 3.18 -41.11
C VAL D 203 -33.32 3.56 -40.26
N THR D 204 -33.17 2.88 -39.12
CA THR D 204 -32.04 3.13 -38.20
C THR D 204 -30.85 2.18 -38.32
N PHE D 205 -31.12 0.90 -38.59
CA PHE D 205 -30.05 -0.10 -38.69
C PHE D 205 -28.86 0.25 -39.57
N ARG D 206 -27.67 0.08 -39.02
CA ARG D 206 -26.44 0.33 -39.78
C ARG D 206 -25.24 -0.34 -39.10
N GLY D 207 -24.14 -0.49 -39.82
CA GLY D 207 -22.97 -1.12 -39.27
C GLY D 207 -22.48 -0.46 -38.00
N PRO D 208 -21.57 -1.09 -37.26
CA PRO D 208 -21.08 -0.49 -36.03
C PRO D 208 -19.83 0.39 -36.24
N SER D 209 -19.59 1.31 -35.32
CA SER D 209 -18.42 2.18 -35.39
C SER D 209 -17.91 2.51 -34.00
N GLU D 210 -16.59 2.36 -33.83
CA GLU D 210 -15.92 2.63 -32.56
C GLU D 210 -15.91 4.12 -32.23
N THR D 211 -16.13 4.94 -33.25
CA THR D 211 -16.15 6.40 -33.07
C THR D 211 -17.51 6.88 -32.55
N HIS D 212 -18.56 6.11 -32.82
CA HIS D 212 -19.90 6.45 -32.38
C HIS D 212 -20.49 5.34 -31.52
N LEU D 213 -19.98 5.19 -30.30
CA LEU D 213 -20.44 4.16 -29.37
C LEU D 213 -21.88 4.45 -28.95
N ASP D 214 -22.17 5.75 -28.80
CA ASP D 214 -23.50 6.18 -28.43
C ASP D 214 -24.45 5.53 -29.44
N SER D 215 -24.17 5.76 -30.72
CA SER D 215 -24.96 5.19 -31.81
C SER D 215 -25.01 3.66 -31.77
N LEU D 216 -23.95 3.04 -31.30
CA LEU D 216 -23.87 1.58 -31.22
C LEU D 216 -24.91 1.00 -30.25
N VAL D 217 -25.22 1.75 -29.19
CA VAL D 217 -26.21 1.31 -28.20
C VAL D 217 -27.56 1.13 -28.89
N GLY D 218 -27.97 2.16 -29.63
CA GLY D 218 -29.24 2.12 -30.32
C GLY D 218 -29.49 0.82 -31.07
N GLN D 219 -28.44 0.25 -31.63
CA GLN D 219 -28.58 -0.99 -32.36
C GLN D 219 -28.92 -2.13 -31.43
N ALA D 220 -28.74 -1.91 -30.12
CA ALA D 220 -29.02 -2.92 -29.12
C ALA D 220 -30.42 -2.81 -28.54
N LEU D 221 -30.98 -1.61 -28.57
CA LEU D 221 -32.29 -1.38 -27.98
C LEU D 221 -33.49 -1.39 -28.91
N PHE D 222 -33.42 -0.60 -29.98
CA PHE D 222 -34.52 -0.49 -30.93
C PHE D 222 -35.09 -1.75 -31.59
N GLY D 223 -36.41 -1.89 -31.50
CA GLY D 223 -37.09 -3.03 -32.09
C GLY D 223 -38.32 -2.63 -32.89
N ASP D 224 -38.84 -3.57 -33.66
CA ASP D 224 -40.00 -3.32 -34.51
C ASP D 224 -41.33 -3.66 -33.86
N GLY D 225 -42.27 -2.73 -34.02
CA GLY D 225 -43.57 -2.96 -33.47
C GLY D 225 -44.58 -1.95 -33.97
N ALA D 226 -45.84 -2.34 -33.84
CA ALA D 226 -46.94 -1.50 -34.22
C ALA D 226 -47.97 -1.74 -33.15
N SER D 227 -48.88 -0.79 -32.98
CA SER D 227 -49.94 -0.94 -32.01
C SER D 227 -51.04 -0.05 -32.52
N ALA D 228 -52.26 -0.32 -32.08
CA ALA D 228 -53.40 0.44 -32.53
C ALA D 228 -54.44 0.53 -31.42
N LEU D 229 -55.01 1.72 -31.26
CA LEU D 229 -56.01 1.96 -30.24
C LEU D 229 -57.23 2.60 -30.86
N ILE D 230 -58.36 2.34 -30.25
CA ILE D 230 -59.61 2.92 -30.69
C ILE D 230 -59.94 3.84 -29.50
N VAL D 231 -59.96 5.13 -29.76
CA VAL D 231 -60.27 6.09 -28.71
C VAL D 231 -61.61 6.69 -29.03
N GLY D 232 -62.35 7.06 -27.98
CA GLY D 232 -63.66 7.64 -28.16
C GLY D 232 -64.25 8.07 -26.83
N ALA D 233 -65.04 9.13 -26.86
CA ALA D 233 -65.68 9.63 -25.65
C ALA D 233 -67.09 9.06 -25.68
N ASP D 234 -67.63 8.76 -24.50
CA ASP D 234 -68.98 8.22 -24.39
C ASP D 234 -69.14 6.83 -24.97
N PRO D 235 -68.50 5.82 -24.37
CA PRO D 235 -68.67 4.49 -24.95
C PRO D 235 -70.13 4.08 -24.90
N ILE D 236 -70.58 3.32 -25.90
CA ILE D 236 -71.96 2.87 -25.94
C ILE D 236 -72.17 1.73 -24.94
N PRO D 237 -73.12 1.89 -24.00
CA PRO D 237 -73.41 0.87 -23.00
C PRO D 237 -73.56 -0.49 -23.66
N GLN D 238 -73.11 -1.54 -22.98
CA GLN D 238 -73.20 -2.91 -23.53
C GLN D 238 -72.19 -3.11 -24.66
N VAL D 239 -72.42 -2.40 -25.76
CA VAL D 239 -71.60 -2.50 -26.97
C VAL D 239 -70.09 -2.27 -26.78
N GLU D 240 -69.71 -1.08 -26.30
CA GLU D 240 -68.29 -0.78 -26.14
C GLU D 240 -67.82 -0.82 -24.70
N LYS D 241 -66.65 -1.42 -24.51
CA LYS D 241 -66.06 -1.55 -23.20
C LYS D 241 -64.80 -0.72 -23.09
N ALA D 242 -64.84 0.32 -22.27
CA ALA D 242 -63.65 1.14 -22.10
C ALA D 242 -62.72 0.39 -21.14
N CYS D 243 -61.42 0.55 -21.33
CA CYS D 243 -60.48 -0.11 -20.45
C CYS D 243 -59.57 0.91 -19.78
N PHE D 244 -59.51 2.10 -20.36
CA PHE D 244 -58.71 3.21 -19.82
C PHE D 244 -59.27 4.54 -20.27
N GLU D 245 -59.04 5.57 -19.47
CA GLU D 245 -59.52 6.91 -19.80
C GLU D 245 -58.41 7.95 -19.76
N ILE D 246 -58.46 8.86 -20.73
CA ILE D 246 -57.48 9.92 -20.86
C ILE D 246 -58.04 11.16 -20.13
N VAL D 247 -57.51 11.40 -18.94
CA VAL D 247 -57.96 12.50 -18.08
C VAL D 247 -57.29 13.86 -18.23
N TRP D 248 -55.99 13.88 -18.47
CA TRP D 248 -55.25 15.13 -18.55
C TRP D 248 -53.88 14.86 -19.13
N THR D 249 -53.34 15.82 -19.88
CA THR D 249 -52.03 15.67 -20.50
C THR D 249 -51.14 16.90 -20.38
N ALA D 250 -49.87 16.73 -20.73
CA ALA D 250 -48.90 17.81 -20.65
C ALA D 250 -47.63 17.43 -21.43
N GLN D 251 -46.91 18.44 -21.89
CA GLN D 251 -45.67 18.22 -22.63
C GLN D 251 -44.70 19.28 -22.17
N THR D 252 -43.45 18.90 -21.93
CA THR D 252 -42.49 19.87 -21.48
C THR D 252 -41.09 19.54 -21.98
N VAL D 253 -40.24 20.56 -22.02
CA VAL D 253 -38.86 20.38 -22.45
C VAL D 253 -38.03 20.42 -21.20
N VAL D 254 -37.07 19.50 -21.07
CA VAL D 254 -36.21 19.50 -19.88
C VAL D 254 -35.14 20.58 -20.06
N PRO D 255 -34.81 21.31 -18.98
CA PRO D 255 -33.79 22.36 -19.03
C PRO D 255 -32.43 21.84 -19.49
N ASN D 256 -31.78 22.60 -20.36
CA ASN D 256 -30.46 22.21 -20.84
C ASN D 256 -30.35 20.76 -21.30
N SER D 257 -31.15 20.38 -22.28
CA SER D 257 -31.10 19.00 -22.76
C SER D 257 -31.08 18.83 -24.27
N GLU D 258 -30.64 19.85 -25.00
CA GLU D 258 -30.59 19.74 -26.45
C GLU D 258 -29.46 18.79 -26.85
N GLY D 259 -29.74 17.94 -27.83
CA GLY D 259 -28.76 16.98 -28.29
C GLY D 259 -28.84 15.69 -27.50
N ALA D 260 -29.42 15.77 -26.31
CA ALA D 260 -29.58 14.61 -25.42
C ALA D 260 -30.06 13.42 -26.21
N ILE D 261 -31.16 13.64 -26.94
CA ILE D 261 -31.78 12.64 -27.78
C ILE D 261 -32.08 13.33 -29.11
N GLY D 262 -31.52 12.82 -30.21
CA GLY D 262 -31.76 13.44 -31.49
C GLY D 262 -31.70 12.48 -32.66
N GLY D 263 -32.04 13.00 -33.85
CA GLY D 263 -32.01 12.21 -35.06
C GLY D 263 -31.78 13.15 -36.24
N LYS D 264 -31.37 12.59 -37.39
CA LYS D 264 -31.11 13.36 -38.61
C LYS D 264 -31.47 12.48 -39.81
N VAL D 265 -32.29 12.99 -40.72
CA VAL D 265 -32.67 12.23 -41.90
C VAL D 265 -31.64 12.58 -42.96
N ARG D 266 -30.85 11.60 -43.38
CA ARG D 266 -29.81 11.90 -44.34
C ARG D 266 -29.64 10.84 -45.41
N GLU D 267 -28.70 11.07 -46.31
CA GLU D 267 -28.47 10.15 -47.41
C GLU D 267 -28.08 8.76 -46.92
N VAL D 268 -27.45 8.68 -45.75
CA VAL D 268 -27.04 7.41 -45.15
C VAL D 268 -28.19 6.86 -44.32
N GLY D 269 -29.36 7.46 -44.47
CA GLY D 269 -30.51 7.03 -43.70
C GLY D 269 -30.69 7.91 -42.48
N LEU D 270 -31.40 7.41 -41.48
CA LEU D 270 -31.66 8.17 -40.28
C LEU D 270 -30.62 7.90 -39.20
N THR D 271 -29.87 8.93 -38.86
CA THR D 271 -28.82 8.81 -37.86
C THR D 271 -29.32 9.08 -36.45
N PHE D 272 -28.76 8.35 -35.48
CA PHE D 272 -29.16 8.46 -34.11
C PHE D 272 -28.06 8.97 -33.16
N GLN D 273 -28.40 9.94 -32.32
CA GLN D 273 -27.48 10.52 -31.34
C GLN D 273 -28.13 10.40 -29.97
N LEU D 274 -27.35 10.00 -28.97
CA LEU D 274 -27.89 9.78 -27.62
C LEU D 274 -26.83 10.09 -26.55
N LYS D 275 -27.04 11.15 -25.79
CA LYS D 275 -26.09 11.52 -24.75
C LYS D 275 -26.25 10.61 -23.54
N GLY D 276 -25.26 10.63 -22.65
CA GLY D 276 -25.31 9.80 -21.47
C GLY D 276 -26.08 10.44 -20.32
N ALA D 277 -26.36 11.72 -20.45
CA ALA D 277 -27.08 12.44 -19.42
C ALA D 277 -28.59 12.18 -19.42
N VAL D 278 -29.08 11.55 -20.47
CA VAL D 278 -30.51 11.28 -20.59
C VAL D 278 -31.14 10.68 -19.34
N PRO D 279 -30.58 9.58 -18.83
CA PRO D 279 -31.20 8.99 -17.63
C PRO D 279 -31.28 10.02 -16.49
N ASP D 280 -30.28 10.88 -16.37
CA ASP D 280 -30.30 11.90 -15.32
C ASP D 280 -31.30 13.01 -15.65
N LEU D 281 -31.31 13.44 -16.89
CA LEU D 281 -32.21 14.50 -17.31
C LEU D 281 -33.68 14.17 -17.01
N ILE D 282 -34.13 13.00 -17.44
CA ILE D 282 -35.52 12.63 -17.20
C ILE D 282 -35.81 12.47 -15.70
N SER D 283 -34.85 11.90 -14.97
CA SER D 283 -34.97 11.69 -13.53
C SER D 283 -35.11 13.02 -12.80
N ALA D 284 -34.08 13.84 -12.93
CA ALA D 284 -34.02 15.15 -12.28
C ALA D 284 -35.13 16.09 -12.68
N ASN D 285 -36.17 15.58 -13.32
CA ASN D 285 -37.28 16.43 -13.76
C ASN D 285 -38.67 15.80 -13.78
N ILE D 286 -38.75 14.48 -13.66
CA ILE D 286 -40.05 13.82 -13.69
C ILE D 286 -40.88 14.14 -12.45
N GLU D 287 -40.20 14.62 -11.40
CA GLU D 287 -40.86 14.99 -10.16
C GLU D 287 -41.81 16.14 -10.41
N ASN D 288 -41.33 17.22 -11.01
CA ASN D 288 -42.18 18.38 -11.32
C ASN D 288 -43.29 18.00 -12.28
N CYS D 289 -43.10 16.90 -13.00
CA CYS D 289 -44.11 16.43 -13.93
C CYS D 289 -45.24 15.79 -13.14
N MET D 290 -44.88 14.94 -12.19
CA MET D 290 -45.85 14.24 -11.35
C MET D 290 -46.67 15.17 -10.46
N VAL D 291 -46.04 16.13 -9.80
CA VAL D 291 -46.77 17.05 -8.94
C VAL D 291 -47.64 17.97 -9.80
N GLU D 292 -47.17 18.26 -11.02
CA GLU D 292 -47.91 19.13 -11.93
C GLU D 292 -49.22 18.52 -12.39
N ALA D 293 -49.24 17.20 -12.49
CA ALA D 293 -50.43 16.50 -12.95
C ALA D 293 -51.35 16.00 -11.86
N PHE D 294 -50.78 15.47 -10.78
CA PHE D 294 -51.61 14.89 -9.74
C PHE D 294 -52.01 15.70 -8.51
N SER D 295 -51.32 16.80 -8.20
CA SER D 295 -51.72 17.56 -7.02
C SER D 295 -53.18 18.03 -7.13
N GLN D 296 -53.68 18.12 -8.36
CA GLN D 296 -55.05 18.56 -8.62
C GLN D 296 -56.05 17.43 -8.34
N PHE D 297 -55.56 16.19 -8.33
CA PHE D 297 -56.42 15.07 -8.06
C PHE D 297 -56.23 14.62 -6.62
N LYS D 298 -55.66 15.51 -5.82
CA LYS D 298 -55.42 15.26 -4.40
C LYS D 298 -54.55 14.02 -4.15
N ILE D 299 -53.71 13.69 -5.12
CA ILE D 299 -52.80 12.53 -5.02
C ILE D 299 -51.34 12.99 -4.97
N SER D 300 -50.66 12.67 -3.86
CA SER D 300 -49.27 13.08 -3.65
C SER D 300 -48.27 11.95 -3.49
N ASP D 301 -48.76 10.72 -3.33
CA ASP D 301 -47.94 9.50 -3.18
C ASP D 301 -47.97 8.79 -4.53
N TRP D 302 -46.91 8.91 -5.31
CA TRP D 302 -46.85 8.28 -6.62
C TRP D 302 -47.12 6.78 -6.60
N ASN D 303 -47.06 6.15 -5.43
CA ASN D 303 -47.28 4.71 -5.37
C ASN D 303 -48.75 4.29 -5.33
N LYS D 304 -49.64 5.26 -5.12
CA LYS D 304 -51.07 4.95 -5.11
C LYS D 304 -51.61 5.08 -6.55
N LEU D 305 -50.72 4.96 -7.53
CA LEU D 305 -51.02 5.05 -8.97
C LEU D 305 -50.30 3.95 -9.73
N PHE D 306 -50.85 3.53 -10.87
CA PHE D 306 -50.16 2.50 -11.66
C PHE D 306 -49.30 3.24 -12.66
N TRP D 307 -48.40 2.51 -13.32
CA TRP D 307 -47.48 3.15 -14.25
C TRP D 307 -47.33 2.58 -15.65
N VAL D 308 -47.03 3.48 -16.58
CA VAL D 308 -46.78 3.15 -17.97
C VAL D 308 -45.71 4.16 -18.39
N VAL D 309 -44.47 3.70 -18.44
CA VAL D 309 -43.35 4.56 -18.81
C VAL D 309 -42.72 4.06 -20.09
N HIS D 310 -42.40 4.97 -21.01
CA HIS D 310 -41.76 4.54 -22.24
C HIS D 310 -40.42 3.91 -21.85
N PRO D 311 -40.19 2.65 -22.25
CA PRO D 311 -38.95 1.91 -21.94
C PRO D 311 -37.70 2.43 -22.65
N GLY D 312 -37.42 3.72 -22.50
CA GLY D 312 -36.26 4.30 -23.14
C GLY D 312 -35.04 3.42 -23.02
N GLY D 313 -34.61 3.21 -21.78
CA GLY D 313 -33.47 2.38 -21.52
C GLY D 313 -33.55 1.90 -20.09
N ARG D 314 -32.93 0.75 -19.81
CA ARG D 314 -32.92 0.15 -18.48
C ARG D 314 -32.54 1.24 -17.47
N ALA D 315 -31.47 1.97 -17.77
CA ALA D 315 -31.02 3.02 -16.89
C ALA D 315 -32.13 4.04 -16.58
N ILE D 316 -32.78 4.52 -17.64
CA ILE D 316 -33.88 5.48 -17.47
C ILE D 316 -34.93 4.97 -16.48
N LEU D 317 -35.30 3.70 -16.57
CA LEU D 317 -36.30 3.16 -15.64
C LEU D 317 -35.75 3.19 -14.22
N ASP D 318 -34.61 2.54 -14.01
CA ASP D 318 -34.01 2.50 -12.69
C ASP D 318 -33.88 3.90 -12.13
N ARG D 319 -33.29 4.80 -12.92
CA ARG D 319 -33.08 6.18 -12.49
C ARG D 319 -34.36 6.91 -12.06
N VAL D 320 -35.47 6.61 -12.73
CA VAL D 320 -36.77 7.22 -12.41
C VAL D 320 -37.41 6.54 -11.19
N GLU D 321 -37.28 5.23 -11.13
CA GLU D 321 -37.81 4.47 -10.02
C GLU D 321 -37.20 4.99 -8.71
N ALA D 322 -35.96 5.48 -8.80
CA ALA D 322 -35.23 6.00 -7.66
C ALA D 322 -35.70 7.36 -7.16
N LYS D 323 -35.70 8.35 -8.04
CA LYS D 323 -36.11 9.70 -7.66
C LYS D 323 -37.50 9.70 -7.01
N LEU D 324 -38.39 8.84 -7.49
CA LEU D 324 -39.74 8.77 -6.97
C LEU D 324 -39.96 7.54 -6.09
N ASN D 325 -38.88 6.80 -5.86
CA ASN D 325 -38.90 5.59 -5.04
C ASN D 325 -40.23 4.82 -5.12
N LEU D 326 -40.48 4.26 -6.30
CA LEU D 326 -41.70 3.49 -6.53
C LEU D 326 -41.37 2.07 -6.15
N ASP D 327 -42.34 1.33 -5.64
CA ASP D 327 -42.10 -0.06 -5.26
C ASP D 327 -41.98 -0.95 -6.49
N PRO D 328 -41.08 -1.95 -6.44
CA PRO D 328 -40.83 -2.89 -7.54
C PRO D 328 -42.01 -3.15 -8.47
N THR D 329 -43.16 -3.37 -7.87
CA THR D 329 -44.40 -3.64 -8.60
C THR D 329 -44.67 -2.67 -9.74
N LYS D 330 -44.68 -1.38 -9.43
CA LYS D 330 -44.94 -0.33 -10.41
C LYS D 330 -44.56 -0.68 -11.85
N LEU D 331 -43.27 -0.59 -12.15
CA LEU D 331 -42.75 -0.85 -13.49
C LEU D 331 -42.68 -2.29 -13.95
N ILE D 332 -43.51 -3.18 -13.41
CA ILE D 332 -43.45 -4.56 -13.87
C ILE D 332 -43.96 -4.69 -15.30
N PRO D 333 -45.12 -4.09 -15.60
CA PRO D 333 -45.60 -4.22 -16.98
C PRO D 333 -44.64 -3.53 -17.96
N THR D 334 -44.11 -2.38 -17.56
CA THR D 334 -43.18 -1.64 -18.40
C THR D 334 -41.95 -2.47 -18.75
N ARG D 335 -41.31 -3.07 -17.75
CA ARG D 335 -40.11 -3.87 -18.02
C ARG D 335 -40.44 -5.12 -18.83
N HIS D 336 -41.56 -5.77 -18.48
CA HIS D 336 -41.98 -6.97 -19.19
C HIS D 336 -41.94 -6.68 -20.68
N VAL D 337 -42.64 -5.64 -21.09
CA VAL D 337 -42.70 -5.25 -22.49
C VAL D 337 -41.31 -4.98 -23.04
N MET D 338 -40.52 -4.20 -22.29
CA MET D 338 -39.18 -3.87 -22.75
C MET D 338 -38.32 -5.12 -22.92
N SER D 339 -38.59 -6.15 -22.11
CA SER D 339 -37.82 -7.40 -22.20
C SER D 339 -38.25 -8.25 -23.38
N GLU D 340 -39.55 -8.21 -23.65
CA GLU D 340 -40.14 -8.99 -24.73
C GLU D 340 -40.09 -8.35 -26.13
N TYR D 341 -40.09 -7.02 -26.18
CA TYR D 341 -40.08 -6.31 -27.45
C TYR D 341 -38.96 -5.28 -27.62
N GLY D 342 -38.30 -4.93 -26.53
CA GLY D 342 -37.25 -3.94 -26.63
C GLY D 342 -37.88 -2.55 -26.79
N ASN D 343 -37.14 -1.62 -27.38
CA ASN D 343 -37.62 -0.26 -27.59
C ASN D 343 -38.31 -0.12 -28.96
N MET D 344 -39.64 -0.07 -28.96
CA MET D 344 -40.38 0.06 -30.20
C MET D 344 -40.83 1.50 -30.38
N SER D 345 -40.00 2.41 -29.87
CA SER D 345 -40.26 3.84 -29.96
C SER D 345 -41.67 4.23 -29.50
N SER D 346 -42.42 4.90 -30.37
CA SER D 346 -43.77 5.37 -30.05
C SER D 346 -44.79 4.30 -29.65
N ALA D 347 -44.70 3.12 -30.25
CA ALA D 347 -45.65 2.06 -29.92
C ALA D 347 -45.46 1.39 -28.56
N CYS D 348 -44.32 1.60 -27.91
CA CYS D 348 -44.02 0.99 -26.62
C CYS D 348 -45.07 1.15 -25.51
N VAL D 349 -45.35 2.39 -25.12
CA VAL D 349 -46.32 2.64 -24.05
C VAL D 349 -47.70 2.04 -24.31
N HIS D 350 -48.05 1.85 -25.57
CA HIS D 350 -49.33 1.24 -25.89
C HIS D 350 -49.31 -0.28 -25.62
N PHE D 351 -48.21 -0.94 -25.97
CA PHE D 351 -48.07 -2.37 -25.69
C PHE D 351 -48.19 -2.56 -24.19
N ILE D 352 -47.56 -1.65 -23.45
CA ILE D 352 -47.58 -1.71 -22.00
C ILE D 352 -48.99 -1.53 -21.47
N LEU D 353 -49.73 -0.60 -22.06
CA LEU D 353 -51.11 -0.37 -21.63
C LEU D 353 -51.86 -1.68 -21.77
N ASP D 354 -51.58 -2.41 -22.84
CA ASP D 354 -52.23 -3.67 -23.09
C ASP D 354 -51.78 -4.73 -22.07
N GLN D 355 -50.49 -4.77 -21.76
CA GLN D 355 -49.96 -5.72 -20.78
C GLN D 355 -50.60 -5.49 -19.41
N THR D 356 -50.69 -4.22 -19.01
CA THR D 356 -51.28 -3.84 -17.74
C THR D 356 -52.67 -4.44 -17.55
N ARG D 357 -53.57 -4.14 -18.47
CA ARG D 357 -54.94 -4.66 -18.41
C ARG D 357 -54.99 -6.18 -18.60
N LYS D 358 -54.01 -6.75 -19.31
CA LYS D 358 -53.96 -8.20 -19.52
C LYS D 358 -53.52 -8.83 -18.21
N ALA D 359 -52.65 -8.12 -17.49
CA ALA D 359 -52.12 -8.58 -16.21
C ALA D 359 -53.18 -8.41 -15.12
N SER D 360 -53.87 -7.28 -15.18
CA SER D 360 -54.93 -6.94 -14.23
C SER D 360 -56.10 -7.91 -14.36
N LEU D 361 -56.16 -8.61 -15.49
CA LEU D 361 -57.25 -9.55 -15.73
C LEU D 361 -56.93 -10.94 -15.17
N GLN D 362 -55.69 -11.38 -15.35
CA GLN D 362 -55.26 -12.70 -14.87
C GLN D 362 -55.04 -12.79 -13.37
N ASN D 363 -54.89 -11.65 -12.69
CA ASN D 363 -54.65 -11.64 -11.26
C ASN D 363 -55.86 -11.24 -10.42
N GLY D 364 -57.02 -11.16 -11.06
CA GLY D 364 -58.23 -10.80 -10.35
C GLY D 364 -58.19 -9.46 -9.65
N CYS D 365 -57.62 -8.47 -10.32
CA CYS D 365 -57.54 -7.12 -9.75
C CYS D 365 -58.90 -6.49 -9.98
N SER D 366 -59.29 -5.53 -9.15
CA SER D 366 -60.58 -4.90 -9.29
C SER D 366 -60.67 -3.93 -10.47
N THR D 367 -59.52 -3.49 -10.98
CA THR D 367 -59.50 -2.57 -12.12
C THR D 367 -58.47 -2.98 -13.17
N THR D 368 -58.59 -2.38 -14.35
CA THR D 368 -57.67 -2.68 -15.45
C THR D 368 -56.36 -1.95 -15.18
N GLY D 369 -56.29 -1.33 -14.01
CA GLY D 369 -55.10 -0.64 -13.60
C GLY D 369 -54.51 -1.35 -12.39
N GLU D 370 -54.56 -2.68 -12.40
CA GLU D 370 -54.03 -3.48 -11.30
C GLU D 370 -54.59 -3.01 -9.94
N GLY D 371 -55.91 -2.88 -9.87
CA GLY D 371 -56.56 -2.47 -8.63
C GLY D 371 -56.69 -0.98 -8.38
N LEU D 372 -55.74 -0.21 -8.89
CA LEU D 372 -55.76 1.23 -8.68
C LEU D 372 -56.75 1.97 -9.58
N GLU D 373 -57.02 3.22 -9.22
CA GLU D 373 -57.96 4.08 -9.95
C GLU D 373 -57.27 4.89 -11.04
N MET D 374 -56.35 5.74 -10.64
CA MET D 374 -55.63 6.58 -11.59
C MET D 374 -54.23 6.09 -11.89
N GLY D 375 -53.72 6.46 -13.07
CA GLY D 375 -52.39 6.06 -13.47
C GLY D 375 -51.68 7.14 -14.27
N VAL D 376 -50.43 6.87 -14.63
CA VAL D 376 -49.64 7.81 -15.39
C VAL D 376 -48.84 7.09 -16.47
N LEU D 377 -48.85 7.68 -17.66
CA LEU D 377 -48.13 7.16 -18.81
C LEU D 377 -47.14 8.26 -19.14
N PHE D 378 -45.90 7.88 -19.48
CA PHE D 378 -44.85 8.83 -19.81
C PHE D 378 -44.18 8.57 -21.15
N GLY D 379 -43.84 9.65 -21.83
CA GLY D 379 -43.17 9.55 -23.11
C GLY D 379 -41.92 10.41 -23.04
N PHE D 380 -40.78 9.85 -23.43
CA PHE D 380 -39.51 10.59 -23.42
C PHE D 380 -38.99 10.65 -24.83
N GLY D 381 -38.49 11.80 -25.26
CA GLY D 381 -37.96 11.91 -26.63
C GLY D 381 -37.09 13.13 -26.92
N PRO D 382 -36.68 13.33 -28.19
CA PRO D 382 -35.83 14.45 -28.60
C PRO D 382 -36.41 15.80 -28.03
N GLY D 383 -35.57 16.61 -27.35
CA GLY D 383 -35.96 17.94 -26.82
C GLY D 383 -34.97 18.53 -25.81
N LEU D 384 -34.83 17.83 -24.71
CA LEU D 384 -35.49 16.57 -24.48
C LEU D 384 -36.98 16.79 -24.10
N THR D 385 -37.87 15.93 -24.62
CA THR D 385 -39.31 16.07 -24.38
C THR D 385 -39.96 15.06 -23.44
N ILE D 386 -40.78 15.60 -22.53
CA ILE D 386 -41.52 14.81 -21.57
C ILE D 386 -43.03 14.95 -21.82
N GLU D 387 -43.67 13.86 -22.19
CA GLU D 387 -45.11 13.84 -22.43
C GLU D 387 -45.77 13.14 -21.25
N THR D 388 -46.66 13.84 -20.55
CA THR D 388 -47.35 13.26 -19.39
C THR D 388 -48.83 13.01 -19.67
N VAL D 389 -49.29 11.81 -19.33
CA VAL D 389 -50.67 11.47 -19.55
C VAL D 389 -51.27 10.85 -18.27
N VAL D 390 -52.25 11.54 -17.66
CA VAL D 390 -52.89 11.01 -16.46
C VAL D 390 -54.07 10.14 -16.90
N LEU D 391 -54.05 8.89 -16.49
CA LEU D 391 -55.09 7.95 -16.87
C LEU D 391 -56.01 7.49 -15.76
N LYS D 392 -57.17 6.97 -16.18
CA LYS D 392 -58.17 6.44 -15.29
C LYS D 392 -58.50 5.03 -15.72
N SER D 393 -58.21 4.07 -14.84
CA SER D 393 -58.48 2.68 -15.12
C SER D 393 -59.99 2.42 -15.15
N VAL D 394 -60.36 1.16 -15.35
CA VAL D 394 -61.77 0.77 -15.40
C VAL D 394 -61.97 -0.48 -14.55
N PRO D 395 -62.91 -0.43 -13.60
CA PRO D 395 -63.18 -1.58 -12.74
C PRO D 395 -63.65 -2.78 -13.57
N ILE D 396 -63.24 -3.98 -13.18
CA ILE D 396 -63.66 -5.15 -13.92
C ILE D 396 -64.71 -5.86 -13.08
N GLN D 397 -65.84 -6.19 -13.68
CA GLN D 397 -66.94 -6.85 -12.98
C GLN D 397 -66.79 -8.37 -12.92
N ASP E 9 -13.08 20.19 29.79
CA ASP E 9 -12.13 21.33 29.57
C ASP E 9 -11.30 21.06 28.34
N PHE E 10 -10.30 20.22 28.53
CA PHE E 10 -9.41 19.85 27.45
C PHE E 10 -10.22 19.37 26.27
N GLU E 11 -11.13 18.44 26.51
CA GLU E 11 -11.98 17.95 25.42
C GLU E 11 -12.78 19.14 24.94
N GLY E 12 -12.91 20.18 25.76
CA GLY E 12 -13.66 21.33 25.31
C GLY E 12 -12.83 21.92 24.19
N PHE E 13 -11.52 21.72 24.29
CA PHE E 13 -10.60 22.21 23.31
C PHE E 13 -10.71 21.31 22.07
N ARG E 14 -10.94 20.01 22.31
CA ARG E 14 -11.07 18.97 21.28
C ARG E 14 -12.31 19.14 20.39
N LYS E 15 -13.43 19.52 21.00
CA LYS E 15 -14.68 19.71 20.27
C LYS E 15 -14.52 20.98 19.47
N LEU E 16 -13.89 21.98 20.07
CA LEU E 16 -13.68 23.26 19.40
C LEU E 16 -12.62 23.16 18.31
N GLN E 17 -11.60 22.34 18.55
CA GLN E 17 -10.47 22.14 17.66
C GLN E 17 -10.84 21.50 16.31
N ARG E 18 -11.62 20.41 16.35
CA ARG E 18 -12.00 19.72 15.12
C ARG E 18 -13.16 20.37 14.38
N ALA E 19 -13.31 20.05 13.09
CA ALA E 19 -14.39 20.60 12.29
C ALA E 19 -15.58 19.66 12.43
N ASP E 20 -16.72 20.05 11.87
CA ASP E 20 -17.94 19.23 11.97
C ASP E 20 -18.25 18.31 10.77
N GLY E 21 -18.51 18.92 9.61
CA GLY E 21 -18.86 18.14 8.43
C GLY E 21 -17.75 17.38 7.71
N PHE E 22 -17.98 17.10 6.43
CA PHE E 22 -17.01 16.36 5.60
C PHE E 22 -16.09 17.28 4.82
N ALA E 23 -14.82 16.91 4.75
CA ALA E 23 -13.83 17.67 4.00
C ALA E 23 -14.40 17.74 2.59
N SER E 24 -14.44 18.94 2.03
CA SER E 24 -15.01 19.11 0.72
C SER E 24 -14.10 19.91 -0.22
N ILE E 25 -14.12 19.56 -1.50
CA ILE E 25 -13.31 20.27 -2.46
C ILE E 25 -14.01 21.59 -2.79
N LEU E 26 -13.36 22.69 -2.44
CA LEU E 26 -13.93 24.02 -2.66
C LEU E 26 -13.48 24.69 -3.96
N ALA E 27 -12.48 24.13 -4.60
CA ALA E 27 -11.99 24.70 -5.84
C ALA E 27 -10.99 23.75 -6.45
N ILE E 28 -10.67 23.98 -7.72
CA ILE E 28 -9.73 23.15 -8.48
C ILE E 28 -9.00 23.99 -9.53
N GLY E 29 -7.67 24.03 -9.45
CA GLY E 29 -6.89 24.79 -10.41
C GLY E 29 -5.96 23.91 -11.23
N THR E 30 -5.90 24.18 -12.52
CA THR E 30 -5.09 23.43 -13.46
C THR E 30 -4.02 24.30 -14.12
N ALA E 31 -2.90 23.70 -14.52
CA ALA E 31 -1.82 24.44 -15.16
C ALA E 31 -0.89 23.53 -15.97
N ASN E 32 -0.28 24.07 -17.02
CA ASN E 32 0.63 23.29 -17.86
C ASN E 32 1.68 24.14 -18.57
N PRO E 33 2.72 23.48 -19.11
CA PRO E 33 3.81 24.13 -19.84
C PRO E 33 3.22 24.51 -21.19
N PRO E 34 3.61 25.66 -21.74
CA PRO E 34 3.07 26.08 -23.04
C PRO E 34 3.35 25.08 -24.19
N ASN E 35 4.45 24.36 -24.10
CA ASN E 35 4.83 23.42 -25.16
C ASN E 35 3.97 22.16 -25.27
N ALA E 36 2.96 22.24 -26.13
CA ALA E 36 2.07 21.12 -26.40
C ALA E 36 2.81 20.23 -27.37
N VAL E 37 2.92 18.95 -27.04
CA VAL E 37 3.64 18.03 -27.89
C VAL E 37 2.76 17.04 -28.64
N ASP E 38 2.74 17.17 -29.97
CA ASP E 38 1.96 16.30 -30.83
C ASP E 38 2.48 14.89 -30.72
N GLN E 39 1.63 13.99 -30.22
CA GLN E 39 2.00 12.58 -30.06
C GLN E 39 2.24 11.93 -31.42
N SER E 40 1.35 12.22 -32.38
CA SER E 40 1.43 11.67 -33.73
C SER E 40 2.77 11.85 -34.42
N THR E 41 3.43 12.97 -34.12
CA THR E 41 4.70 13.28 -34.72
C THR E 41 5.83 13.20 -33.69
N TYR E 42 5.52 12.70 -32.51
CA TYR E 42 6.52 12.61 -31.46
C TYR E 42 7.55 11.51 -31.71
N PRO E 43 7.15 10.42 -32.37
CA PRO E 43 8.14 9.37 -32.60
C PRO E 43 9.36 9.84 -33.40
N ASP E 44 9.11 10.58 -34.48
CA ASP E 44 10.22 11.07 -35.31
C ASP E 44 11.11 12.07 -34.55
N PHE E 45 10.51 12.91 -33.72
CA PHE E 45 11.25 13.90 -32.96
C PHE E 45 12.09 13.26 -31.87
N TYR E 46 11.44 12.48 -31.02
CA TYR E 46 12.10 11.80 -29.92
C TYR E 46 13.31 11.06 -30.44
N PHE E 47 13.11 10.18 -31.40
CA PHE E 47 14.23 9.44 -31.94
C PHE E 47 15.27 10.33 -32.60
N ARG E 48 14.85 11.47 -33.15
CA ARG E 48 15.82 12.36 -33.78
C ARG E 48 16.61 13.12 -32.71
N ILE E 49 15.90 13.75 -31.77
CA ILE E 49 16.59 14.51 -30.74
C ILE E 49 17.52 13.64 -29.90
N THR E 50 17.17 12.36 -29.74
CA THR E 50 18.00 11.46 -28.95
C THR E 50 19.04 10.81 -29.86
N GLY E 51 18.97 11.16 -31.15
CA GLY E 51 19.91 10.66 -32.15
C GLY E 51 19.91 9.16 -32.40
N ASN E 52 18.74 8.55 -32.53
CA ASN E 52 18.66 7.10 -32.77
C ASN E 52 17.84 6.76 -34.02
N GLU E 53 18.23 7.34 -35.14
CA GLU E 53 17.56 7.11 -36.43
C GLU E 53 17.87 5.69 -36.85
N HIS E 54 19.17 5.43 -36.98
CA HIS E 54 19.70 4.13 -37.36
C HIS E 54 18.97 2.98 -36.67
N ASN E 55 18.27 3.29 -35.58
CA ASN E 55 17.52 2.25 -34.86
C ASN E 55 16.05 2.33 -35.22
N THR E 56 15.75 1.87 -36.43
CA THR E 56 14.39 1.88 -36.95
C THR E 56 13.61 0.71 -36.37
N GLU E 57 14.35 -0.27 -35.85
CA GLU E 57 13.78 -1.46 -35.25
C GLU E 57 13.12 -1.11 -33.92
N LEU E 58 13.54 0.02 -33.36
CA LEU E 58 13.02 0.51 -32.10
C LEU E 58 12.06 1.65 -32.39
N LYS E 59 12.50 2.56 -33.25
CA LYS E 59 11.69 3.70 -33.63
C LYS E 59 10.28 3.26 -34.01
N ASP E 60 10.16 2.05 -34.57
CA ASP E 60 8.85 1.53 -34.97
C ASP E 60 8.11 1.02 -33.76
N LYS E 61 8.80 0.30 -32.90
CA LYS E 61 8.17 -0.22 -31.71
C LYS E 61 7.62 0.96 -30.92
N PHE E 62 8.38 2.05 -30.87
CA PHE E 62 7.96 3.24 -30.15
C PHE E 62 6.82 3.89 -30.90
N LYS E 63 6.89 3.81 -32.23
CA LYS E 63 5.87 4.39 -33.09
C LYS E 63 4.50 3.77 -32.86
N ARG E 64 4.46 2.44 -32.78
CA ARG E 64 3.19 1.74 -32.55
C ARG E 64 2.69 2.07 -31.15
N ILE E 65 3.59 2.03 -30.18
CA ILE E 65 3.24 2.35 -28.80
C ILE E 65 2.54 3.70 -28.76
N CYS E 66 3.09 4.66 -29.50
CA CYS E 66 2.52 6.00 -29.56
C CYS E 66 1.19 6.01 -30.28
N GLU E 67 1.00 5.06 -31.18
CA GLU E 67 -0.24 4.97 -31.94
C GLU E 67 -1.32 4.38 -31.03
N ARG E 68 -0.93 3.40 -30.22
CA ARG E 68 -1.85 2.71 -29.32
C ARG E 68 -2.16 3.45 -28.00
N SER E 69 -1.35 4.43 -27.64
CA SER E 69 -1.56 5.15 -26.39
C SER E 69 -2.85 5.95 -26.30
N ALA E 70 -3.47 6.21 -27.45
CA ALA E 70 -4.71 6.98 -27.49
C ALA E 70 -4.48 8.41 -27.01
N ILE E 71 -3.29 8.68 -26.50
CA ILE E 71 -2.94 10.02 -26.02
C ILE E 71 -2.76 10.84 -27.30
N LYS E 72 -3.46 11.95 -27.41
CA LYS E 72 -3.37 12.77 -28.59
C LYS E 72 -2.60 14.06 -28.35
N GLN E 73 -2.03 14.19 -27.15
CA GLN E 73 -1.26 15.38 -26.79
C GLN E 73 -0.75 15.38 -25.35
N ARG E 74 0.42 16.00 -25.16
CA ARG E 74 1.05 16.15 -23.86
C ARG E 74 1.74 17.50 -23.78
N TYR E 75 1.92 18.00 -22.56
CA TYR E 75 2.60 19.26 -22.34
C TYR E 75 3.95 18.95 -21.69
N MET E 76 5.03 19.44 -22.30
CA MET E 76 6.38 19.22 -21.80
C MET E 76 7.15 20.53 -21.65
N TYR E 77 7.83 20.68 -20.52
CA TYR E 77 8.64 21.85 -20.23
C TYR E 77 9.87 21.80 -21.16
N LEU E 78 10.28 20.58 -21.50
CA LEU E 78 11.43 20.35 -22.36
C LEU E 78 11.15 20.62 -23.83
N THR E 79 11.93 21.52 -24.41
CA THR E 79 11.79 21.87 -25.81
C THR E 79 13.05 21.37 -26.52
N GLU E 80 13.09 21.54 -27.84
CA GLU E 80 14.25 21.11 -28.61
C GLU E 80 15.43 22.03 -28.28
N GLU E 81 15.13 23.27 -27.91
CA GLU E 81 16.19 24.20 -27.57
C GLU E 81 16.81 23.80 -26.25
N ILE E 82 15.98 23.35 -25.32
CA ILE E 82 16.46 22.93 -24.03
C ILE E 82 17.21 21.60 -24.12
N LEU E 83 16.69 20.66 -24.90
CA LEU E 83 17.35 19.37 -25.06
C LEU E 83 18.65 19.56 -25.85
N LYS E 84 18.63 20.44 -26.83
CA LYS E 84 19.82 20.71 -27.65
C LYS E 84 20.99 21.12 -26.77
N LYS E 85 20.72 21.93 -25.75
CA LYS E 85 21.75 22.39 -24.82
C LYS E 85 22.06 21.39 -23.73
N ASN E 86 21.27 20.33 -23.64
CA ASN E 86 21.46 19.29 -22.63
C ASN E 86 21.36 17.89 -23.22
N PRO E 87 22.36 17.51 -24.03
CA PRO E 87 22.42 16.20 -24.69
C PRO E 87 22.47 15.03 -23.71
N ASP E 88 22.85 15.33 -22.46
CA ASP E 88 22.93 14.29 -21.44
C ASP E 88 21.52 13.81 -21.08
N VAL E 89 20.56 14.71 -21.24
CA VAL E 89 19.18 14.38 -20.95
C VAL E 89 18.75 13.50 -22.11
N CYS E 90 19.46 13.62 -23.22
CA CYS E 90 19.15 12.83 -24.41
C CYS E 90 19.77 11.45 -24.37
N ALA E 91 20.89 11.33 -23.65
CA ALA E 91 21.57 10.06 -23.53
C ALA E 91 20.65 9.15 -22.71
N PHE E 92 20.62 7.86 -23.05
CA PHE E 92 19.79 6.93 -22.29
C PHE E 92 20.32 6.85 -20.86
N VAL E 93 21.54 6.30 -20.71
CA VAL E 93 22.16 6.17 -19.40
C VAL E 93 23.69 6.21 -19.53
N GLU E 94 24.17 6.43 -20.75
CA GLU E 94 25.61 6.47 -21.03
C GLU E 94 26.39 7.52 -20.26
N VAL E 95 25.76 8.64 -19.93
CA VAL E 95 26.43 9.70 -19.20
C VAL E 95 25.51 10.29 -18.11
N PRO E 96 26.07 10.66 -16.95
CA PRO E 96 25.24 11.22 -15.88
C PRO E 96 24.48 12.46 -16.36
N SER E 97 23.49 12.89 -15.57
CA SER E 97 22.68 14.04 -15.95
C SER E 97 21.83 14.61 -14.81
N LEU E 98 21.75 13.87 -13.71
CA LEU E 98 20.94 14.30 -12.58
C LEU E 98 20.99 15.80 -12.34
N ASP E 99 22.18 16.34 -12.07
CA ASP E 99 22.32 17.77 -11.79
C ASP E 99 21.65 18.71 -12.78
N ALA E 100 21.82 18.46 -14.07
CA ALA E 100 21.16 19.33 -15.04
C ALA E 100 19.66 19.31 -14.72
N ARG E 101 19.14 18.11 -14.47
CA ARG E 101 17.73 17.93 -14.17
C ARG E 101 17.24 18.63 -12.91
N GLN E 102 17.99 18.51 -11.82
CA GLN E 102 17.59 19.14 -10.57
C GLN E 102 17.38 20.66 -10.67
N ALA E 103 18.16 21.30 -11.53
CA ALA E 103 18.05 22.74 -11.73
C ALA E 103 16.77 23.03 -12.50
N MET E 104 16.44 22.15 -13.45
CA MET E 104 15.22 22.32 -14.22
C MET E 104 14.04 22.28 -13.24
N LEU E 105 14.00 21.21 -12.45
CA LEU E 105 12.97 20.98 -11.43
C LEU E 105 12.81 22.13 -10.44
N ALA E 106 13.91 22.52 -9.80
CA ALA E 106 13.87 23.60 -8.83
C ALA E 106 13.17 24.82 -9.40
N MET E 107 13.09 24.91 -10.73
CA MET E 107 12.44 26.04 -11.39
C MET E 107 11.03 25.77 -11.92
N GLU E 108 10.86 24.72 -12.71
CA GLU E 108 9.55 24.44 -13.28
C GLU E 108 8.48 23.92 -12.33
N VAL E 109 8.77 22.83 -11.61
CA VAL E 109 7.80 22.25 -10.67
C VAL E 109 7.13 23.31 -9.81
N PRO E 110 7.92 24.18 -9.16
CA PRO E 110 7.29 25.21 -8.33
C PRO E 110 6.51 26.21 -9.18
N ARG E 111 7.10 26.60 -10.31
CA ARG E 111 6.48 27.54 -11.24
C ARG E 111 5.08 27.09 -11.57
N LEU E 112 4.97 25.91 -12.19
CA LEU E 112 3.69 25.35 -12.58
C LEU E 112 2.74 25.31 -11.40
N ALA E 113 3.23 24.82 -10.25
CA ALA E 113 2.43 24.73 -9.04
C ALA E 113 1.72 26.04 -8.71
N LYS E 114 2.49 27.12 -8.62
CA LYS E 114 1.92 28.43 -8.31
C LYS E 114 0.83 28.82 -9.30
N GLU E 115 1.05 28.55 -10.58
CA GLU E 115 0.04 28.92 -11.56
C GLU E 115 -1.23 28.13 -11.30
N ALA E 116 -1.09 26.84 -11.07
CA ALA E 116 -2.22 25.96 -10.82
C ALA E 116 -3.05 26.44 -9.65
N ALA E 117 -2.39 26.72 -8.53
CA ALA E 117 -3.09 27.15 -7.33
C ALA E 117 -3.67 28.56 -7.49
N GLU E 118 -3.04 29.39 -8.31
CA GLU E 118 -3.55 30.74 -8.53
C GLU E 118 -4.96 30.65 -9.11
N LYS E 119 -5.20 29.69 -9.99
CA LYS E 119 -6.54 29.52 -10.55
C LYS E 119 -7.45 28.99 -9.44
N ALA E 120 -6.93 28.06 -8.64
CA ALA E 120 -7.70 27.47 -7.55
C ALA E 120 -8.09 28.53 -6.53
N ILE E 121 -7.12 29.33 -6.11
CA ILE E 121 -7.37 30.36 -5.12
C ILE E 121 -8.36 31.40 -5.61
N GLN E 122 -8.37 31.62 -6.92
CA GLN E 122 -9.28 32.58 -7.53
C GLN E 122 -10.68 32.02 -7.52
N GLU E 123 -10.84 30.79 -7.98
CA GLU E 123 -12.15 30.15 -7.99
C GLU E 123 -12.68 30.17 -6.58
N TRP E 124 -11.81 29.86 -5.63
CA TRP E 124 -12.20 29.84 -4.23
C TRP E 124 -12.79 31.19 -3.86
N GLY E 125 -12.09 32.25 -4.25
CA GLY E 125 -12.57 33.59 -3.97
C GLY E 125 -12.43 34.00 -2.52
N GLN E 126 -11.34 33.63 -1.88
CA GLN E 126 -11.11 33.98 -0.49
C GLN E 126 -9.68 34.47 -0.33
N SER E 127 -9.36 34.98 0.86
CA SER E 127 -8.02 35.49 1.12
C SER E 127 -7.04 34.35 1.34
N LYS E 128 -5.92 34.38 0.61
CA LYS E 128 -4.92 33.34 0.74
C LYS E 128 -4.38 33.19 2.15
N SER E 129 -4.66 34.17 3.00
CA SER E 129 -4.19 34.11 4.38
C SER E 129 -5.13 33.20 5.17
N GLY E 130 -6.22 32.81 4.50
CA GLY E 130 -7.18 31.92 5.11
C GLY E 130 -6.71 30.48 5.04
N ILE E 131 -5.83 30.21 4.07
CA ILE E 131 -5.27 28.87 3.86
C ILE E 131 -4.38 28.50 5.05
N THR E 132 -4.80 27.48 5.77
CA THR E 132 -4.10 26.98 6.94
C THR E 132 -3.10 25.87 6.68
N HIS E 133 -3.33 25.06 5.63
CA HIS E 133 -2.43 23.95 5.31
C HIS E 133 -2.10 23.83 3.82
N LEU E 134 -0.89 23.36 3.53
CA LEU E 134 -0.47 23.18 2.15
C LEU E 134 0.12 21.77 1.97
N ILE E 135 -0.49 20.97 1.10
CA ILE E 135 0.01 19.63 0.82
C ILE E 135 0.53 19.69 -0.59
N PHE E 136 1.83 19.45 -0.74
CA PHE E 136 2.46 19.51 -2.04
C PHE E 136 3.01 18.16 -2.48
N CYS E 137 2.62 17.73 -3.67
CA CYS E 137 3.07 16.45 -4.20
C CYS E 137 3.73 16.57 -5.58
N SER E 138 4.82 15.85 -5.76
CA SER E 138 5.56 15.84 -7.02
C SER E 138 6.44 14.59 -6.99
N THR E 139 6.67 13.99 -8.16
CA THR E 139 7.49 12.79 -8.23
C THR E 139 8.77 12.95 -7.41
N THR E 140 9.47 14.06 -7.60
CA THR E 140 10.69 14.32 -6.83
C THR E 140 10.86 15.79 -6.52
N THR E 141 11.71 16.05 -5.55
CA THR E 141 12.01 17.42 -5.17
C THR E 141 13.54 17.44 -5.17
N PRO E 142 14.13 18.51 -5.72
CA PRO E 142 15.58 18.70 -5.81
C PRO E 142 16.38 18.97 -4.54
N ASP E 143 15.84 19.80 -3.65
CA ASP E 143 16.59 20.14 -2.45
C ASP E 143 15.82 20.10 -1.15
N LEU E 144 16.41 20.77 -0.16
CA LEU E 144 15.84 20.94 1.18
C LEU E 144 16.09 22.42 1.46
N PRO E 145 15.03 23.19 1.73
CA PRO E 145 13.63 22.75 1.77
C PRO E 145 13.14 22.19 0.44
N GLY E 146 12.15 21.29 0.50
CA GLY E 146 11.59 20.71 -0.71
C GLY E 146 10.72 21.71 -1.44
N ALA E 147 10.01 21.26 -2.48
CA ALA E 147 9.15 22.13 -3.27
C ALA E 147 7.97 22.73 -2.48
N ASP E 148 7.55 22.04 -1.44
CA ASP E 148 6.42 22.53 -0.63
C ASP E 148 6.73 23.92 -0.09
N PHE E 149 7.93 24.08 0.45
CA PHE E 149 8.35 25.37 0.99
C PHE E 149 8.48 26.39 -0.13
N GLU E 150 9.10 25.97 -1.22
CA GLU E 150 9.33 26.83 -2.36
C GLU E 150 8.04 27.41 -2.95
N VAL E 151 6.99 26.59 -3.00
CA VAL E 151 5.71 27.01 -3.55
C VAL E 151 5.00 27.99 -2.63
N ALA E 152 5.16 27.79 -1.33
CA ALA E 152 4.54 28.65 -0.33
C ALA E 152 5.09 30.06 -0.42
N LYS E 153 6.36 30.18 -0.78
CA LYS E 153 6.98 31.49 -0.91
C LYS E 153 6.40 32.20 -2.13
N LEU E 154 6.49 31.53 -3.28
CA LEU E 154 5.98 32.09 -4.54
C LEU E 154 4.54 32.56 -4.36
N LEU E 155 3.77 31.81 -3.59
CA LEU E 155 2.37 32.13 -3.35
C LEU E 155 2.16 33.17 -2.28
N GLY E 156 3.24 33.50 -1.57
CA GLY E 156 3.16 34.49 -0.51
C GLY E 156 2.23 34.05 0.61
N LEU E 157 2.18 32.75 0.84
CA LEU E 157 1.33 32.18 1.89
C LEU E 157 1.82 32.62 3.26
N HIS E 158 0.95 32.56 4.25
CA HIS E 158 1.33 32.94 5.62
C HIS E 158 2.48 32.05 6.11
N PRO E 159 3.49 32.63 6.76
CA PRO E 159 4.64 31.85 7.25
C PRO E 159 4.28 30.72 8.20
N SER E 160 3.09 30.78 8.78
CA SER E 160 2.62 29.76 9.70
C SER E 160 1.80 28.65 9.04
N VAL E 161 1.77 28.64 7.70
CA VAL E 161 1.04 27.60 6.98
C VAL E 161 1.71 26.27 7.28
N LYS E 162 0.93 25.27 7.68
CA LYS E 162 1.50 23.98 7.97
C LYS E 162 1.68 23.21 6.67
N ARG E 163 2.93 23.02 6.27
CA ARG E 163 3.28 22.33 5.03
C ARG E 163 3.66 20.86 5.19
N VAL E 164 3.46 20.10 4.11
CA VAL E 164 3.76 18.68 4.05
C VAL E 164 3.96 18.33 2.58
N GLY E 165 5.17 17.87 2.24
CA GLY E 165 5.44 17.50 0.88
C GLY E 165 5.42 15.99 0.77
N VAL E 166 4.82 15.47 -0.29
CA VAL E 166 4.79 14.03 -0.49
C VAL E 166 5.54 13.75 -1.80
N PHE E 167 6.83 13.51 -1.63
CA PHE E 167 7.74 13.28 -2.74
C PHE E 167 8.07 11.81 -2.96
N GLN E 168 8.33 11.46 -4.22
CA GLN E 168 8.67 10.09 -4.63
C GLN E 168 7.66 9.03 -4.20
N HIS E 169 6.39 9.35 -4.36
CA HIS E 169 5.32 8.41 -4.04
C HIS E 169 4.92 7.71 -5.33
N GLY E 170 4.83 8.48 -6.40
CA GLY E 170 4.46 7.88 -7.67
C GLY E 170 3.05 8.23 -8.08
N CYS E 171 2.63 7.66 -9.20
CA CYS E 171 1.31 7.88 -9.79
C CYS E 171 0.10 7.73 -8.86
N PHE E 172 0.23 7.03 -7.73
CA PHE E 172 -0.92 6.89 -6.85
C PHE E 172 -1.07 8.06 -5.89
N ALA E 173 -0.27 9.09 -6.10
CA ALA E 173 -0.31 10.29 -5.26
C ALA E 173 -1.60 11.10 -5.31
N GLY E 174 -2.25 11.12 -6.46
CA GLY E 174 -3.49 11.89 -6.58
C GLY E 174 -4.50 11.49 -5.53
N GLY E 175 -4.43 10.24 -5.10
CA GLY E 175 -5.37 9.78 -4.11
C GLY E 175 -4.86 10.03 -2.72
N THR E 176 -3.66 9.55 -2.44
CA THR E 176 -3.07 9.73 -1.12
C THR E 176 -3.10 11.20 -0.72
N VAL E 177 -3.06 12.09 -1.70
CA VAL E 177 -3.07 13.51 -1.43
C VAL E 177 -4.43 13.96 -0.87
N LEU E 178 -5.51 13.35 -1.37
CA LEU E 178 -6.86 13.66 -0.90
C LEU E 178 -7.11 12.99 0.45
N ARG E 179 -6.47 11.85 0.64
CA ARG E 179 -6.58 11.10 1.88
C ARG E 179 -6.02 11.96 3.02
N MET E 180 -5.00 12.75 2.71
CA MET E 180 -4.36 13.63 3.69
C MET E 180 -5.22 14.86 3.94
N ALA E 181 -5.61 15.53 2.87
CA ALA E 181 -6.47 16.72 2.96
C ALA E 181 -7.68 16.43 3.86
N LYS E 182 -8.28 15.27 3.63
CA LYS E 182 -9.44 14.84 4.39
C LYS E 182 -9.22 14.91 5.90
N ASP E 183 -8.19 14.23 6.40
CA ASP E 183 -7.92 14.26 7.84
C ASP E 183 -7.47 15.62 8.32
N LEU E 184 -6.87 16.41 7.44
CA LEU E 184 -6.41 17.73 7.85
C LEU E 184 -7.55 18.74 7.98
N ALA E 185 -8.47 18.70 7.02
CA ALA E 185 -9.60 19.61 7.02
C ALA E 185 -10.67 19.26 8.05
N GLU E 186 -10.90 17.97 8.29
CA GLU E 186 -11.92 17.55 9.23
C GLU E 186 -11.50 17.66 10.70
N ASN E 187 -10.22 17.50 10.99
CA ASN E 187 -9.77 17.58 12.37
C ASN E 187 -9.37 18.98 12.80
N ASN E 188 -9.57 19.94 11.90
CA ASN E 188 -9.21 21.31 12.24
C ASN E 188 -10.28 22.30 11.81
N ARG E 189 -11.09 22.73 12.80
CA ARG E 189 -12.17 23.68 12.54
C ARG E 189 -11.66 24.94 11.87
N GLY E 190 -12.12 25.17 10.66
CA GLY E 190 -11.73 26.37 9.93
C GLY E 190 -10.62 26.13 8.93
N ALA E 191 -9.88 25.04 9.11
CA ALA E 191 -8.76 24.73 8.22
C ALA E 191 -9.11 24.77 6.74
N ARG E 192 -8.24 25.36 5.95
CA ARG E 192 -8.43 25.45 4.51
C ARG E 192 -7.13 24.96 3.87
N VAL E 193 -7.20 23.75 3.31
CA VAL E 193 -6.06 23.12 2.69
C VAL E 193 -5.87 23.37 1.21
N LEU E 194 -4.65 23.80 0.86
CA LEU E 194 -4.26 24.03 -0.51
C LEU E 194 -3.44 22.83 -0.94
N VAL E 195 -4.08 21.95 -1.70
CA VAL E 195 -3.46 20.74 -2.22
C VAL E 195 -2.90 20.94 -3.61
N ILE E 196 -1.61 20.69 -3.80
CA ILE E 196 -0.98 20.85 -5.09
C ILE E 196 -0.19 19.63 -5.57
N CYS E 197 -0.37 19.28 -6.85
CA CYS E 197 0.35 18.17 -7.47
C CYS E 197 0.98 18.73 -8.74
N SER E 198 2.31 18.83 -8.77
CA SER E 198 3.00 19.36 -9.95
C SER E 198 3.92 18.26 -10.47
N GLU E 199 3.97 18.11 -11.80
CA GLU E 199 4.80 17.08 -12.44
C GLU E 199 5.40 17.52 -13.77
N THR E 200 6.62 17.06 -14.06
CA THR E 200 7.32 17.39 -15.31
C THR E 200 8.29 16.26 -15.67
N THR E 201 8.28 15.86 -16.95
CA THR E 201 9.13 14.78 -17.40
C THR E 201 10.60 15.16 -17.53
N ALA E 202 10.94 16.37 -17.11
CA ALA E 202 12.32 16.85 -17.17
C ALA E 202 13.16 16.02 -16.22
N VAL E 203 12.49 15.15 -15.48
CA VAL E 203 13.14 14.27 -14.53
C VAL E 203 13.11 12.86 -15.05
N THR E 204 12.18 12.61 -15.97
CA THR E 204 11.97 11.29 -16.56
C THR E 204 12.64 11.13 -17.91
N PHE E 205 12.39 12.09 -18.79
CA PHE E 205 12.92 12.07 -20.14
C PHE E 205 14.35 11.58 -20.30
N ARG E 206 14.55 10.75 -21.32
CA ARG E 206 15.84 10.17 -21.67
C ARG E 206 15.71 9.36 -22.99
N GLY E 207 16.84 8.94 -23.54
CA GLY E 207 16.80 8.18 -24.78
C GLY E 207 16.32 6.74 -24.68
N PRO E 208 15.98 6.11 -25.81
CA PRO E 208 15.51 4.72 -25.84
C PRO E 208 16.64 3.71 -25.71
N SER E 209 16.29 2.44 -25.56
CA SER E 209 17.25 1.36 -25.40
C SER E 209 16.60 0.03 -25.72
N GLU E 210 17.13 -0.68 -26.72
CA GLU E 210 16.56 -1.96 -27.11
C GLU E 210 16.41 -2.93 -25.92
N THR E 211 17.18 -2.69 -24.87
CA THR E 211 17.16 -3.53 -23.69
C THR E 211 16.42 -2.96 -22.49
N HIS E 212 15.48 -2.04 -22.74
CA HIS E 212 14.69 -1.41 -21.68
C HIS E 212 13.41 -0.93 -22.30
N LEU E 213 12.74 -1.83 -23.02
CA LEU E 213 11.49 -1.49 -23.69
C LEU E 213 10.42 -1.02 -22.70
N ASP E 214 10.56 -1.47 -21.47
CA ASP E 214 9.65 -1.13 -20.36
C ASP E 214 9.70 0.36 -20.11
N SER E 215 10.91 0.90 -20.12
CA SER E 215 11.14 2.31 -19.89
C SER E 215 10.88 3.09 -21.17
N LEU E 216 10.74 2.38 -22.28
CA LEU E 216 10.47 3.02 -23.57
C LEU E 216 9.02 3.47 -23.58
N VAL E 217 8.12 2.58 -23.18
CA VAL E 217 6.71 2.91 -23.15
C VAL E 217 6.49 4.15 -22.29
N GLY E 218 7.29 4.29 -21.25
CA GLY E 218 7.17 5.44 -20.37
C GLY E 218 7.41 6.77 -21.06
N GLN E 219 8.29 6.79 -22.05
CA GLN E 219 8.61 8.03 -22.75
C GLN E 219 7.48 8.49 -23.66
N ALA E 220 6.50 7.63 -23.89
CA ALA E 220 5.37 8.01 -24.75
C ALA E 220 4.14 8.40 -23.92
N LEU E 221 4.10 7.98 -22.66
CA LEU E 221 2.96 8.27 -21.80
C LEU E 221 2.98 9.51 -20.91
N PHE E 222 4.01 9.66 -20.09
CA PHE E 222 4.11 10.79 -19.17
C PHE E 222 4.06 12.21 -19.74
N GLY E 223 3.41 13.11 -19.01
CA GLY E 223 3.29 14.50 -19.42
C GLY E 223 3.45 15.45 -18.25
N ASP E 224 3.67 16.74 -18.53
CA ASP E 224 3.84 17.75 -17.48
C ASP E 224 2.50 18.35 -17.06
N GLY E 225 2.44 18.88 -15.86
CA GLY E 225 1.20 19.48 -15.39
C GLY E 225 1.05 19.53 -13.88
N ALA E 226 0.23 20.46 -13.42
CA ALA E 226 0.01 20.62 -12.00
C ALA E 226 -1.44 20.92 -11.67
N SER E 227 -1.90 20.32 -10.57
CA SER E 227 -3.25 20.48 -10.07
C SER E 227 -3.25 21.12 -8.69
N ALA E 228 -4.34 21.80 -8.36
CA ALA E 228 -4.47 22.45 -7.07
C ALA E 228 -5.92 22.52 -6.63
N LEU E 229 -6.15 22.13 -5.38
CA LEU E 229 -7.48 22.12 -4.79
C LEU E 229 -7.45 22.90 -3.50
N ILE E 230 -8.63 23.36 -3.08
CA ILE E 230 -8.79 24.06 -1.81
C ILE E 230 -9.81 23.18 -1.08
N VAL E 231 -9.30 22.33 -0.20
CA VAL E 231 -10.14 21.41 0.55
C VAL E 231 -10.54 21.95 1.90
N GLY E 232 -11.80 21.75 2.26
CA GLY E 232 -12.27 22.24 3.55
C GLY E 232 -13.62 21.70 4.00
N ALA E 233 -13.84 21.72 5.32
CA ALA E 233 -15.09 21.26 5.88
C ALA E 233 -15.86 22.47 6.37
N ASP E 234 -17.15 22.30 6.61
CA ASP E 234 -17.99 23.40 7.09
C ASP E 234 -17.88 24.59 6.14
N PRO E 235 -18.16 24.38 4.84
CA PRO E 235 -18.08 25.45 3.87
C PRO E 235 -19.02 26.61 4.22
N ILE E 236 -18.47 27.82 4.36
CA ILE E 236 -19.30 28.98 4.66
C ILE E 236 -20.29 29.10 3.51
N PRO E 237 -21.58 28.88 3.79
CA PRO E 237 -22.64 28.96 2.80
C PRO E 237 -22.82 30.35 2.20
N GLN E 238 -23.11 30.37 0.90
CA GLN E 238 -23.30 31.62 0.16
C GLN E 238 -21.97 32.30 -0.15
N VAL E 239 -20.88 31.71 0.34
CA VAL E 239 -19.56 32.27 0.10
C VAL E 239 -18.63 31.22 -0.52
N GLU E 240 -18.75 29.97 -0.08
CA GLU E 240 -17.91 28.91 -0.63
C GLU E 240 -18.79 27.86 -1.30
N LYS E 241 -18.26 27.21 -2.33
CA LYS E 241 -19.02 26.18 -3.01
C LYS E 241 -18.17 24.94 -3.17
N ALA E 242 -18.71 23.81 -2.73
CA ALA E 242 -18.02 22.55 -2.83
C ALA E 242 -18.52 21.91 -4.11
N CYS E 243 -17.72 21.04 -4.69
CA CYS E 243 -18.13 20.34 -5.90
C CYS E 243 -18.00 18.84 -5.68
N PHE E 244 -17.34 18.49 -4.57
CA PHE E 244 -17.12 17.11 -4.19
C PHE E 244 -16.79 17.05 -2.71
N GLU E 245 -17.23 15.99 -2.04
CA GLU E 245 -16.96 15.76 -0.63
C GLU E 245 -16.15 14.47 -0.52
N ILE E 246 -15.07 14.50 0.27
CA ILE E 246 -14.26 13.30 0.47
C ILE E 246 -14.98 12.50 1.57
N VAL E 247 -15.49 11.33 1.21
CA VAL E 247 -16.23 10.52 2.15
C VAL E 247 -15.39 9.55 2.98
N TRP E 248 -14.83 8.57 2.29
CA TRP E 248 -14.03 7.52 2.89
C TRP E 248 -12.83 7.31 1.99
N THR E 249 -11.73 6.85 2.56
CA THR E 249 -10.52 6.65 1.78
C THR E 249 -9.82 5.35 2.15
N ALA E 250 -9.06 4.80 1.21
CA ALA E 250 -8.32 3.57 1.43
C ALA E 250 -7.14 3.48 0.48
N GLN E 251 -6.13 2.71 0.90
CA GLN E 251 -4.91 2.47 0.11
C GLN E 251 -4.55 1.01 0.31
N THR E 252 -3.97 0.38 -0.70
CA THR E 252 -3.59 -1.01 -0.53
C THR E 252 -2.62 -1.52 -1.58
N VAL E 253 -1.82 -2.51 -1.18
CA VAL E 253 -0.85 -3.12 -2.06
C VAL E 253 -1.45 -4.42 -2.59
N VAL E 254 -1.71 -4.45 -3.88
CA VAL E 254 -2.25 -5.66 -4.47
C VAL E 254 -1.19 -6.75 -4.33
N PRO E 255 -1.62 -7.98 -4.01
CA PRO E 255 -0.73 -9.14 -3.85
C PRO E 255 0.26 -9.32 -5.00
N ASN E 256 1.42 -9.87 -4.68
CA ASN E 256 2.50 -10.11 -5.63
C ASN E 256 2.49 -9.18 -6.83
N SER E 257 3.19 -8.07 -6.68
CA SER E 257 3.31 -7.07 -7.72
C SER E 257 4.58 -6.28 -7.44
N GLU E 258 5.47 -6.90 -6.68
CA GLU E 258 6.75 -6.29 -6.33
C GLU E 258 7.50 -5.90 -7.59
N GLY E 259 7.55 -4.59 -7.85
CA GLY E 259 8.26 -4.10 -9.02
C GLY E 259 7.40 -3.77 -10.22
N ALA E 260 6.18 -4.30 -10.27
CA ALA E 260 5.28 -4.02 -11.38
C ALA E 260 5.43 -2.56 -11.81
N ILE E 261 5.63 -1.69 -10.82
CA ILE E 261 5.83 -0.26 -11.04
C ILE E 261 6.85 0.25 -10.01
N GLY E 262 7.87 0.93 -10.50
CA GLY E 262 8.91 1.46 -9.61
C GLY E 262 9.77 2.52 -10.29
N GLY E 263 10.91 2.83 -9.67
CA GLY E 263 11.81 3.84 -10.24
C GLY E 263 13.01 4.11 -9.35
N LYS E 264 14.04 4.78 -9.90
CA LYS E 264 15.25 5.10 -9.13
C LYS E 264 15.85 6.46 -9.41
N VAL E 265 16.29 7.11 -8.34
CA VAL E 265 16.93 8.42 -8.40
C VAL E 265 18.44 8.18 -8.38
N ARG E 266 19.02 8.13 -9.57
CA ARG E 266 20.44 7.90 -9.73
C ARG E 266 21.15 9.09 -10.35
N GLU E 267 22.45 8.91 -10.63
CA GLU E 267 23.26 9.96 -11.23
C GLU E 267 22.79 10.31 -12.64
N VAL E 268 22.04 9.39 -13.25
CA VAL E 268 21.52 9.58 -14.59
C VAL E 268 20.11 10.13 -14.52
N GLY E 269 19.70 10.57 -13.34
CA GLY E 269 18.35 11.09 -13.17
C GLY E 269 17.38 10.03 -12.64
N LEU E 270 16.08 10.22 -12.89
CA LEU E 270 15.10 9.25 -12.41
C LEU E 270 14.75 8.22 -13.47
N THR E 271 15.14 6.97 -13.25
CA THR E 271 14.80 5.94 -14.22
C THR E 271 13.44 5.36 -13.85
N PHE E 272 12.68 4.93 -14.85
CA PHE E 272 11.35 4.39 -14.65
C PHE E 272 11.24 2.89 -15.01
N GLN E 273 10.76 2.08 -14.07
CA GLN E 273 10.60 0.64 -14.30
C GLN E 273 9.12 0.36 -14.45
N LEU E 274 8.77 -0.66 -15.23
CA LEU E 274 7.35 -0.98 -15.44
C LEU E 274 7.10 -2.37 -16.05
N LYS E 275 6.23 -3.14 -15.41
CA LYS E 275 5.88 -4.48 -15.91
C LYS E 275 4.59 -4.43 -16.73
N GLY E 276 4.45 -5.35 -17.67
CA GLY E 276 3.25 -5.40 -18.48
C GLY E 276 2.11 -6.08 -17.76
N ALA E 277 2.43 -6.65 -16.59
CA ALA E 277 1.45 -7.35 -15.78
C ALA E 277 0.57 -6.37 -15.00
N VAL E 278 0.90 -5.09 -15.05
CA VAL E 278 0.14 -4.07 -14.34
C VAL E 278 -1.34 -4.07 -14.71
N PRO E 279 -1.67 -4.03 -16.01
CA PRO E 279 -3.08 -4.02 -16.38
C PRO E 279 -3.77 -5.25 -15.81
N ASP E 280 -3.09 -6.38 -15.82
CA ASP E 280 -3.65 -7.62 -15.31
C ASP E 280 -3.61 -7.67 -13.79
N LEU E 281 -2.69 -6.93 -13.17
CA LEU E 281 -2.58 -6.92 -11.73
C LEU E 281 -3.69 -6.11 -11.06
N ILE E 282 -4.03 -4.96 -11.64
CA ILE E 282 -5.07 -4.11 -11.05
C ILE E 282 -6.49 -4.53 -11.44
N SER E 283 -6.63 -5.35 -12.48
CA SER E 283 -7.97 -5.79 -12.90
C SER E 283 -8.44 -6.96 -12.07
N ALA E 284 -7.51 -7.65 -11.42
CA ALA E 284 -7.87 -8.79 -10.58
C ALA E 284 -7.96 -8.34 -9.14
N ASN E 285 -7.93 -7.04 -8.90
CA ASN E 285 -8.00 -6.54 -7.53
C ASN E 285 -8.99 -5.39 -7.30
N ILE E 286 -9.25 -4.62 -8.34
CA ILE E 286 -10.16 -3.49 -8.21
C ILE E 286 -11.50 -3.96 -7.66
N GLU E 287 -11.93 -5.14 -8.08
CA GLU E 287 -13.19 -5.71 -7.63
C GLU E 287 -13.25 -5.69 -6.11
N ASN E 288 -12.13 -5.95 -5.45
CA ASN E 288 -12.10 -5.94 -3.99
C ASN E 288 -12.20 -4.49 -3.49
N CYS E 289 -11.43 -3.60 -4.11
CA CYS E 289 -11.40 -2.20 -3.74
C CYS E 289 -12.78 -1.55 -3.83
N MET E 290 -13.60 -2.03 -4.74
CA MET E 290 -14.94 -1.48 -4.89
C MET E 290 -15.86 -2.02 -3.80
N VAL E 291 -15.82 -3.33 -3.59
CA VAL E 291 -16.66 -3.95 -2.57
C VAL E 291 -16.33 -3.47 -1.16
N GLU E 292 -15.05 -3.50 -0.81
CA GLU E 292 -14.61 -3.07 0.52
C GLU E 292 -14.95 -1.60 0.77
N ALA E 293 -15.17 -0.85 -0.31
CA ALA E 293 -15.47 0.58 -0.24
C ALA E 293 -16.94 0.96 -0.27
N PHE E 294 -17.71 0.30 -1.12
CA PHE E 294 -19.13 0.63 -1.26
C PHE E 294 -20.07 -0.34 -0.62
N SER E 295 -19.54 -1.43 -0.06
CA SER E 295 -20.39 -2.40 0.61
C SER E 295 -21.22 -1.65 1.66
N GLN E 296 -20.51 -0.94 2.53
CA GLN E 296 -21.09 -0.17 3.61
C GLN E 296 -22.18 0.82 3.20
N PHE E 297 -22.12 1.33 1.97
CA PHE E 297 -23.13 2.29 1.51
C PHE E 297 -24.27 1.59 0.77
N LYS E 298 -24.25 0.27 0.77
CA LYS E 298 -25.29 -0.53 0.09
C LYS E 298 -25.30 -0.27 -1.42
N ILE E 299 -24.10 -0.18 -2.00
CA ILE E 299 -23.95 0.04 -3.44
C ILE E 299 -23.35 -1.21 -4.08
N SER E 300 -23.99 -1.73 -5.13
CA SER E 300 -23.50 -2.94 -5.80
C SER E 300 -23.18 -2.70 -7.27
N ASP E 301 -24.08 -2.03 -7.96
CA ASP E 301 -23.88 -1.74 -9.38
C ASP E 301 -22.91 -0.59 -9.52
N TRP E 302 -21.70 -0.91 -9.96
CA TRP E 302 -20.65 0.06 -10.14
C TRP E 302 -21.05 1.16 -11.13
N ASN E 303 -22.19 0.98 -11.77
CA ASN E 303 -22.67 1.96 -12.72
C ASN E 303 -23.63 2.95 -12.10
N LYS E 304 -23.74 2.88 -10.77
CA LYS E 304 -24.60 3.78 -10.00
C LYS E 304 -23.72 4.89 -9.41
N LEU E 305 -22.44 4.84 -9.75
CA LEU E 305 -21.47 5.82 -9.26
C LEU E 305 -20.70 6.39 -10.44
N PHE E 306 -20.13 7.58 -10.27
CA PHE E 306 -19.32 8.18 -11.32
C PHE E 306 -17.88 7.77 -11.08
N TRP E 307 -17.09 7.76 -12.14
CA TRP E 307 -15.70 7.33 -12.05
C TRP E 307 -14.62 8.34 -12.41
N VAL E 308 -13.48 8.15 -11.74
CA VAL E 308 -12.27 8.93 -11.92
C VAL E 308 -11.19 7.89 -11.72
N VAL E 309 -10.52 7.50 -12.80
CA VAL E 309 -9.48 6.49 -12.76
C VAL E 309 -8.16 7.09 -13.26
N HIS E 310 -7.08 6.88 -12.51
CA HIS E 310 -5.77 7.39 -12.89
C HIS E 310 -5.40 6.81 -14.25
N PRO E 311 -5.32 7.66 -15.29
CA PRO E 311 -4.99 7.24 -16.65
C PRO E 311 -3.57 6.71 -16.88
N GLY E 312 -3.21 5.62 -16.22
CA GLY E 312 -1.88 5.07 -16.37
C GLY E 312 -1.53 4.62 -17.79
N GLY E 313 -2.56 4.38 -18.59
CA GLY E 313 -2.38 3.95 -19.96
C GLY E 313 -3.70 3.38 -20.42
N ARG E 314 -3.88 3.15 -21.72
CA ARG E 314 -5.13 2.60 -22.22
C ARG E 314 -5.44 1.19 -21.73
N ALA E 315 -4.42 0.36 -21.56
CA ALA E 315 -4.66 -1.01 -21.11
C ALA E 315 -5.46 -0.97 -19.82
N ILE E 316 -4.80 -0.59 -18.72
CA ILE E 316 -5.42 -0.51 -17.39
C ILE E 316 -6.90 -0.10 -17.47
N LEU E 317 -7.19 0.97 -18.19
CA LEU E 317 -8.57 1.43 -18.32
C LEU E 317 -9.45 0.38 -18.99
N ASP E 318 -9.07 -0.01 -20.20
CA ASP E 318 -9.81 -1.02 -20.95
C ASP E 318 -10.07 -2.25 -20.08
N ARG E 319 -9.05 -2.72 -19.38
CA ARG E 319 -9.21 -3.88 -18.51
C ARG E 319 -10.18 -3.54 -17.40
N VAL E 320 -9.99 -2.39 -16.77
CA VAL E 320 -10.86 -1.93 -15.69
C VAL E 320 -12.30 -1.93 -16.18
N GLU E 321 -12.53 -1.18 -17.25
CA GLU E 321 -13.85 -1.04 -17.86
C GLU E 321 -14.54 -2.37 -18.12
N ALA E 322 -13.77 -3.45 -18.22
CA ALA E 322 -14.31 -4.78 -18.49
C ALA E 322 -14.54 -5.66 -17.25
N LYS E 323 -13.54 -5.76 -16.39
CA LYS E 323 -13.68 -6.59 -15.20
C LYS E 323 -14.90 -6.18 -14.37
N LEU E 324 -15.26 -4.90 -14.48
CA LEU E 324 -16.41 -4.37 -13.76
C LEU E 324 -17.44 -3.94 -14.80
N ASN E 325 -17.24 -4.42 -16.03
CA ASN E 325 -18.10 -4.11 -17.17
C ASN E 325 -18.90 -2.83 -16.97
N LEU E 326 -18.19 -1.72 -17.04
CA LEU E 326 -18.81 -0.41 -16.87
C LEU E 326 -19.35 0.06 -18.22
N ASP E 327 -20.26 1.02 -18.17
CA ASP E 327 -20.84 1.56 -19.40
C ASP E 327 -19.79 2.45 -20.05
N PRO E 328 -19.73 2.47 -21.39
CA PRO E 328 -18.75 3.30 -22.08
C PRO E 328 -18.85 4.77 -21.67
N THR E 329 -19.82 5.07 -20.82
CA THR E 329 -20.05 6.41 -20.31
C THR E 329 -19.12 6.73 -19.13
N LYS E 330 -19.14 5.83 -18.14
CA LYS E 330 -18.35 5.98 -16.91
C LYS E 330 -16.94 6.55 -17.04
N LEU E 331 -16.27 6.28 -18.15
CA LEU E 331 -14.88 6.73 -18.33
C LEU E 331 -14.59 7.88 -19.29
N ILE E 332 -15.62 8.58 -19.77
CA ILE E 332 -15.36 9.67 -20.69
C ILE E 332 -14.45 10.77 -20.08
N PRO E 333 -14.65 11.12 -18.81
CA PRO E 333 -13.79 12.16 -18.23
C PRO E 333 -12.32 11.72 -18.23
N THR E 334 -12.08 10.55 -17.65
CA THR E 334 -10.74 9.99 -17.59
C THR E 334 -10.09 9.99 -18.97
N ARG E 335 -10.57 9.11 -19.85
CA ARG E 335 -10.04 8.98 -21.22
C ARG E 335 -9.85 10.32 -21.90
N HIS E 336 -10.63 11.31 -21.47
CA HIS E 336 -10.53 12.62 -22.06
C HIS E 336 -9.25 13.33 -21.63
N VAL E 337 -8.90 13.18 -20.36
CA VAL E 337 -7.71 13.80 -19.84
C VAL E 337 -6.49 13.08 -20.39
N MET E 338 -6.51 11.76 -20.39
CA MET E 338 -5.34 11.02 -20.88
C MET E 338 -4.96 11.38 -22.31
N SER E 339 -5.97 11.66 -23.14
CA SER E 339 -5.79 12.03 -24.53
C SER E 339 -5.29 13.47 -24.73
N GLU E 340 -5.74 14.39 -23.88
CA GLU E 340 -5.34 15.78 -24.02
C GLU E 340 -4.04 16.16 -23.32
N TYR E 341 -3.77 15.52 -22.19
CA TYR E 341 -2.58 15.81 -21.41
C TYR E 341 -1.63 14.62 -21.34
N GLY E 342 -2.19 13.42 -21.18
CA GLY E 342 -1.38 12.22 -21.08
C GLY E 342 -1.35 11.76 -19.63
N ASN E 343 -0.26 11.13 -19.21
CA ASN E 343 -0.16 10.69 -17.82
C ASN E 343 0.69 11.69 -17.06
N MET E 344 0.03 12.60 -16.35
CA MET E 344 0.73 13.63 -15.57
C MET E 344 0.92 13.16 -14.11
N SER E 345 1.11 11.86 -13.92
CA SER E 345 1.28 11.28 -12.61
C SER E 345 0.16 11.64 -11.62
N SER E 346 0.54 12.21 -10.49
CA SER E 346 -0.42 12.58 -9.44
C SER E 346 -1.47 13.62 -9.81
N ALA E 347 -1.19 14.48 -10.78
CA ALA E 347 -2.15 15.51 -11.15
C ALA E 347 -3.34 14.99 -11.95
N CYS E 348 -3.16 13.90 -12.68
CA CYS E 348 -4.23 13.33 -13.50
C CYS E 348 -5.67 13.33 -12.93
N VAL E 349 -5.87 12.72 -11.77
CA VAL E 349 -7.21 12.62 -11.17
C VAL E 349 -7.86 13.93 -10.79
N HIS E 350 -7.03 14.92 -10.50
CA HIS E 350 -7.58 16.21 -10.13
C HIS E 350 -8.07 16.81 -11.43
N PHE E 351 -7.31 16.58 -12.50
CA PHE E 351 -7.69 17.08 -13.82
C PHE E 351 -9.04 16.48 -14.20
N ILE E 352 -9.19 15.18 -13.91
CA ILE E 352 -10.43 14.48 -14.22
C ILE E 352 -11.56 15.04 -13.37
N LEU E 353 -11.29 15.25 -12.07
CA LEU E 353 -12.31 15.80 -11.19
C LEU E 353 -12.83 17.08 -11.80
N ASP E 354 -11.90 17.96 -12.21
CA ASP E 354 -12.25 19.24 -12.81
C ASP E 354 -13.07 18.95 -14.08
N GLN E 355 -12.54 18.07 -14.91
CA GLN E 355 -13.24 17.70 -16.15
C GLN E 355 -14.66 17.28 -15.78
N THR E 356 -14.75 16.25 -14.94
CA THR E 356 -16.03 15.71 -14.51
C THR E 356 -17.07 16.77 -14.15
N ARG E 357 -16.68 17.72 -13.32
CA ARG E 357 -17.63 18.75 -12.90
C ARG E 357 -17.95 19.71 -14.03
N LYS E 358 -17.00 19.90 -14.94
CA LYS E 358 -17.24 20.78 -16.06
C LYS E 358 -18.24 20.13 -17.01
N ALA E 359 -18.00 18.86 -17.33
CA ALA E 359 -18.87 18.11 -18.22
C ALA E 359 -20.27 18.06 -17.62
N SER E 360 -20.32 17.73 -16.33
CA SER E 360 -21.59 17.64 -15.61
C SER E 360 -22.36 18.96 -15.78
N LEU E 361 -21.64 20.06 -15.63
CA LEU E 361 -22.21 21.40 -15.74
C LEU E 361 -22.70 21.72 -17.15
N GLN E 362 -22.08 21.12 -18.15
CA GLN E 362 -22.48 21.38 -19.53
C GLN E 362 -23.63 20.47 -19.97
N ASN E 363 -23.48 19.17 -19.81
CA ASN E 363 -24.51 18.23 -20.22
C ASN E 363 -25.80 18.37 -19.39
N GLY E 364 -25.83 19.38 -18.53
CA GLY E 364 -27.01 19.63 -17.72
C GLY E 364 -27.33 18.60 -16.67
N CYS E 365 -26.32 18.02 -16.05
CA CYS E 365 -26.55 17.01 -15.02
C CYS E 365 -27.03 17.64 -13.72
N SER E 366 -27.60 16.82 -12.84
CA SER E 366 -28.13 17.27 -11.56
C SER E 366 -27.07 17.37 -10.46
N THR E 367 -25.90 16.78 -10.71
CA THR E 367 -24.81 16.85 -9.76
C THR E 367 -23.48 17.02 -10.50
N THR E 368 -22.43 17.36 -9.75
CA THR E 368 -21.09 17.54 -10.29
C THR E 368 -20.47 16.21 -10.62
N GLY E 369 -21.19 15.15 -10.31
CA GLY E 369 -20.72 13.80 -10.60
C GLY E 369 -21.57 13.23 -11.73
N GLU E 370 -21.96 14.11 -12.64
CA GLU E 370 -22.78 13.75 -13.79
C GLU E 370 -24.11 13.12 -13.38
N GLY E 371 -24.86 13.84 -12.55
CA GLY E 371 -26.16 13.36 -12.11
C GLY E 371 -26.16 12.37 -10.95
N LEU E 372 -25.16 11.49 -10.87
CA LEU E 372 -25.11 10.50 -9.79
C LEU E 372 -24.69 11.10 -8.44
N GLU E 373 -25.02 10.40 -7.36
CA GLU E 373 -24.72 10.85 -6.00
C GLU E 373 -23.29 10.62 -5.51
N MET E 374 -22.88 9.36 -5.49
CA MET E 374 -21.55 9.01 -5.04
C MET E 374 -20.67 8.53 -6.19
N GLY E 375 -19.37 8.72 -6.03
CA GLY E 375 -18.43 8.31 -7.06
C GLY E 375 -17.18 7.71 -6.45
N VAL E 376 -16.25 7.29 -7.31
CA VAL E 376 -15.00 6.70 -6.84
C VAL E 376 -13.78 7.20 -7.62
N LEU E 377 -12.72 7.56 -6.90
CA LEU E 377 -11.49 8.03 -7.50
C LEU E 377 -10.43 6.98 -7.23
N PHE E 378 -9.66 6.66 -8.26
CA PHE E 378 -8.61 5.65 -8.16
C PHE E 378 -7.25 6.14 -8.58
N GLY E 379 -6.25 5.78 -7.77
CA GLY E 379 -4.87 6.13 -8.05
C GLY E 379 -4.05 4.85 -8.06
N PHE E 380 -3.23 4.65 -9.09
CA PHE E 380 -2.40 3.43 -9.17
C PHE E 380 -0.95 3.84 -9.21
N GLY E 381 -0.10 3.14 -8.47
CA GLY E 381 1.31 3.52 -8.46
C GLY E 381 2.30 2.48 -7.99
N PRO E 382 3.60 2.86 -7.87
CA PRO E 382 4.70 2.00 -7.44
C PRO E 382 4.27 1.12 -6.27
N GLY E 383 4.37 -0.20 -6.30
CA GLY E 383 3.96 -0.87 -5.04
C GLY E 383 3.88 -2.37 -5.17
N LEU E 384 2.90 -2.77 -5.98
CA LEU E 384 2.04 -1.79 -6.66
C LEU E 384 0.89 -1.37 -5.69
N THR E 385 0.60 -0.07 -5.68
CA THR E 385 -0.39 0.48 -4.77
C THR E 385 -1.70 0.98 -5.42
N ILE E 386 -2.84 0.65 -4.81
CA ILE E 386 -4.09 1.18 -5.29
C ILE E 386 -4.67 2.08 -4.22
N GLU E 387 -4.92 3.32 -4.61
CA GLU E 387 -5.53 4.29 -3.70
C GLU E 387 -7.01 4.39 -4.06
N THR E 388 -7.88 4.31 -3.05
CA THR E 388 -9.32 4.38 -3.28
C THR E 388 -10.00 5.50 -2.49
N VAL E 389 -10.51 6.48 -3.19
CA VAL E 389 -11.21 7.58 -2.53
C VAL E 389 -12.66 7.59 -2.95
N VAL E 390 -13.56 7.53 -1.98
CA VAL E 390 -14.97 7.57 -2.30
C VAL E 390 -15.45 9.00 -2.16
N LEU E 391 -16.13 9.48 -3.20
CA LEU E 391 -16.63 10.85 -3.23
C LEU E 391 -18.14 10.97 -3.28
N LYS E 392 -18.60 12.16 -2.95
CA LYS E 392 -20.01 12.53 -3.00
C LYS E 392 -20.02 13.77 -3.84
N SER E 393 -20.73 13.75 -4.97
CA SER E 393 -20.81 14.94 -5.81
C SER E 393 -21.70 15.93 -5.09
N VAL E 394 -21.90 17.11 -5.65
CA VAL E 394 -22.79 18.07 -5.01
C VAL E 394 -23.89 18.43 -5.98
N PRO E 395 -25.10 18.65 -5.44
CA PRO E 395 -26.24 19.01 -6.28
C PRO E 395 -26.02 20.31 -7.04
N ILE E 396 -26.31 20.30 -8.34
CA ILE E 396 -26.16 21.51 -9.13
C ILE E 396 -27.47 22.31 -8.96
N GLN E 397 -27.37 23.43 -8.27
CA GLN E 397 -28.54 24.25 -7.99
C GLN E 397 -28.07 25.60 -7.46
N ASP F 9 -27.24 9.97 8.69
CA ASP F 9 -26.54 8.79 8.11
C ASP F 9 -25.17 9.17 7.59
N PHE F 10 -25.12 10.11 6.66
CA PHE F 10 -23.83 10.51 6.14
C PHE F 10 -23.23 11.26 7.30
N GLU F 11 -24.05 12.12 7.89
CA GLU F 11 -23.64 12.89 9.03
C GLU F 11 -23.34 11.89 10.14
N GLY F 12 -24.18 10.87 10.28
CA GLY F 12 -23.92 9.87 11.29
C GLY F 12 -22.61 9.17 10.95
N PHE F 13 -22.39 8.91 9.67
CA PHE F 13 -21.18 8.22 9.24
C PHE F 13 -19.99 9.01 9.74
N ARG F 14 -20.04 10.33 9.56
CA ARG F 14 -18.96 11.22 9.97
C ARG F 14 -18.67 11.08 11.47
N LYS F 15 -19.71 11.03 12.30
CA LYS F 15 -19.50 10.93 13.74
C LYS F 15 -18.88 9.59 14.13
N LEU F 16 -19.33 8.51 13.51
CA LEU F 16 -18.77 7.21 13.85
C LEU F 16 -17.38 7.09 13.25
N GLN F 17 -17.16 7.77 12.14
CA GLN F 17 -15.87 7.73 11.43
C GLN F 17 -14.68 8.28 12.22
N ARG F 18 -14.89 9.37 12.96
CA ARG F 18 -13.82 10.00 13.73
C ARG F 18 -13.65 9.42 15.12
N ALA F 19 -12.57 9.81 15.80
CA ALA F 19 -12.24 9.34 17.14
C ALA F 19 -12.67 10.33 18.24
N ASP F 20 -12.79 9.84 19.47
CA ASP F 20 -13.23 10.71 20.57
C ASP F 20 -12.17 11.60 21.23
N GLY F 21 -11.17 11.01 21.90
CA GLY F 21 -10.18 11.82 22.60
C GLY F 21 -9.03 12.45 21.83
N PHE F 22 -7.93 12.68 22.55
CA PHE F 22 -6.70 13.26 21.98
C PHE F 22 -5.78 12.19 21.44
N ALA F 23 -4.93 12.55 20.49
CA ALA F 23 -3.96 11.62 19.92
C ALA F 23 -2.89 11.39 21.00
N SER F 24 -2.61 10.14 21.31
CA SER F 24 -1.63 9.85 22.35
C SER F 24 -0.50 8.91 21.92
N ILE F 25 0.72 9.23 22.36
CA ILE F 25 1.89 8.40 22.07
C ILE F 25 1.75 7.18 22.99
N LEU F 26 1.42 6.02 22.41
CA LEU F 26 1.23 4.80 23.21
C LEU F 26 2.49 3.96 23.42
N ALA F 27 3.53 4.27 22.68
CA ALA F 27 4.78 3.53 22.79
C ALA F 27 5.83 4.30 22.02
N ILE F 28 7.09 4.02 22.28
CA ILE F 28 8.17 4.69 21.59
C ILE F 28 9.32 3.71 21.39
N GLY F 29 9.65 3.43 20.13
CA GLY F 29 10.73 2.52 19.81
C GLY F 29 11.99 3.28 19.47
N THR F 30 13.14 2.60 19.44
CA THR F 30 14.41 3.25 19.15
C THR F 30 15.51 2.27 18.75
N ALA F 31 16.33 2.69 17.79
CA ALA F 31 17.42 1.85 17.29
C ALA F 31 18.54 2.67 16.65
N ASN F 32 19.71 2.07 16.52
CA ASN F 32 20.87 2.74 15.96
C ASN F 32 21.84 1.74 15.36
N PRO F 33 22.63 2.17 14.37
CA PRO F 33 23.59 1.21 13.81
C PRO F 33 24.40 0.77 15.03
N PRO F 34 24.92 -0.46 15.04
CA PRO F 34 25.71 -0.93 16.19
C PRO F 34 27.08 -0.28 16.37
N ASN F 35 27.58 0.33 15.30
CA ASN F 35 28.89 0.96 15.34
C ASN F 35 28.92 2.35 15.97
N ALA F 36 29.39 2.41 17.21
CA ALA F 36 29.50 3.65 17.96
C ALA F 36 30.78 4.42 17.63
N VAL F 37 30.64 5.65 17.15
CA VAL F 37 31.80 6.44 16.79
C VAL F 37 32.15 7.49 17.84
N ASP F 38 33.21 7.19 18.60
CA ASP F 38 33.72 8.06 19.65
C ASP F 38 34.15 9.38 19.05
N GLN F 39 33.59 10.47 19.56
CA GLN F 39 33.92 11.80 19.04
C GLN F 39 35.36 12.24 19.30
N SER F 40 35.76 12.23 20.57
CA SER F 40 37.12 12.66 20.94
C SER F 40 38.20 12.22 19.96
N THR F 41 38.02 11.08 19.31
CA THR F 41 39.02 10.59 18.37
C THR F 41 38.59 10.55 16.92
N TYR F 42 37.41 11.10 16.64
CA TYR F 42 36.89 11.12 15.28
C TYR F 42 37.74 11.95 14.32
N PRO F 43 38.09 13.20 14.70
CA PRO F 43 38.90 14.05 13.81
C PRO F 43 40.18 13.41 13.25
N ASP F 44 40.93 12.68 14.06
CA ASP F 44 42.15 12.06 13.56
C ASP F 44 41.77 10.99 12.55
N PHE F 45 40.55 10.47 12.69
CA PHE F 45 40.07 9.45 11.79
C PHE F 45 39.45 10.05 10.56
N TYR F 46 38.69 11.12 10.77
CA TYR F 46 38.00 11.80 9.69
C TYR F 46 38.99 12.26 8.63
N PHE F 47 40.04 12.96 9.05
CA PHE F 47 41.02 13.44 8.09
C PHE F 47 41.85 12.30 7.53
N ARG F 48 42.03 11.24 8.33
CA ARG F 48 42.79 10.12 7.84
C ARG F 48 42.02 9.44 6.71
N ILE F 49 40.90 8.84 7.07
CA ILE F 49 40.06 8.11 6.12
C ILE F 49 39.56 8.90 4.91
N THR F 50 39.60 10.23 4.99
CA THR F 50 39.17 11.04 3.88
C THR F 50 40.39 11.50 3.06
N GLY F 51 41.58 11.10 3.52
CA GLY F 51 42.81 11.44 2.82
C GLY F 51 43.31 12.87 2.96
N ASN F 52 42.96 13.53 4.06
CA ASN F 52 43.39 14.91 4.29
C ASN F 52 44.35 15.01 5.49
N GLU F 53 44.96 13.88 5.82
CA GLU F 53 45.91 13.76 6.92
C GLU F 53 46.94 14.89 7.01
N HIS F 54 47.18 15.53 5.87
CA HIS F 54 48.15 16.62 5.77
C HIS F 54 47.58 17.99 6.14
N ASN F 55 46.33 18.22 5.77
CA ASN F 55 45.68 19.51 6.04
C ASN F 55 45.51 19.76 7.53
N THR F 56 46.59 20.23 8.15
CA THR F 56 46.61 20.52 9.58
C THR F 56 45.82 21.77 9.90
N GLU F 57 45.54 22.57 8.88
CA GLU F 57 44.76 23.79 9.06
C GLU F 57 43.31 23.37 9.28
N LEU F 58 42.75 22.68 8.29
CA LEU F 58 41.38 22.19 8.37
C LEU F 58 41.18 21.32 9.61
N LYS F 59 41.99 20.26 9.70
CA LYS F 59 41.90 19.33 10.82
C LYS F 59 41.88 20.06 12.14
N ASP F 60 42.71 21.09 12.25
CA ASP F 60 42.80 21.88 13.46
C ASP F 60 41.45 22.56 13.73
N LYS F 61 40.87 23.14 12.70
CA LYS F 61 39.58 23.83 12.87
C LYS F 61 38.47 22.84 13.18
N PHE F 62 38.59 21.64 12.64
CA PHE F 62 37.60 20.59 12.85
C PHE F 62 37.64 20.05 14.26
N LYS F 63 38.84 19.94 14.83
CA LYS F 63 38.97 19.41 16.19
C LYS F 63 38.31 20.32 17.22
N ARG F 64 38.32 21.63 16.99
CA ARG F 64 37.70 22.55 17.94
C ARG F 64 36.17 22.56 17.76
N ILE F 65 35.69 22.11 16.61
CA ILE F 65 34.24 22.05 16.39
C ILE F 65 33.72 20.80 17.13
N CYS F 66 34.50 19.72 17.04
CA CYS F 66 34.14 18.47 17.70
C CYS F 66 34.20 18.65 19.20
N GLU F 67 35.01 19.61 19.63
CA GLU F 67 35.20 19.92 21.04
C GLU F 67 34.11 20.79 21.63
N ARG F 68 33.60 21.73 20.84
CA ARG F 68 32.55 22.62 21.31
C ARG F 68 31.18 22.02 21.03
N SER F 69 31.15 20.89 20.34
CA SER F 69 29.89 20.22 19.98
C SER F 69 29.13 19.58 21.14
N ALA F 70 29.84 19.21 22.20
CA ALA F 70 29.18 18.60 23.35
C ALA F 70 28.58 17.25 22.97
N ILE F 71 29.17 16.60 21.98
CA ILE F 71 28.73 15.29 21.53
C ILE F 71 29.83 14.30 21.90
N LYS F 72 29.51 13.33 22.73
CA LYS F 72 30.48 12.33 23.15
C LYS F 72 30.62 11.23 22.12
N GLN F 73 29.50 10.83 21.54
CA GLN F 73 29.51 9.76 20.57
C GLN F 73 28.34 9.84 19.61
N ARG F 74 28.44 9.10 18.52
CA ARG F 74 27.40 9.02 17.51
C ARG F 74 27.52 7.64 16.90
N TYR F 75 26.45 7.16 16.29
CA TYR F 75 26.49 5.85 15.66
C TYR F 75 26.44 6.08 14.16
N MET F 76 27.34 5.42 13.44
CA MET F 76 27.40 5.58 11.98
C MET F 76 27.43 4.25 11.26
N TYR F 77 26.48 4.06 10.36
CA TYR F 77 26.39 2.85 9.54
C TYR F 77 27.71 2.69 8.80
N LEU F 78 28.32 3.83 8.48
CA LEU F 78 29.58 3.86 7.77
C LEU F 78 30.75 3.54 8.68
N THR F 79 31.57 2.60 8.23
CA THR F 79 32.76 2.15 8.94
C THR F 79 33.92 2.24 7.97
N GLU F 80 35.15 2.27 8.49
CA GLU F 80 36.33 2.33 7.62
C GLU F 80 36.30 1.21 6.60
N GLU F 81 35.78 0.06 7.00
CA GLU F 81 35.69 -1.09 6.10
C GLU F 81 34.88 -0.65 4.89
N ILE F 82 33.72 -0.06 5.17
CA ILE F 82 32.84 0.39 4.12
C ILE F 82 33.42 1.60 3.41
N LEU F 83 33.96 2.53 4.19
CA LEU F 83 34.52 3.75 3.64
C LEU F 83 35.73 3.47 2.75
N LYS F 84 36.70 2.72 3.25
CA LYS F 84 37.87 2.37 2.46
C LYS F 84 37.35 1.71 1.19
N LYS F 85 36.27 0.95 1.35
CA LYS F 85 35.62 0.22 0.26
C LYS F 85 34.89 1.14 -0.74
N ASN F 86 34.72 2.40 -0.36
CA ASN F 86 34.05 3.40 -1.17
C ASN F 86 34.86 4.69 -1.25
N PRO F 87 35.92 4.71 -2.07
CA PRO F 87 36.78 5.88 -2.22
C PRO F 87 35.96 7.15 -2.46
N ASP F 88 35.02 7.07 -3.40
CA ASP F 88 34.19 8.21 -3.74
C ASP F 88 33.46 8.89 -2.59
N VAL F 89 33.05 8.13 -1.58
CA VAL F 89 32.35 8.70 -0.43
C VAL F 89 33.28 9.60 0.40
N CYS F 90 34.57 9.26 0.39
CA CYS F 90 35.58 10.02 1.13
C CYS F 90 36.05 11.28 0.40
N ALA F 91 35.69 11.40 -0.87
CA ALA F 91 36.07 12.58 -1.64
C ALA F 91 35.18 13.72 -1.20
N PHE F 92 35.32 14.88 -1.84
CA PHE F 92 34.48 16.02 -1.49
C PHE F 92 33.42 16.17 -2.57
N VAL F 93 33.86 16.61 -3.74
CA VAL F 93 32.97 16.80 -4.87
C VAL F 93 33.70 16.41 -6.14
N GLU F 94 35.01 16.20 -6.04
CA GLU F 94 35.80 15.83 -7.20
C GLU F 94 35.27 14.60 -7.93
N VAL F 95 34.51 13.76 -7.23
CA VAL F 95 33.94 12.55 -7.84
C VAL F 95 32.51 12.29 -7.39
N PRO F 96 31.64 11.86 -8.32
CA PRO F 96 30.25 11.57 -8.00
C PRO F 96 30.19 10.33 -7.13
N SER F 97 29.15 10.21 -6.29
CA SER F 97 28.99 9.06 -5.40
C SER F 97 27.55 8.76 -4.97
N LEU F 98 26.58 9.37 -5.64
CA LEU F 98 25.16 9.20 -5.31
C LEU F 98 24.64 7.78 -5.39
N ASP F 99 24.96 7.09 -6.47
CA ASP F 99 24.46 5.73 -6.63
C ASP F 99 24.95 4.80 -5.54
N ALA F 100 26.22 4.94 -5.15
CA ALA F 100 26.77 4.11 -4.10
C ALA F 100 26.04 4.41 -2.81
N ARG F 101 25.82 5.70 -2.57
CA ARG F 101 25.13 6.10 -1.36
C ARG F 101 23.72 5.56 -1.41
N GLN F 102 23.07 5.74 -2.54
CA GLN F 102 21.70 5.28 -2.70
C GLN F 102 21.55 3.78 -2.33
N ALA F 103 22.56 2.98 -2.62
CA ALA F 103 22.48 1.56 -2.28
C ALA F 103 22.60 1.32 -0.78
N MET F 104 23.62 1.89 -0.16
CA MET F 104 23.81 1.72 1.27
C MET F 104 22.49 2.14 1.94
N LEU F 105 21.89 3.18 1.36
CA LEU F 105 20.65 3.75 1.86
C LEU F 105 19.42 2.85 1.73
N ALA F 106 19.22 2.29 0.54
CA ALA F 106 18.06 1.43 0.28
C ALA F 106 18.00 0.26 1.25
N MET F 107 19.09 0.01 1.97
CA MET F 107 19.14 -1.10 2.92
C MET F 107 19.05 -0.67 4.38
N GLU F 108 19.99 0.19 4.79
CA GLU F 108 20.07 0.65 6.17
C GLU F 108 18.88 1.43 6.72
N VAL F 109 18.35 2.38 5.96
CA VAL F 109 17.23 3.18 6.44
C VAL F 109 16.05 2.28 6.83
N PRO F 110 15.68 1.33 5.95
CA PRO F 110 14.57 0.43 6.23
C PRO F 110 14.95 -0.65 7.25
N ARG F 111 16.24 -0.90 7.42
CA ARG F 111 16.73 -1.90 8.38
C ARG F 111 16.58 -1.33 9.79
N LEU F 112 17.18 -0.16 10.01
CA LEU F 112 17.12 0.50 11.30
C LEU F 112 15.68 0.80 11.65
N ALA F 113 14.90 1.16 10.64
CA ALA F 113 13.48 1.47 10.82
C ALA F 113 12.75 0.30 11.45
N LYS F 114 12.85 -0.87 10.82
CA LYS F 114 12.20 -2.06 11.33
C LYS F 114 12.56 -2.26 12.81
N GLU F 115 13.86 -2.28 13.11
CA GLU F 115 14.35 -2.44 14.48
C GLU F 115 13.56 -1.61 15.46
N ALA F 116 13.65 -0.29 15.31
CA ALA F 116 12.94 0.66 16.17
C ALA F 116 11.46 0.32 16.26
N ALA F 117 10.85 0.04 15.11
CA ALA F 117 9.44 -0.29 15.10
C ALA F 117 9.19 -1.49 15.99
N GLU F 118 9.96 -2.55 15.79
CA GLU F 118 9.84 -3.77 16.59
C GLU F 118 9.64 -3.45 18.07
N LYS F 119 10.49 -2.60 18.61
CA LYS F 119 10.40 -2.22 20.01
C LYS F 119 9.11 -1.46 20.30
N ALA F 120 8.75 -0.53 19.42
CA ALA F 120 7.53 0.25 19.60
C ALA F 120 6.34 -0.67 19.74
N ILE F 121 6.27 -1.64 18.84
CA ILE F 121 5.18 -2.60 18.86
C ILE F 121 5.27 -3.50 20.08
N GLN F 122 6.49 -3.94 20.41
CA GLN F 122 6.69 -4.81 21.57
C GLN F 122 6.10 -4.14 22.79
N GLU F 123 6.49 -2.89 23.01
CA GLU F 123 6.01 -2.14 24.16
C GLU F 123 4.49 -2.01 24.08
N TRP F 124 4.02 -1.51 22.94
CA TRP F 124 2.60 -1.31 22.71
C TRP F 124 1.80 -2.48 23.27
N GLY F 125 2.26 -3.70 22.96
CA GLY F 125 1.60 -4.89 23.45
C GLY F 125 0.54 -5.44 22.54
N GLN F 126 0.21 -4.70 21.48
CA GLN F 126 -0.83 -5.13 20.55
C GLN F 126 -0.30 -5.79 19.28
N SER F 127 -1.22 -6.35 18.49
CA SER F 127 -0.87 -7.00 17.24
C SER F 127 -0.54 -5.95 16.18
N LYS F 128 0.41 -6.26 15.31
CA LYS F 128 0.83 -5.35 14.27
C LYS F 128 -0.29 -5.20 13.24
N SER F 129 -1.19 -6.18 13.19
CA SER F 129 -2.30 -6.15 12.26
C SER F 129 -3.26 -5.03 12.67
N GLY F 130 -2.99 -4.43 13.82
CA GLY F 130 -3.82 -3.35 14.31
C GLY F 130 -3.30 -2.00 13.85
N ILE F 131 -2.12 -1.98 13.23
CA ILE F 131 -1.55 -0.74 12.76
C ILE F 131 -2.31 -0.37 11.51
N THR F 132 -3.15 0.66 11.58
CA THR F 132 -3.93 1.03 10.42
C THR F 132 -3.20 2.02 9.53
N HIS F 133 -2.27 2.78 10.11
CA HIS F 133 -1.53 3.79 9.37
C HIS F 133 -0.03 3.70 9.60
N LEU F 134 0.74 4.22 8.66
CA LEU F 134 2.21 4.19 8.77
C LEU F 134 2.78 5.46 8.23
N ILE F 135 3.25 6.33 9.11
CA ILE F 135 3.88 7.57 8.70
C ILE F 135 5.37 7.31 8.76
N PHE F 136 6.06 7.43 7.63
CA PHE F 136 7.49 7.18 7.61
C PHE F 136 8.25 8.42 7.17
N CYS F 137 9.36 8.69 7.83
CA CYS F 137 10.17 9.86 7.54
C CYS F 137 11.67 9.63 7.49
N SER F 138 12.32 10.27 6.52
CA SER F 138 13.75 10.16 6.35
C SER F 138 14.24 11.33 5.53
N THR F 139 15.43 11.81 5.83
CA THR F 139 15.99 12.92 5.08
C THR F 139 15.75 12.78 3.57
N THR F 140 15.93 11.58 3.02
CA THR F 140 15.72 11.31 1.60
C THR F 140 15.37 9.83 1.44
N THR F 141 14.86 9.43 0.28
CA THR F 141 14.55 8.02 0.02
C THR F 141 15.11 7.75 -1.36
N PRO F 142 15.74 6.59 -1.57
CA PRO F 142 16.35 6.23 -2.86
C PRO F 142 15.52 5.91 -4.10
N ASP F 143 14.28 5.48 -3.94
CA ASP F 143 13.49 5.15 -5.11
C ASP F 143 11.99 5.31 -4.97
N LEU F 144 11.30 4.62 -5.88
CA LEU F 144 9.85 4.56 -5.94
C LEU F 144 9.64 3.04 -5.91
N PRO F 145 8.92 2.53 -4.89
CA PRO F 145 8.30 3.25 -3.78
C PRO F 145 9.29 3.74 -2.73
N GLY F 146 8.86 4.71 -1.92
CA GLY F 146 9.73 5.24 -0.89
C GLY F 146 9.90 4.24 0.23
N ALA F 147 10.89 4.47 1.10
CA ALA F 147 11.20 3.59 2.22
C ALA F 147 9.97 3.20 3.05
N ASP F 148 8.96 4.05 3.06
CA ASP F 148 7.73 3.77 3.80
C ASP F 148 7.16 2.42 3.36
N PHE F 149 7.12 2.18 2.05
CA PHE F 149 6.63 0.92 1.52
C PHE F 149 7.58 -0.19 1.96
N GLU F 150 8.87 0.03 1.73
CA GLU F 150 9.87 -0.95 2.10
C GLU F 150 9.81 -1.32 3.58
N VAL F 151 9.39 -0.39 4.42
CA VAL F 151 9.31 -0.65 5.85
C VAL F 151 8.10 -1.50 6.23
N ALA F 152 6.98 -1.28 5.56
CA ALA F 152 5.76 -2.05 5.81
C ALA F 152 6.01 -3.52 5.48
N LYS F 153 6.57 -3.77 4.31
CA LYS F 153 6.84 -5.14 3.89
C LYS F 153 7.72 -5.87 4.90
N LEU F 154 8.88 -5.27 5.22
CA LEU F 154 9.80 -5.86 6.19
C LEU F 154 9.11 -6.21 7.48
N LEU F 155 8.21 -5.33 7.93
CA LEU F 155 7.46 -5.55 9.16
C LEU F 155 6.25 -6.44 8.91
N GLY F 156 5.94 -6.68 7.64
CA GLY F 156 4.81 -7.50 7.28
C GLY F 156 3.49 -6.92 7.78
N LEU F 157 3.32 -5.62 7.61
CA LEU F 157 2.08 -4.98 8.03
C LEU F 157 0.97 -5.35 7.04
N HIS F 158 -0.27 -5.22 7.49
CA HIS F 158 -1.42 -5.53 6.63
C HIS F 158 -1.22 -4.80 5.32
N PRO F 159 -1.49 -5.49 4.18
CA PRO F 159 -1.30 -4.83 2.89
C PRO F 159 -2.12 -3.54 2.75
N SER F 160 -3.13 -3.37 3.60
CA SER F 160 -3.98 -2.19 3.54
C SER F 160 -3.71 -1.15 4.60
N VAL F 161 -2.46 -1.00 5.02
CA VAL F 161 -2.10 0.01 5.99
C VAL F 161 -1.97 1.29 5.16
N LYS F 162 -2.59 2.38 5.63
CA LYS F 162 -2.52 3.65 4.93
C LYS F 162 -1.19 4.28 5.35
N ARG F 163 -0.33 4.54 4.37
CA ARG F 163 0.99 5.08 4.68
C ARG F 163 1.37 6.38 3.99
N VAL F 164 2.13 7.22 4.69
CA VAL F 164 2.59 8.48 4.15
C VAL F 164 4.09 8.61 4.39
N GLY F 165 4.81 8.97 3.34
CA GLY F 165 6.25 9.13 3.43
C GLY F 165 6.62 10.60 3.49
N VAL F 166 7.47 10.95 4.44
CA VAL F 166 7.91 12.33 4.57
C VAL F 166 9.38 12.39 4.20
N PHE F 167 9.66 12.86 3.00
CA PHE F 167 11.03 12.94 2.53
C PHE F 167 11.52 14.35 2.25
N GLN F 168 12.81 14.54 2.47
CA GLN F 168 13.46 15.82 2.26
C GLN F 168 12.79 17.00 2.91
N HIS F 169 12.35 16.82 4.16
CA HIS F 169 11.75 17.90 4.92
C HIS F 169 12.84 18.45 5.84
N GLY F 170 13.72 17.57 6.28
CA GLY F 170 14.80 18.01 7.14
C GLY F 170 14.60 17.80 8.62
N CYS F 171 15.56 18.30 9.39
CA CYS F 171 15.54 18.15 10.83
C CYS F 171 14.19 18.41 11.52
N PHE F 172 13.46 19.44 11.10
CA PHE F 172 12.19 19.75 11.76
C PHE F 172 11.09 18.69 11.59
N ALA F 173 11.38 17.62 10.83
CA ALA F 173 10.39 16.57 10.58
C ALA F 173 9.91 15.79 11.81
N GLY F 174 10.77 15.66 12.83
CA GLY F 174 10.35 14.94 14.01
C GLY F 174 9.09 15.53 14.63
N GLY F 175 8.84 16.79 14.34
CA GLY F 175 7.66 17.43 14.88
C GLY F 175 6.49 17.35 13.92
N THR F 176 6.78 17.49 12.63
CA THR F 176 5.75 17.44 11.59
C THR F 176 5.12 16.06 11.56
N VAL F 177 5.93 15.04 11.85
CA VAL F 177 5.48 13.66 11.86
C VAL F 177 4.41 13.49 12.95
N LEU F 178 4.56 14.18 14.08
CA LEU F 178 3.57 14.13 15.16
C LEU F 178 2.35 14.99 14.78
N ARG F 179 2.60 16.06 14.02
CA ARG F 179 1.54 16.94 13.57
C ARG F 179 0.67 16.18 12.58
N MET F 180 1.29 15.31 11.80
CA MET F 180 0.56 14.50 10.83
C MET F 180 -0.20 13.41 11.57
N ALA F 181 0.48 12.77 12.51
CA ALA F 181 -0.09 11.69 13.33
C ALA F 181 -1.24 12.18 14.21
N LYS F 182 -1.15 13.41 14.69
CA LYS F 182 -2.20 13.97 15.53
C LYS F 182 -3.53 13.96 14.79
N ASP F 183 -3.52 14.40 13.53
CA ASP F 183 -4.74 14.45 12.70
C ASP F 183 -5.22 13.08 12.23
N LEU F 184 -4.30 12.18 11.91
CA LEU F 184 -4.69 10.85 11.45
C LEU F 184 -5.35 10.03 12.57
N ALA F 185 -4.79 10.06 13.78
CA ALA F 185 -5.39 9.28 14.86
C ALA F 185 -6.75 9.79 15.33
N GLU F 186 -6.87 11.10 15.47
CA GLU F 186 -8.10 11.72 15.95
C GLU F 186 -9.26 11.77 14.99
N ASN F 187 -8.99 11.77 13.70
CA ASN F 187 -10.08 11.85 12.74
C ASN F 187 -10.56 10.46 12.30
N ASN F 188 -9.86 9.42 12.79
CA ASN F 188 -10.21 8.04 12.45
C ASN F 188 -10.33 7.22 13.73
N ARG F 189 -11.52 6.70 13.96
CA ARG F 189 -11.81 5.92 15.16
C ARG F 189 -11.01 4.63 15.20
N GLY F 190 -10.47 4.33 16.38
CA GLY F 190 -9.68 3.12 16.53
C GLY F 190 -8.44 3.12 15.67
N ALA F 191 -8.08 4.27 15.11
CA ALA F 191 -6.88 4.34 14.27
C ALA F 191 -5.64 4.21 15.15
N ARG F 192 -4.69 3.40 14.67
CA ARG F 192 -3.43 3.17 15.35
C ARG F 192 -2.28 3.42 14.36
N VAL F 193 -1.62 4.56 14.54
CA VAL F 193 -0.53 5.01 13.66
C VAL F 193 0.88 4.64 14.06
N LEU F 194 1.63 4.05 13.14
CA LEU F 194 3.02 3.72 13.39
C LEU F 194 3.80 4.83 12.72
N VAL F 195 4.54 5.61 13.52
CA VAL F 195 5.32 6.73 13.03
C VAL F 195 6.81 6.43 13.14
N ILE F 196 7.53 6.54 12.03
CA ILE F 196 8.94 6.22 12.02
C ILE F 196 9.81 7.28 11.35
N CYS F 197 11.00 7.46 11.89
CA CYS F 197 11.97 8.40 11.34
C CYS F 197 13.32 7.67 11.33
N SER F 198 13.85 7.42 10.15
CA SER F 198 15.13 6.74 10.06
C SER F 198 16.14 7.54 9.26
N GLU F 199 17.21 7.95 9.93
CA GLU F 199 18.24 8.75 9.30
C GLU F 199 19.59 8.06 9.37
N THR F 200 20.49 8.47 8.49
CA THR F 200 21.84 7.91 8.44
C THR F 200 22.74 8.88 7.67
N THR F 201 23.99 8.97 8.09
CA THR F 201 24.92 9.88 7.44
C THR F 201 25.53 9.33 6.15
N ALA F 202 25.20 8.10 5.80
CA ALA F 202 25.73 7.49 4.58
C ALA F 202 25.51 8.35 3.32
N VAL F 203 24.50 9.22 3.35
CA VAL F 203 24.19 10.08 2.20
C VAL F 203 24.76 11.47 2.43
N THR F 204 25.20 11.73 3.65
CA THR F 204 25.73 13.04 3.98
C THR F 204 27.25 13.09 4.18
N PHE F 205 27.84 11.96 4.55
CA PHE F 205 29.29 11.91 4.77
C PHE F 205 30.14 12.13 3.54
N ARG F 206 31.07 13.07 3.66
CA ARG F 206 32.01 13.38 2.59
C ARG F 206 33.28 14.00 3.21
N GLY F 207 34.30 14.25 2.40
CA GLY F 207 35.51 14.85 2.92
C GLY F 207 35.35 16.32 3.23
N PRO F 208 36.29 16.94 3.95
CA PRO F 208 36.19 18.36 4.27
C PRO F 208 36.57 19.26 3.11
N SER F 209 36.62 20.56 3.36
CA SER F 209 36.95 21.54 2.34
C SER F 209 37.12 22.89 2.99
N GLU F 210 38.33 23.44 2.89
CA GLU F 210 38.61 24.74 3.47
C GLU F 210 37.67 25.81 2.91
N THR F 211 37.07 25.50 1.77
CA THR F 211 36.17 26.43 1.09
C THR F 211 34.72 26.36 1.58
N HIS F 212 34.39 25.32 2.34
CA HIS F 212 33.05 25.19 2.86
C HIS F 212 33.10 24.77 4.32
N LEU F 213 33.46 25.70 5.18
CA LEU F 213 33.55 25.42 6.60
C LEU F 213 32.17 25.03 7.14
N ASP F 214 31.12 25.53 6.51
CA ASP F 214 29.76 25.22 6.94
C ASP F 214 29.47 23.71 6.88
N SER F 215 29.88 23.09 5.78
CA SER F 215 29.71 21.66 5.57
C SER F 215 30.56 20.88 6.56
N LEU F 216 31.66 21.49 6.98
CA LEU F 216 32.56 20.88 7.94
C LEU F 216 31.82 20.62 9.26
N VAL F 217 31.15 21.65 9.76
CA VAL F 217 30.40 21.54 11.02
C VAL F 217 29.43 20.37 10.93
N GLY F 218 28.74 20.27 9.81
CA GLY F 218 27.78 19.20 9.61
C GLY F 218 28.37 17.81 9.82
N GLN F 219 29.62 17.62 9.39
CA GLN F 219 30.28 16.33 9.52
C GLN F 219 30.60 15.99 10.98
N ALA F 220 30.57 16.99 11.85
CA ALA F 220 30.85 16.77 13.28
C ALA F 220 29.59 16.45 14.09
N LEU F 221 28.43 16.93 13.63
CA LEU F 221 27.15 16.75 14.33
C LEU F 221 26.21 15.59 13.98
N PHE F 222 25.87 15.45 12.70
CA PHE F 222 24.97 14.39 12.25
C PHE F 222 25.31 12.96 12.67
N GLY F 223 24.29 12.24 13.10
CA GLY F 223 24.46 10.86 13.54
C GLY F 223 23.35 9.96 13.01
N ASP F 224 23.51 8.65 13.18
CA ASP F 224 22.54 7.68 12.69
C ASP F 224 21.57 7.15 13.73
N GLY F 225 20.38 6.76 13.28
CA GLY F 225 19.40 6.22 14.20
C GLY F 225 17.99 6.23 13.65
N ALA F 226 17.12 5.45 14.28
CA ALA F 226 15.72 5.39 13.89
C ALA F 226 14.84 5.35 15.12
N SER F 227 13.68 5.99 15.04
CA SER F 227 12.75 6.00 16.14
C SER F 227 11.36 5.65 15.62
N ALA F 228 10.51 5.19 16.52
CA ALA F 228 9.16 4.79 16.16
C ALA F 228 8.23 4.96 17.33
N LEU F 229 6.94 4.93 17.02
CA LEU F 229 5.89 5.06 18.01
C LEU F 229 4.53 4.73 17.45
N ILE F 230 3.64 4.41 18.38
CA ILE F 230 2.27 4.08 18.09
C ILE F 230 1.49 5.26 18.63
N VAL F 231 0.72 5.92 17.78
CA VAL F 231 -0.08 7.05 18.20
C VAL F 231 -1.54 6.74 17.98
N GLY F 232 -2.34 6.99 19.02
CA GLY F 232 -3.77 6.71 18.92
C GLY F 232 -4.65 7.42 19.93
N ALA F 233 -5.87 7.76 19.50
CA ALA F 233 -6.82 8.40 20.38
C ALA F 233 -7.67 7.30 20.99
N ASP F 234 -8.35 7.60 22.10
CA ASP F 234 -9.22 6.65 22.78
C ASP F 234 -8.49 5.34 23.16
N PRO F 235 -7.35 5.42 23.84
CA PRO F 235 -6.60 4.22 24.23
C PRO F 235 -7.37 3.25 25.15
N ILE F 236 -7.27 1.95 24.86
CA ILE F 236 -7.94 0.92 25.64
C ILE F 236 -7.37 0.81 27.05
N PRO F 237 -8.17 1.14 28.07
CA PRO F 237 -7.71 1.06 29.46
C PRO F 237 -7.33 -0.36 29.87
N GLN F 238 -6.27 -0.50 30.66
CA GLN F 238 -5.76 -1.79 31.15
C GLN F 238 -5.11 -2.62 30.03
N VAL F 239 -5.24 -2.13 28.80
CA VAL F 239 -4.65 -2.78 27.65
C VAL F 239 -3.53 -1.92 27.07
N GLU F 240 -3.86 -0.67 26.78
CA GLU F 240 -2.89 0.27 26.24
C GLU F 240 -2.58 1.31 27.29
N LYS F 241 -1.48 2.02 27.13
CA LYS F 241 -1.12 3.04 28.08
C LYS F 241 -0.47 4.20 27.37
N ALA F 242 -1.04 5.39 27.54
CA ALA F 242 -0.49 6.58 26.92
C ALA F 242 0.64 7.11 27.80
N CYS F 243 1.60 7.79 27.18
CA CYS F 243 2.69 8.38 27.94
C CYS F 243 2.71 9.87 27.68
N PHE F 244 2.07 10.28 26.57
CA PHE F 244 2.01 11.69 26.17
C PHE F 244 0.82 11.94 25.27
N GLU F 245 0.21 13.11 25.39
CA GLU F 245 -0.91 13.48 24.53
C GLU F 245 -0.47 14.63 23.62
N ILE F 246 -0.74 14.50 22.33
CA ILE F 246 -0.38 15.55 21.35
C ILE F 246 -1.60 16.45 21.24
N VAL F 247 -1.59 17.55 21.99
CA VAL F 247 -2.69 18.48 22.07
C VAL F 247 -2.86 19.53 20.95
N TRP F 248 -1.77 20.19 20.59
CA TRP F 248 -1.83 21.26 19.60
C TRP F 248 -0.49 21.38 18.87
N THR F 249 -0.53 21.76 17.59
CA THR F 249 0.71 21.89 16.84
C THR F 249 0.74 23.14 16.01
N ALA F 250 1.94 23.52 15.58
CA ALA F 250 2.13 24.69 14.75
C ALA F 250 3.44 24.59 13.98
N GLN F 251 3.53 25.34 12.87
CA GLN F 251 4.71 25.37 12.01
C GLN F 251 4.90 26.77 11.44
N THR F 252 6.13 27.29 11.46
CA THR F 252 6.40 28.61 10.92
C THR F 252 7.77 28.77 10.30
N VAL F 253 7.84 29.73 9.38
CA VAL F 253 9.08 30.09 8.70
C VAL F 253 9.53 31.37 9.40
N VAL F 254 10.68 31.28 10.05
CA VAL F 254 11.25 32.41 10.77
C VAL F 254 11.54 33.54 9.79
N PRO F 255 11.33 34.80 10.20
CA PRO F 255 11.60 35.92 9.30
C PRO F 255 13.06 35.88 8.84
N ASN F 256 13.31 36.50 7.69
CA ASN F 256 14.63 36.59 7.09
C ASN F 256 15.59 35.44 7.42
N SER F 257 15.27 34.24 6.95
CA SER F 257 16.13 33.10 7.23
C SER F 257 16.28 32.26 5.96
N GLU F 258 16.10 32.91 4.82
CA GLU F 258 16.24 32.22 3.55
C GLU F 258 17.58 31.52 3.49
N GLY F 259 17.58 30.25 3.12
CA GLY F 259 18.82 29.52 3.00
C GLY F 259 19.62 29.35 4.28
N ALA F 260 19.03 29.74 5.41
CA ALA F 260 19.71 29.61 6.70
C ALA F 260 20.20 28.18 6.89
N ILE F 261 19.35 27.22 6.52
CA ILE F 261 19.69 25.81 6.58
C ILE F 261 19.17 25.20 5.29
N GLY F 262 19.95 24.32 4.68
CA GLY F 262 19.51 23.71 3.45
C GLY F 262 20.38 22.56 2.99
N GLY F 263 20.20 22.17 1.74
CA GLY F 263 20.97 21.09 1.15
C GLY F 263 20.49 20.72 -0.23
N LYS F 264 21.23 19.85 -0.92
CA LYS F 264 20.85 19.44 -2.26
C LYS F 264 21.12 17.97 -2.53
N VAL F 265 20.34 17.40 -3.43
CA VAL F 265 20.52 16.01 -3.80
C VAL F 265 21.12 16.10 -5.19
N ARG F 266 22.44 15.96 -5.25
CA ARG F 266 23.18 16.05 -6.50
C ARG F 266 23.97 14.78 -6.79
N GLU F 267 24.66 14.76 -7.93
CA GLU F 267 25.44 13.57 -8.33
C GLU F 267 26.49 13.13 -7.29
N VAL F 268 26.82 14.00 -6.34
CA VAL F 268 27.80 13.67 -5.31
C VAL F 268 27.08 13.40 -4.00
N GLY F 269 25.77 13.17 -4.07
CA GLY F 269 25.00 12.91 -2.88
C GLY F 269 24.26 14.13 -2.34
N LEU F 270 23.92 14.08 -1.06
CA LEU F 270 23.19 15.17 -0.41
C LEU F 270 24.22 16.10 0.23
N THR F 271 24.41 17.29 -0.34
CA THR F 271 25.34 18.24 0.26
C THR F 271 24.59 18.97 1.36
N PHE F 272 25.32 19.46 2.34
CA PHE F 272 24.75 20.16 3.48
C PHE F 272 25.17 21.65 3.46
N GLN F 273 24.43 22.50 4.16
CA GLN F 273 24.73 23.94 4.22
C GLN F 273 24.01 24.61 5.40
N LEU F 274 24.80 25.25 6.27
CA LEU F 274 24.24 25.90 7.45
C LEU F 274 24.99 27.17 7.83
N LYS F 275 24.24 28.23 8.12
CA LYS F 275 24.82 29.52 8.49
C LYS F 275 24.87 29.69 10.00
N GLY F 276 25.96 30.25 10.51
CA GLY F 276 26.09 30.45 11.94
C GLY F 276 25.00 31.34 12.49
N ALA F 277 24.28 31.98 11.58
CA ALA F 277 23.19 32.87 11.96
C ALA F 277 22.02 32.08 12.54
N VAL F 278 22.10 30.76 12.45
CA VAL F 278 21.05 29.89 12.94
C VAL F 278 20.73 30.09 14.42
N PRO F 279 21.71 29.94 15.32
CA PRO F 279 21.35 30.15 16.73
C PRO F 279 20.64 31.49 16.89
N ASP F 280 21.10 32.51 16.16
CA ASP F 280 20.50 33.83 16.22
C ASP F 280 19.01 33.78 15.93
N LEU F 281 18.67 33.51 14.67
CA LEU F 281 17.29 33.43 14.22
C LEU F 281 16.43 32.58 15.15
N ILE F 282 16.89 31.38 15.46
CA ILE F 282 16.14 30.49 16.35
C ILE F 282 15.90 31.20 17.67
N SER F 283 16.97 31.40 18.44
CA SER F 283 16.86 32.06 19.73
C SER F 283 16.01 33.33 19.64
N ALA F 284 16.06 34.00 18.50
CA ALA F 284 15.29 35.22 18.31
C ALA F 284 14.04 34.95 17.49
N ASN F 285 13.07 34.29 18.12
CA ASN F 285 11.79 33.96 17.49
C ASN F 285 11.05 32.94 18.35
N ILE F 286 11.82 32.06 18.97
CA ILE F 286 11.29 31.01 19.83
C ILE F 286 10.24 31.60 20.77
N GLU F 287 10.56 32.75 21.36
CA GLU F 287 9.64 33.44 22.28
C GLU F 287 8.24 33.54 21.68
N ASN F 288 8.14 33.99 20.43
CA ASN F 288 6.85 34.11 19.77
C ASN F 288 6.06 32.80 19.83
N CYS F 289 6.63 31.74 19.25
CA CYS F 289 6.01 30.41 19.23
C CYS F 289 5.39 30.07 20.57
N MET F 290 6.17 30.15 21.64
CA MET F 290 5.67 29.84 22.97
C MET F 290 4.37 30.59 23.29
N VAL F 291 4.40 31.91 23.21
CA VAL F 291 3.22 32.72 23.52
C VAL F 291 2.02 32.30 22.67
N GLU F 292 2.22 32.14 21.37
CA GLU F 292 1.13 31.77 20.48
C GLU F 292 0.73 30.30 20.59
N ALA F 293 1.32 29.60 21.54
CA ALA F 293 1.02 28.19 21.74
C ALA F 293 0.50 27.94 23.15
N PHE F 294 1.03 28.67 24.11
CA PHE F 294 0.64 28.49 25.50
C PHE F 294 -0.22 29.57 26.15
N SER F 295 -0.31 30.75 25.53
CA SER F 295 -1.14 31.82 26.08
C SER F 295 -2.62 31.39 26.07
N GLN F 296 -2.94 30.45 25.19
CA GLN F 296 -4.29 29.93 25.05
C GLN F 296 -4.61 28.95 26.18
N PHE F 297 -3.57 28.58 26.92
CA PHE F 297 -3.71 27.66 28.05
C PHE F 297 -3.41 28.42 29.34
N LYS F 298 -3.23 29.73 29.21
CA LYS F 298 -2.95 30.60 30.34
C LYS F 298 -1.60 30.38 31.00
N ILE F 299 -0.60 30.01 30.20
CA ILE F 299 0.76 29.77 30.68
C ILE F 299 1.68 30.85 30.11
N SER F 300 2.57 31.39 30.95
CA SER F 300 3.48 32.43 30.51
C SER F 300 4.87 32.17 31.07
N ASP F 301 4.97 31.26 32.03
CA ASP F 301 6.26 30.95 32.63
C ASP F 301 6.74 29.64 32.01
N TRP F 302 7.56 29.78 30.97
CA TRP F 302 8.11 28.67 30.21
C TRP F 302 8.78 27.58 31.04
N ASN F 303 9.01 27.84 32.31
CA ASN F 303 9.63 26.83 33.16
C ASN F 303 8.64 25.84 33.72
N LYS F 304 7.36 26.22 33.71
CA LYS F 304 6.28 25.38 34.22
C LYS F 304 5.91 24.26 33.24
N LEU F 305 6.67 24.14 32.15
CA LEU F 305 6.41 23.12 31.13
C LEU F 305 7.68 22.30 30.93
N PHE F 306 7.54 21.03 30.57
CA PHE F 306 8.74 20.24 30.31
C PHE F 306 9.20 20.55 28.88
N TRP F 307 10.46 20.27 28.59
CA TRP F 307 11.02 20.57 27.27
C TRP F 307 11.53 19.42 26.44
N VAL F 308 11.47 19.64 25.13
CA VAL F 308 11.90 18.70 24.10
C VAL F 308 12.28 19.58 22.91
N VAL F 309 13.57 19.85 22.77
CA VAL F 309 14.05 20.70 21.71
C VAL F 309 15.03 19.94 20.84
N HIS F 310 14.84 19.99 19.52
CA HIS F 310 15.73 19.30 18.59
C HIS F 310 17.16 19.80 18.81
N PRO F 311 18.12 18.87 18.95
CA PRO F 311 19.52 19.23 19.17
C PRO F 311 20.32 19.49 17.91
N GLY F 312 20.08 20.63 17.26
CA GLY F 312 20.81 20.92 16.05
C GLY F 312 22.18 21.51 16.27
N GLY F 313 22.52 21.75 17.53
CA GLY F 313 23.81 22.34 17.86
C GLY F 313 23.83 22.97 19.25
N ARG F 314 24.89 22.72 20.00
CA ARG F 314 25.04 23.24 21.36
C ARG F 314 24.61 24.70 21.53
N ALA F 315 25.09 25.56 20.64
CA ALA F 315 24.79 26.98 20.65
C ALA F 315 23.30 27.28 20.64
N ILE F 316 22.57 26.62 19.74
CA ILE F 316 21.12 26.79 19.65
C ILE F 316 20.53 26.53 21.02
N LEU F 317 20.90 25.41 21.62
CA LEU F 317 20.40 25.04 22.93
C LEU F 317 20.75 26.11 23.96
N ASP F 318 22.03 26.37 24.15
CA ASP F 318 22.48 27.35 25.12
C ASP F 318 21.83 28.70 24.88
N ARG F 319 21.62 29.03 23.61
CA ARG F 319 21.02 30.30 23.23
C ARG F 319 19.56 30.40 23.62
N VAL F 320 18.79 29.38 23.29
CA VAL F 320 17.37 29.39 23.64
C VAL F 320 17.27 29.36 25.16
N GLU F 321 18.07 28.50 25.79
CA GLU F 321 18.07 28.37 27.25
C GLU F 321 18.25 29.74 27.92
N ALA F 322 19.01 30.63 27.29
CA ALA F 322 19.25 31.96 27.84
C ALA F 322 18.19 32.98 27.44
N LYS F 323 17.62 32.84 26.24
CA LYS F 323 16.59 33.76 25.76
C LYS F 323 15.26 33.55 26.48
N LEU F 324 14.97 32.32 26.86
CA LEU F 324 13.73 32.01 27.58
C LEU F 324 14.01 31.84 29.07
N ASN F 325 15.29 31.97 29.42
CA ASN F 325 15.73 31.83 30.79
C ASN F 325 15.26 30.54 31.44
N LEU F 326 15.44 29.43 30.73
CA LEU F 326 15.03 28.15 31.28
C LEU F 326 16.05 27.71 32.30
N ASP F 327 15.58 27.23 33.45
CA ASP F 327 16.52 26.77 34.47
C ASP F 327 17.28 25.58 33.91
N PRO F 328 18.45 25.27 34.47
CA PRO F 328 19.32 24.17 34.02
C PRO F 328 18.70 22.78 33.81
N THR F 329 17.66 22.45 34.56
CA THR F 329 17.04 21.12 34.42
C THR F 329 16.19 20.97 33.16
N LYS F 330 15.85 22.10 32.54
CA LYS F 330 15.02 22.09 31.34
C LYS F 330 15.56 21.26 30.19
N LEU F 331 16.79 21.55 29.75
CA LEU F 331 17.37 20.85 28.61
C LEU F 331 18.24 19.62 28.86
N ILE F 332 18.19 19.05 30.06
CA ILE F 332 18.99 17.86 30.39
C ILE F 332 18.70 16.68 29.44
N PRO F 333 17.42 16.30 29.27
CA PRO F 333 17.08 15.19 28.38
C PRO F 333 17.58 15.43 26.95
N THR F 334 17.32 16.62 26.42
CA THR F 334 17.77 16.99 25.08
C THR F 334 19.27 16.80 24.96
N ARG F 335 20.03 17.57 25.76
CA ARG F 335 21.50 17.50 25.76
C ARG F 335 22.01 16.08 25.97
N HIS F 336 21.32 15.31 26.81
CA HIS F 336 21.71 13.95 27.10
C HIS F 336 21.64 13.08 25.85
N VAL F 337 20.62 13.29 25.04
CA VAL F 337 20.47 12.51 23.82
C VAL F 337 21.49 12.99 22.79
N MET F 338 21.64 14.31 22.66
CA MET F 338 22.59 14.87 21.69
C MET F 338 23.99 14.36 22.00
N SER F 339 24.39 14.50 23.25
CA SER F 339 25.70 14.04 23.70
C SER F 339 25.89 12.54 23.50
N GLU F 340 24.78 11.80 23.44
CA GLU F 340 24.82 10.35 23.29
C GLU F 340 24.59 9.80 21.88
N TYR F 341 23.95 10.59 21.03
CA TYR F 341 23.67 10.16 19.66
C TYR F 341 23.94 11.28 18.68
N GLY F 342 24.23 12.46 19.20
CA GLY F 342 24.49 13.60 18.34
C GLY F 342 23.22 14.09 17.68
N ASN F 343 23.33 14.60 16.47
CA ASN F 343 22.16 15.09 15.76
C ASN F 343 21.70 14.00 14.79
N MET F 344 20.65 13.26 15.15
CA MET F 344 20.13 12.21 14.29
C MET F 344 18.96 12.72 13.44
N SER F 345 18.94 14.03 13.20
CA SER F 345 17.90 14.65 12.38
C SER F 345 16.51 14.48 13.00
N SER F 346 15.50 14.32 12.16
CA SER F 346 14.13 14.17 12.64
C SER F 346 13.98 13.25 13.85
N ALA F 347 14.66 12.10 13.82
CA ALA F 347 14.58 11.13 14.89
C ALA F 347 14.83 11.68 16.30
N CYS F 348 15.84 12.52 16.44
CA CYS F 348 16.21 13.10 17.73
C CYS F 348 15.09 13.38 18.74
N VAL F 349 14.16 14.24 18.36
CA VAL F 349 13.04 14.65 19.22
C VAL F 349 12.30 13.50 19.91
N HIS F 350 12.20 12.38 19.22
CA HIS F 350 11.53 11.19 19.75
C HIS F 350 12.41 10.47 20.75
N PHE F 351 13.72 10.58 20.56
CA PHE F 351 14.67 9.96 21.49
C PHE F 351 14.58 10.69 22.82
N ILE F 352 14.35 12.00 22.73
CA ILE F 352 14.22 12.85 23.90
C ILE F 352 12.89 12.55 24.60
N LEU F 353 11.83 12.37 23.82
CA LEU F 353 10.54 12.06 24.42
C LEU F 353 10.69 10.81 25.27
N ASP F 354 11.40 9.83 24.74
CA ASP F 354 11.62 8.56 25.42
C ASP F 354 12.48 8.79 26.66
N GLN F 355 13.60 9.50 26.48
CA GLN F 355 14.52 9.78 27.58
C GLN F 355 13.84 10.61 28.66
N THR F 356 12.92 11.46 28.25
CA THR F 356 12.19 12.31 29.18
C THR F 356 11.33 11.48 30.10
N ARG F 357 10.62 10.51 29.53
CA ARG F 357 9.76 9.66 30.34
C ARG F 357 10.51 8.57 31.12
N LYS F 358 11.62 8.08 30.59
CA LYS F 358 12.33 7.03 31.30
C LYS F 358 13.04 7.65 32.50
N ALA F 359 13.29 8.96 32.40
CA ALA F 359 13.96 9.73 33.43
C ALA F 359 12.99 10.16 34.52
N SER F 360 11.75 10.41 34.11
CA SER F 360 10.70 10.80 35.02
C SER F 360 10.39 9.59 35.89
N LEU F 361 10.52 8.42 35.30
CA LEU F 361 10.28 7.17 35.98
C LEU F 361 11.37 6.87 37.02
N GLN F 362 12.62 7.21 36.70
CA GLN F 362 13.73 6.97 37.60
C GLN F 362 13.81 7.98 38.74
N ASN F 363 13.41 9.22 38.46
CA ASN F 363 13.44 10.27 39.47
C ASN F 363 12.19 10.35 40.34
N GLY F 364 11.28 9.38 40.17
CA GLY F 364 10.05 9.33 40.94
C GLY F 364 9.05 10.45 40.72
N CYS F 365 9.06 11.04 39.52
CA CYS F 365 8.14 12.13 39.19
C CYS F 365 6.70 11.68 39.13
N SER F 366 5.78 12.65 39.19
CA SER F 366 4.36 12.37 39.17
C SER F 366 3.79 12.20 37.76
N THR F 367 4.50 12.71 36.77
CA THR F 367 4.04 12.55 35.37
C THR F 367 5.20 12.12 34.46
N THR F 368 4.87 11.64 33.28
CA THR F 368 5.88 11.21 32.31
C THR F 368 6.57 12.43 31.73
N GLY F 369 6.24 13.60 32.25
CA GLY F 369 6.85 14.83 31.78
C GLY F 369 7.62 15.46 32.93
N GLU F 370 8.25 14.61 33.73
CA GLU F 370 9.03 15.06 34.87
C GLU F 370 8.18 15.90 35.81
N GLY F 371 7.01 15.37 36.17
CA GLY F 371 6.14 16.08 37.09
C GLY F 371 5.36 17.24 36.52
N LEU F 372 5.70 17.67 35.32
CA LEU F 372 4.96 18.77 34.71
C LEU F 372 3.80 18.23 33.87
N GLU F 373 2.69 18.97 33.87
CA GLU F 373 1.48 18.60 33.13
C GLU F 373 1.59 18.82 31.60
N MET F 374 2.07 19.99 31.20
CA MET F 374 2.21 20.33 29.78
C MET F 374 3.66 20.57 29.39
N GLY F 375 4.01 20.16 28.17
CA GLY F 375 5.35 20.36 27.67
C GLY F 375 5.30 20.86 26.23
N VAL F 376 6.44 21.31 25.71
CA VAL F 376 6.49 21.77 24.32
C VAL F 376 7.65 21.08 23.60
N LEU F 377 7.40 20.73 22.34
CA LEU F 377 8.40 20.07 21.51
C LEU F 377 8.81 21.02 20.38
N PHE F 378 10.10 21.06 20.09
CA PHE F 378 10.63 21.96 19.08
C PHE F 378 11.51 21.32 18.02
N GLY F 379 11.14 21.56 16.76
CA GLY F 379 11.87 21.06 15.62
C GLY F 379 12.38 22.23 14.80
N PHE F 380 13.66 22.21 14.45
CA PHE F 380 14.23 23.28 13.65
C PHE F 380 14.83 22.67 12.40
N GLY F 381 14.73 23.37 11.27
CA GLY F 381 15.29 22.86 10.00
C GLY F 381 15.19 23.76 8.77
N PRO F 382 15.41 23.20 7.57
CA PRO F 382 15.36 23.90 6.28
C PRO F 382 14.21 24.92 6.37
N GLY F 383 14.37 26.22 6.14
CA GLY F 383 13.16 27.03 6.17
C GLY F 383 13.51 28.47 6.01
N LEU F 384 13.99 28.98 7.13
CA LEU F 384 14.12 28.08 8.29
C LEU F 384 12.75 27.80 8.97
N THR F 385 12.43 26.51 9.18
CA THR F 385 11.13 26.15 9.77
C THR F 385 11.19 25.71 11.23
N ILE F 386 10.23 26.19 12.02
CA ILE F 386 10.12 25.81 13.42
C ILE F 386 8.83 25.03 13.55
N GLU F 387 8.91 23.86 14.18
CA GLU F 387 7.73 23.01 14.41
C GLU F 387 7.46 23.07 15.89
N THR F 388 6.25 23.46 16.28
CA THR F 388 5.92 23.57 17.69
C THR F 388 4.84 22.56 17.99
N VAL F 389 5.09 21.75 19.01
CA VAL F 389 4.13 20.74 19.39
C VAL F 389 3.88 20.87 20.88
N VAL F 390 2.63 21.09 21.26
CA VAL F 390 2.30 21.19 22.69
C VAL F 390 1.90 19.81 23.18
N LEU F 391 2.58 19.34 24.22
CA LEU F 391 2.30 18.02 24.78
C LEU F 391 1.65 18.05 26.14
N LYS F 392 0.92 16.99 26.41
CA LYS F 392 0.22 16.79 27.66
C LYS F 392 0.84 15.54 28.24
N SER F 393 1.56 15.67 29.34
CA SER F 393 2.18 14.49 29.95
C SER F 393 1.07 13.61 30.51
N VAL F 394 1.40 12.39 30.91
CA VAL F 394 0.44 11.47 31.49
C VAL F 394 0.91 11.19 32.93
N PRO F 395 0.00 11.29 33.92
CA PRO F 395 0.48 11.03 35.28
C PRO F 395 0.90 9.57 35.43
N ILE F 396 1.97 9.31 36.16
CA ILE F 396 2.39 7.93 36.34
C ILE F 396 1.72 7.44 37.61
N GLN F 397 1.02 6.32 37.49
CA GLN F 397 0.29 5.71 38.59
C GLN F 397 1.19 4.86 39.47
#